data_5A6J
#
_entry.id   5A6J
#
_cell.length_a   92.840
_cell.length_b   136.940
_cell.length_c   202.350
_cell.angle_alpha   90.00
_cell.angle_beta   90.00
_cell.angle_gamma   90.00
#
_symmetry.space_group_name_H-M   'P 21 21 21'
#
loop_
_entity.id
_entity.type
_entity.pdbx_description
1 polymer N-ACETYL-BETA-D-GLUCOSAMINIDASE
2 non-polymer 1,2-ETHANEDIOL
3 water water
#
_entity_poly.entity_id   1
_entity_poly.type   'polypeptide(L)'
_entity_poly.pdbx_seq_one_letter_code
;MGSSHHHHHHSSGLVPRGSHMASMVRFTGLSLKQTQAIEVLKGHISLPDVEVAVTQSDQASISIEGEEGHYQLTYRKPHQ
LYRALSLLVTVLAEADKVEIEEQAAYEDLAYMVDCSRNAVLNVASAKQMIEILALMGYSTFELYMEDTYQIEGQPYFGYF
RGAYSAEELQEIEAYAQQFDVTFVPCIQTLAHLSAFVKWGVKEVQELRDVEDILLIGEEKVYDLIDGMFATLSKLKTRKV
NIGMDEAHLVGLGRYLILNGVVDRSLLMCQHLERVLDIADKYGFHCQMWSDMFFKLMSADGQYDRDVEIPEETRVYLDRL
KDRVTLVYWDYYQDSEEKYNRNFRNHHKISHDLAFAGGAWKWIGFTPHNHFSRLVAIEANKACRANQIKEVIVTGWGDNG
GETAQFSILPSLQIWAELSYRNDLDGLSAHFKTNTGLTVEDFMQIDLANLLPDLPGNLSGINPNRYVFYQDILCPILDQH
MTPEQDKPHFAQAAETLANIKEKAGNYAYLFETQAQLNAILSSKVDVGRRIRQAYQADDKESLQQIARQELPELRSQIED
FHALFSHQWLKENKVFGLDTVDIRMGGLLQRIKRAESRIEVYLAGQLDRIDELEVEILPFTDFYADKDFAATTANQWHTI
ATASTIYTT
;
_entity_poly.pdbx_strand_id   A,B,C,D
#
loop_
_chem_comp.id
_chem_comp.type
_chem_comp.name
_chem_comp.formula
EDO non-polymer 1,2-ETHANEDIOL 'C2 H6 O2'
#
# COMPACT_ATOMS: atom_id res chain seq x y z
N HIS A 20 3.61 -57.73 -12.20
CA HIS A 20 4.79 -56.89 -12.51
C HIS A 20 5.09 -56.55 -13.98
N MET A 21 4.49 -57.28 -14.91
CA MET A 21 4.68 -57.01 -16.35
C MET A 21 4.56 -55.51 -16.71
N ALA A 22 5.55 -55.01 -17.43
CA ALA A 22 5.54 -53.64 -17.95
C ALA A 22 4.38 -53.41 -18.90
N SER A 23 3.85 -52.19 -18.90
CA SER A 23 2.74 -51.86 -19.79
C SER A 23 3.10 -52.02 -21.26
N MET A 24 2.11 -52.52 -22.00
CA MET A 24 2.18 -52.77 -23.44
C MET A 24 1.39 -51.68 -24.22
N VAL A 25 0.91 -50.67 -23.50
CA VAL A 25 0.16 -49.54 -24.08
C VAL A 25 0.90 -48.90 -25.24
N ARG A 26 0.16 -48.51 -26.28
CA ARG A 26 0.75 -47.80 -27.41
C ARG A 26 0.00 -46.47 -27.69
N PHE A 27 0.77 -45.45 -27.99
CA PHE A 27 0.28 -44.10 -28.21
C PHE A 27 0.67 -43.58 -29.58
N THR A 28 -0.21 -42.77 -30.17
CA THR A 28 0.15 -41.96 -31.34
C THR A 28 -0.15 -40.51 -31.03
N GLY A 29 0.64 -39.60 -31.62
CA GLY A 29 0.42 -38.16 -31.52
C GLY A 29 1.03 -37.49 -30.30
N LEU A 30 1.90 -38.21 -29.57
CA LEU A 30 2.58 -37.62 -28.42
C LEU A 30 3.85 -36.96 -28.86
N SER A 31 4.24 -35.94 -28.12
CA SER A 31 5.58 -35.37 -28.25
C SER A 31 6.50 -36.23 -27.42
N LEU A 32 7.81 -36.10 -27.64
CA LEU A 32 8.78 -36.74 -26.78
C LEU A 32 8.60 -36.35 -25.31
N LYS A 33 8.38 -35.07 -25.03
CA LYS A 33 8.16 -34.60 -23.66
C LYS A 33 7.04 -35.43 -23.01
N GLN A 34 5.99 -35.66 -23.78
CA GLN A 34 4.84 -36.37 -23.24
C GLN A 34 5.14 -37.84 -23.00
N THR A 35 5.81 -38.49 -23.93
CA THR A 35 6.12 -39.91 -23.78
C THR A 35 6.97 -40.14 -22.54
N GLN A 36 7.95 -39.29 -22.33
CA GLN A 36 8.78 -39.35 -21.12
C GLN A 36 8.03 -39.11 -19.83
N ALA A 37 7.09 -38.16 -19.86
CA ALA A 37 6.28 -37.88 -18.69
C ALA A 37 5.49 -39.11 -18.34
N ILE A 38 4.93 -39.74 -19.37
CA ILE A 38 4.16 -40.95 -19.19
C ILE A 38 5.02 -42.07 -18.61
N GLU A 39 6.26 -42.23 -19.04
CA GLU A 39 7.10 -43.27 -18.45
C GLU A 39 7.20 -43.10 -16.92
N VAL A 40 7.37 -41.87 -16.45
CA VAL A 40 7.41 -41.60 -15.00
C VAL A 40 6.11 -42.03 -14.35
N LEU A 41 4.98 -41.67 -14.95
CA LEU A 41 3.70 -41.96 -14.33
C LEU A 41 3.32 -43.44 -14.34
N LYS A 42 3.98 -44.23 -15.17
CA LYS A 42 3.80 -45.69 -15.11
C LYS A 42 4.27 -46.25 -13.76
N GLY A 43 5.17 -45.54 -13.10
CA GLY A 43 5.46 -45.82 -11.72
C GLY A 43 4.27 -45.75 -10.76
N HIS A 44 3.21 -45.03 -11.14
CA HIS A 44 2.04 -44.82 -10.28
C HIS A 44 0.78 -45.56 -10.75
N ILE A 45 0.57 -45.54 -12.06
CA ILE A 45 -0.64 -46.08 -12.63
C ILE A 45 -0.28 -47.22 -13.55
N SER A 46 -1.25 -48.09 -13.76
CA SER A 46 -1.07 -49.31 -14.47
C SER A 46 -1.81 -49.30 -15.83
N LEU A 47 -1.08 -48.92 -16.87
CA LEU A 47 -1.65 -48.76 -18.20
C LEU A 47 -1.78 -50.08 -18.97
N PRO A 48 -3.03 -50.46 -19.34
CA PRO A 48 -3.27 -51.69 -20.06
C PRO A 48 -2.77 -51.66 -21.51
N ASP A 49 -2.88 -52.79 -22.16
CA ASP A 49 -2.35 -53.02 -23.49
C ASP A 49 -3.40 -52.60 -24.51
N VAL A 50 -3.45 -51.30 -24.77
CA VAL A 50 -4.38 -50.72 -25.72
C VAL A 50 -3.64 -49.72 -26.58
N GLU A 51 -4.33 -49.22 -27.60
CA GLU A 51 -3.80 -48.24 -28.52
C GLU A 51 -4.63 -46.96 -28.30
N VAL A 52 -3.92 -45.85 -28.06
CA VAL A 52 -4.56 -44.57 -27.76
C VAL A 52 -4.05 -43.48 -28.71
N ALA A 53 -4.97 -42.88 -29.47
CA ALA A 53 -4.65 -41.74 -30.35
C ALA A 53 -4.85 -40.46 -29.57
N VAL A 54 -3.82 -39.62 -29.52
CA VAL A 54 -3.81 -38.47 -28.64
C VAL A 54 -3.68 -37.20 -29.46
N THR A 55 -4.58 -36.25 -29.22
CA THR A 55 -4.40 -34.91 -29.78
C THR A 55 -4.88 -33.85 -28.79
N GLN A 56 -4.28 -32.67 -28.88
CA GLN A 56 -4.83 -31.49 -28.26
C GLN A 56 -6.10 -31.10 -28.98
N SER A 57 -7.05 -30.59 -28.24
CA SER A 57 -8.26 -30.06 -28.86
C SER A 57 -8.94 -29.15 -27.88
N ASP A 58 -9.56 -28.11 -28.42
CA ASP A 58 -10.26 -27.16 -27.59
C ASP A 58 -11.66 -27.65 -27.19
N GLN A 59 -12.06 -28.80 -27.69
CA GLN A 59 -13.44 -29.22 -27.55
C GLN A 59 -13.82 -29.54 -26.09
N ALA A 60 -12.88 -30.10 -25.34
CA ALA A 60 -13.14 -30.34 -23.92
C ALA A 60 -11.87 -30.29 -23.12
N SER A 61 -12.01 -30.18 -21.80
CA SER A 61 -10.83 -30.26 -20.97
C SER A 61 -10.21 -31.64 -21.21
N ILE A 62 -11.03 -32.67 -21.06
CA ILE A 62 -10.65 -34.05 -21.38
C ILE A 62 -11.78 -34.75 -22.13
N SER A 63 -11.46 -35.40 -23.25
CA SER A 63 -12.40 -36.34 -23.87
CA SER A 63 -12.40 -36.37 -23.83
C SER A 63 -11.71 -37.69 -24.15
N ILE A 64 -12.42 -38.77 -23.84
CA ILE A 64 -11.97 -40.11 -24.18
C ILE A 64 -13.14 -40.87 -24.80
N GLU A 65 -12.86 -41.47 -25.94
CA GLU A 65 -13.85 -42.26 -26.67
C GLU A 65 -13.16 -43.44 -27.30
N GLY A 66 -13.95 -44.47 -27.56
CA GLY A 66 -13.44 -45.67 -28.23
C GLY A 66 -13.94 -46.93 -27.59
N GLU A 67 -13.42 -48.05 -28.07
CA GLU A 67 -13.77 -49.40 -27.59
C GLU A 67 -12.84 -50.41 -28.22
N GLU A 68 -12.89 -51.64 -27.70
CA GLU A 68 -12.16 -52.77 -28.27
C GLU A 68 -10.67 -52.49 -28.56
N GLY A 69 -10.02 -51.86 -27.59
CA GLY A 69 -8.58 -51.67 -27.63
C GLY A 69 -8.14 -50.47 -28.41
N HIS A 70 -9.09 -49.71 -28.96
CA HIS A 70 -8.74 -48.51 -29.73
C HIS A 70 -9.46 -47.29 -29.19
N TYR A 71 -8.67 -46.32 -28.74
CA TYR A 71 -9.23 -45.15 -28.05
C TYR A 71 -8.68 -43.88 -28.62
N GLN A 72 -9.53 -42.84 -28.57
CA GLN A 72 -9.14 -41.50 -28.98
C GLN A 72 -9.20 -40.56 -27.79
N LEU A 73 -8.09 -39.90 -27.51
CA LEU A 73 -7.95 -39.09 -26.32
C LEU A 73 -7.61 -37.65 -26.69
N THR A 74 -8.48 -36.71 -26.28
CA THR A 74 -8.18 -35.29 -26.37
C THR A 74 -8.04 -34.61 -24.99
N TYR A 75 -7.14 -33.63 -24.96
CA TYR A 75 -7.06 -32.66 -23.86
C TYR A 75 -7.03 -31.22 -24.42
N ARG A 76 -7.48 -30.26 -23.62
CA ARG A 76 -7.34 -28.86 -23.96
C ARG A 76 -5.96 -28.35 -23.60
N LYS A 77 -5.54 -28.52 -22.34
CA LYS A 77 -4.28 -27.93 -21.85
C LYS A 77 -3.26 -29.06 -21.66
N PRO A 78 -2.01 -28.85 -22.05
CA PRO A 78 -1.05 -29.96 -22.02
C PRO A 78 -1.05 -30.86 -20.76
N HIS A 79 -1.23 -30.28 -19.57
CA HIS A 79 -1.10 -31.05 -18.32
C HIS A 79 -2.31 -31.99 -18.13
N GLN A 80 -3.40 -31.70 -18.81
CA GLN A 80 -4.63 -32.47 -18.60
C GLN A 80 -4.55 -33.87 -19.24
N LEU A 81 -3.52 -34.10 -20.05
CA LEU A 81 -3.18 -35.45 -20.51
C LEU A 81 -3.02 -36.46 -19.36
N TYR A 82 -2.48 -35.96 -18.25
CA TYR A 82 -2.07 -36.85 -17.19
C TYR A 82 -3.26 -37.31 -16.39
N ARG A 83 -4.21 -36.42 -16.14
CA ARG A 83 -5.49 -36.83 -15.57
C ARG A 83 -6.25 -37.76 -16.51
N ALA A 84 -6.28 -37.43 -17.81
CA ALA A 84 -6.94 -38.29 -18.80
C ALA A 84 -6.48 -39.75 -18.70
N LEU A 85 -5.17 -39.95 -18.61
CA LEU A 85 -4.58 -41.30 -18.48
C LEU A 85 -5.06 -42.01 -17.21
N SER A 86 -5.09 -41.32 -16.07
CA SER A 86 -5.70 -41.88 -14.84
C SER A 86 -7.14 -42.31 -15.08
N LEU A 87 -7.87 -41.50 -15.81
CA LEU A 87 -9.27 -41.77 -16.11
C LEU A 87 -9.38 -43.03 -16.99
N LEU A 88 -8.52 -43.07 -18.01
CA LEU A 88 -8.49 -44.18 -18.95
C LEU A 88 -8.23 -45.52 -18.25
N VAL A 89 -7.17 -45.57 -17.45
CA VAL A 89 -6.86 -46.78 -16.71
C VAL A 89 -8.06 -47.18 -15.87
N THR A 90 -8.70 -46.21 -15.23
CA THR A 90 -9.78 -46.55 -14.32
C THR A 90 -10.97 -47.14 -15.09
N VAL A 91 -11.32 -46.51 -16.20
CA VAL A 91 -12.54 -46.90 -16.91
C VAL A 91 -12.38 -48.25 -17.60
N LEU A 92 -11.18 -48.55 -18.10
CA LEU A 92 -10.91 -49.83 -18.73
C LEU A 92 -10.87 -51.02 -17.76
N ALA A 93 -10.82 -50.77 -16.46
CA ALA A 93 -10.85 -51.87 -15.50
C ALA A 93 -12.19 -52.59 -15.53
N GLU A 94 -13.27 -51.86 -15.77
CA GLU A 94 -14.61 -52.44 -15.68
C GLU A 94 -15.35 -52.43 -17.01
N ALA A 95 -14.77 -51.81 -18.04
CA ALA A 95 -15.50 -51.55 -19.28
C ALA A 95 -14.58 -51.51 -20.49
N ASP A 96 -15.12 -51.93 -21.63
CA ASP A 96 -14.38 -51.90 -22.87
C ASP A 96 -14.57 -50.56 -23.57
N LYS A 97 -15.78 -50.05 -23.50
CA LYS A 97 -16.18 -48.85 -24.20
C LYS A 97 -16.09 -47.67 -23.27
N VAL A 98 -15.65 -46.54 -23.81
CA VAL A 98 -15.39 -45.34 -23.02
C VAL A 98 -16.11 -44.15 -23.62
N GLU A 99 -16.86 -43.45 -22.77
CA GLU A 99 -17.59 -42.25 -23.14
C GLU A 99 -17.34 -41.19 -22.08
N ILE A 100 -16.18 -40.54 -22.17
CA ILE A 100 -15.77 -39.57 -21.16
C ILE A 100 -15.61 -38.19 -21.77
N GLU A 101 -16.23 -37.21 -21.14
CA GLU A 101 -16.00 -35.82 -21.51
C GLU A 101 -16.04 -34.99 -20.25
N GLU A 102 -14.94 -34.29 -19.96
CA GLU A 102 -14.88 -33.46 -18.75
C GLU A 102 -14.67 -31.99 -19.12
N GLN A 103 -15.41 -31.11 -18.47
CA GLN A 103 -15.18 -29.65 -18.60
C GLN A 103 -14.90 -29.04 -17.23
N ALA A 104 -13.63 -28.75 -16.99
CA ALA A 104 -13.15 -28.21 -15.73
C ALA A 104 -13.73 -26.82 -15.44
N ALA A 105 -14.23 -26.63 -14.23
CA ALA A 105 -14.79 -25.33 -13.87
C ALA A 105 -13.74 -24.25 -13.67
N TYR A 106 -12.49 -24.63 -13.42
CA TYR A 106 -11.47 -23.66 -13.04
C TYR A 106 -10.31 -23.63 -14.03
N GLU A 107 -9.95 -22.43 -14.46
CA GLU A 107 -8.82 -22.26 -15.36
C GLU A 107 -7.51 -22.69 -14.71
N ASP A 108 -7.44 -22.60 -13.38
CA ASP A 108 -6.28 -23.12 -12.64
C ASP A 108 -6.73 -23.75 -11.33
N LEU A 109 -6.08 -24.86 -11.01
CA LEU A 109 -6.30 -25.53 -9.74
C LEU A 109 -4.92 -25.81 -9.17
N ALA A 110 -4.66 -25.33 -7.95
CA ALA A 110 -3.33 -25.29 -7.35
C ALA A 110 -3.30 -26.01 -6.01
N TYR A 111 -2.16 -26.62 -5.69
CA TYR A 111 -1.93 -27.06 -4.33
C TYR A 111 -0.70 -26.37 -3.81
N MET A 112 -0.86 -25.82 -2.59
CA MET A 112 0.18 -25.03 -1.93
C MET A 112 0.63 -25.77 -0.68
N VAL A 113 1.89 -26.20 -0.68
CA VAL A 113 2.50 -26.86 0.47
C VAL A 113 3.16 -25.84 1.40
N ASP A 114 2.89 -25.95 2.69
CA ASP A 114 3.54 -25.10 3.70
C ASP A 114 4.98 -25.59 3.92
N CYS A 115 5.96 -24.75 3.67
CA CYS A 115 7.36 -25.05 3.95
C CYS A 115 7.96 -24.05 4.97
N SER A 116 7.09 -23.51 5.82
CA SER A 116 7.49 -22.45 6.75
C SER A 116 7.26 -22.76 8.24
N ARG A 117 6.68 -23.91 8.54
CA ARG A 117 6.29 -24.23 9.90
C ARG A 117 7.22 -25.27 10.50
N ASN A 118 8.40 -25.39 9.90
CA ASN A 118 9.49 -26.30 10.29
C ASN A 118 9.68 -27.45 9.32
N ALA A 119 8.59 -27.90 8.71
CA ALA A 119 8.64 -28.93 7.67
C ALA A 119 8.90 -28.32 6.30
N VAL A 120 10.11 -28.53 5.79
CA VAL A 120 10.42 -28.10 4.44
C VAL A 120 10.45 -29.32 3.54
N LEU A 121 9.44 -29.45 2.68
CA LEU A 121 9.35 -30.58 1.77
C LEU A 121 10.66 -30.78 0.96
N ASN A 122 11.23 -31.97 1.04
CA ASN A 122 12.53 -32.20 0.38
C ASN A 122 12.32 -32.31 -1.13
N VAL A 123 13.38 -32.08 -1.91
CA VAL A 123 13.28 -32.09 -3.39
C VAL A 123 12.59 -33.35 -3.98
N ALA A 124 12.89 -34.51 -3.43
CA ALA A 124 12.39 -35.76 -4.00
C ALA A 124 10.91 -35.99 -3.72
N SER A 125 10.48 -35.52 -2.56
CA SER A 125 9.07 -35.56 -2.22
C SER A 125 8.27 -34.51 -2.98
N ALA A 126 8.89 -33.39 -3.30
CA ALA A 126 8.23 -32.42 -4.16
C ALA A 126 7.97 -33.00 -5.52
N LYS A 127 8.93 -33.78 -6.05
CA LYS A 127 8.76 -34.41 -7.35
C LYS A 127 7.66 -35.46 -7.33
N GLN A 128 7.57 -36.26 -6.27
CA GLN A 128 6.46 -37.21 -6.16
C GLN A 128 5.12 -36.48 -6.06
N MET A 129 5.09 -35.37 -5.36
CA MET A 129 3.81 -34.65 -5.20
C MET A 129 3.36 -34.09 -6.56
N ILE A 130 4.31 -33.55 -7.32
CA ILE A 130 4.07 -33.08 -8.68
C ILE A 130 3.52 -34.19 -9.60
N GLU A 131 4.04 -35.41 -9.48
CA GLU A 131 3.52 -36.55 -10.23
C GLU A 131 2.07 -36.85 -9.87
N ILE A 132 1.77 -36.90 -8.58
CA ILE A 132 0.40 -37.16 -8.13
C ILE A 132 -0.55 -36.03 -8.52
N LEU A 133 -0.12 -34.78 -8.40
CA LEU A 133 -0.93 -33.62 -8.80
C LEU A 133 -1.20 -33.64 -10.32
N ALA A 134 -0.21 -34.04 -11.11
CA ALA A 134 -0.41 -34.18 -12.55
C ALA A 134 -1.46 -35.26 -12.86
N LEU A 135 -1.45 -36.36 -12.11
CA LEU A 135 -2.46 -37.42 -12.29
C LEU A 135 -3.86 -36.98 -11.86
N MET A 136 -3.95 -36.10 -10.88
CA MET A 136 -5.24 -35.69 -10.39
C MET A 136 -5.89 -34.62 -11.27
N GLY A 137 -5.09 -33.79 -11.93
CA GLY A 137 -5.63 -32.67 -12.71
C GLY A 137 -5.22 -31.25 -12.27
N TYR A 138 -4.28 -31.10 -11.36
CA TYR A 138 -3.83 -29.77 -10.97
C TYR A 138 -2.92 -29.16 -12.04
N SER A 139 -3.05 -27.84 -12.27
CA SER A 139 -2.19 -27.11 -13.19
C SER A 139 -0.98 -26.50 -12.48
N THR A 140 -1.08 -26.38 -11.17
CA THR A 140 -0.20 -25.52 -10.42
C THR A 140 0.24 -26.11 -9.08
N PHE A 141 1.51 -25.92 -8.81
CA PHE A 141 2.13 -26.35 -7.58
C PHE A 141 2.71 -25.11 -6.94
N GLU A 142 2.55 -25.01 -5.62
CA GLU A 142 2.99 -23.83 -4.91
C GLU A 142 3.67 -24.25 -3.63
N LEU A 143 4.65 -23.45 -3.20
CA LEU A 143 5.30 -23.68 -1.93
C LEU A 143 5.26 -22.41 -1.15
N TYR A 144 4.87 -22.54 0.12
CA TYR A 144 4.73 -21.40 1.01
C TYR A 144 5.97 -21.19 1.87
N MET A 145 6.67 -20.10 1.62
CA MET A 145 7.99 -19.88 2.17
C MET A 145 8.10 -18.46 2.76
N GLU A 146 8.12 -18.40 4.08
CA GLU A 146 8.21 -17.15 4.80
C GLU A 146 9.66 -16.74 4.76
N ASP A 147 10.49 -17.55 5.39
CA ASP A 147 11.93 -17.28 5.48
C ASP A 147 12.73 -18.39 4.81
N THR A 148 12.04 -19.39 4.25
CA THR A 148 12.67 -20.64 3.86
C THR A 148 13.06 -20.65 2.37
N TYR A 149 13.54 -19.51 1.88
CA TYR A 149 14.24 -19.47 0.62
C TYR A 149 15.44 -18.54 0.81
N GLN A 150 16.56 -18.93 0.22
CA GLN A 150 17.81 -18.21 0.36
C GLN A 150 17.73 -16.89 -0.39
N ILE A 151 18.14 -15.81 0.27
CA ILE A 151 18.30 -14.51 -0.35
C ILE A 151 19.74 -14.08 -0.19
N GLU A 152 20.40 -13.76 -1.30
CA GLU A 152 21.78 -13.26 -1.30
C GLU A 152 21.97 -12.05 -0.39
N GLY A 153 23.07 -12.05 0.36
CA GLY A 153 23.39 -10.98 1.29
C GLY A 153 22.55 -10.95 2.55
N GLN A 154 21.79 -12.03 2.82
CA GLN A 154 20.92 -12.06 3.99
C GLN A 154 21.12 -13.40 4.66
N PRO A 155 22.27 -13.55 5.34
CA PRO A 155 22.64 -14.87 5.83
C PRO A 155 21.75 -15.37 6.97
N TYR A 156 21.01 -14.49 7.64
CA TYR A 156 20.09 -14.92 8.70
C TYR A 156 18.72 -15.37 8.21
N PHE A 157 18.42 -15.06 6.96
CA PHE A 157 17.11 -15.35 6.37
C PHE A 157 17.12 -16.82 5.97
N GLY A 158 16.48 -17.65 6.78
CA GLY A 158 16.50 -19.11 6.58
C GLY A 158 17.57 -19.93 7.27
N TYR A 159 18.40 -19.25 8.07
CA TYR A 159 19.52 -19.86 8.77
C TYR A 159 19.08 -21.03 9.66
N PHE A 160 19.65 -22.20 9.39
CA PHE A 160 19.33 -23.48 10.03
C PHE A 160 17.87 -23.88 9.88
N ARG A 161 17.24 -23.37 8.83
CA ARG A 161 15.83 -23.62 8.56
C ARG A 161 15.64 -24.56 7.36
N GLY A 162 16.74 -24.97 6.73
CA GLY A 162 16.64 -25.76 5.51
C GLY A 162 16.12 -24.95 4.35
N ALA A 163 16.36 -23.64 4.37
CA ALA A 163 15.88 -22.76 3.29
C ALA A 163 16.29 -23.27 1.92
N TYR A 164 15.39 -23.23 0.95
CA TYR A 164 15.66 -23.75 -0.39
C TYR A 164 16.68 -22.89 -1.09
N SER A 165 17.65 -23.49 -1.77
CA SER A 165 18.51 -22.65 -2.62
C SER A 165 17.73 -22.28 -3.89
N ALA A 166 18.21 -21.25 -4.59
CA ALA A 166 17.66 -20.91 -5.88
C ALA A 166 17.69 -22.13 -6.82
N GLU A 167 18.80 -22.86 -6.77
CA GLU A 167 18.95 -24.06 -7.57
C GLU A 167 17.92 -25.12 -7.22
N GLU A 168 17.59 -25.28 -5.93
CA GLU A 168 16.62 -26.30 -5.54
C GLU A 168 15.22 -25.90 -6.01
N LEU A 169 14.95 -24.60 -6.00
CA LEU A 169 13.66 -24.08 -6.43
C LEU A 169 13.51 -24.19 -7.96
N GLN A 170 14.58 -23.91 -8.66
CA GLN A 170 14.62 -24.08 -10.10
C GLN A 170 14.42 -25.53 -10.49
N GLU A 171 15.09 -26.43 -9.76
CA GLU A 171 14.95 -27.87 -9.99
C GLU A 171 13.53 -28.36 -9.78
N ILE A 172 12.89 -27.88 -8.71
CA ILE A 172 11.50 -28.27 -8.46
C ILE A 172 10.59 -27.73 -9.56
N GLU A 173 10.75 -26.45 -9.89
CA GLU A 173 9.95 -25.85 -10.97
C GLU A 173 10.14 -26.65 -12.28
N ALA A 174 11.39 -26.85 -12.65
CA ALA A 174 11.72 -27.61 -13.86
C ALA A 174 11.07 -28.98 -13.91
N TYR A 175 11.00 -29.69 -12.79
CA TYR A 175 10.33 -30.97 -12.76
C TYR A 175 8.85 -30.81 -13.01
N ALA A 176 8.25 -29.84 -12.35
CA ALA A 176 6.85 -29.54 -12.64
C ALA A 176 6.67 -29.25 -14.13
N GLN A 177 7.60 -28.52 -14.74
CA GLN A 177 7.51 -28.20 -16.16
C GLN A 177 7.54 -29.44 -17.05
N GLN A 178 8.20 -30.51 -16.63
CA GLN A 178 8.12 -31.78 -17.35
C GLN A 178 6.70 -32.29 -17.50
N PHE A 179 5.79 -31.90 -16.59
CA PHE A 179 4.38 -32.28 -16.66
C PHE A 179 3.44 -31.13 -17.07
N ASP A 180 4.02 -30.07 -17.64
CA ASP A 180 3.29 -28.83 -17.95
C ASP A 180 2.50 -28.26 -16.76
N VAL A 181 3.10 -28.34 -15.58
CA VAL A 181 2.50 -27.83 -14.36
C VAL A 181 3.33 -26.61 -13.97
N THR A 182 2.66 -25.53 -13.61
CA THR A 182 3.32 -24.27 -13.23
C THR A 182 3.62 -24.21 -11.73
N PHE A 183 4.55 -23.35 -11.38
CA PHE A 183 4.98 -23.14 -10.01
C PHE A 183 4.70 -21.69 -9.63
N VAL A 184 4.16 -21.50 -8.42
CA VAL A 184 3.98 -20.18 -7.86
C VAL A 184 4.54 -20.18 -6.43
N PRO A 185 5.58 -19.35 -6.18
CA PRO A 185 6.03 -19.18 -4.81
C PRO A 185 5.07 -18.29 -4.05
N CYS A 186 4.80 -18.67 -2.81
CA CYS A 186 3.98 -17.93 -1.89
C CYS A 186 4.95 -17.46 -0.79
N ILE A 187 5.07 -16.15 -0.64
CA ILE A 187 6.03 -15.57 0.25
C ILE A 187 5.34 -14.56 1.14
N GLN A 188 6.11 -13.88 1.98
CA GLN A 188 5.58 -12.84 2.86
C GLN A 188 6.39 -11.59 2.69
N THR A 189 5.71 -10.48 2.49
CA THR A 189 6.36 -9.23 2.17
C THR A 189 6.08 -8.18 3.27
N LEU A 190 5.24 -8.51 4.25
CA LEU A 190 5.07 -7.64 5.41
C LEU A 190 5.25 -8.35 6.75
N ALA A 191 4.44 -9.37 7.00
CA ALA A 191 4.38 -10.03 8.29
C ALA A 191 4.71 -11.53 8.17
N HIS A 192 4.54 -12.28 9.26
CA HIS A 192 4.89 -13.70 9.33
C HIS A 192 6.32 -14.00 8.91
N LEU A 193 7.23 -13.24 9.48
CA LEU A 193 8.63 -13.46 9.27
C LEU A 193 9.36 -13.70 10.59
N SER A 194 8.64 -14.32 11.53
CA SER A 194 9.12 -14.49 12.90
C SER A 194 10.41 -15.29 13.00
N ALA A 195 10.58 -16.34 12.20
CA ALA A 195 11.82 -17.14 12.29
C ALA A 195 13.04 -16.34 11.82
N PHE A 196 12.82 -15.29 11.07
CA PHE A 196 13.89 -14.44 10.57
C PHE A 196 14.16 -13.27 11.52
N VAL A 197 13.12 -12.57 11.90
CA VAL A 197 13.30 -11.39 12.73
C VAL A 197 13.70 -11.62 14.19
N LYS A 198 13.75 -12.86 14.66
CA LYS A 198 14.19 -13.14 16.02
C LYS A 198 15.67 -12.88 16.21
N TRP A 199 16.43 -12.80 15.12
CA TRP A 199 17.90 -12.78 15.23
C TRP A 199 18.42 -11.42 15.69
N GLY A 200 19.21 -11.44 16.75
CA GLY A 200 19.65 -10.23 17.41
C GLY A 200 20.96 -9.71 16.83
N VAL A 201 20.87 -9.27 15.59
CA VAL A 201 21.95 -8.55 14.94
C VAL A 201 21.32 -7.32 14.32
N LYS A 202 22.04 -6.21 14.31
CA LYS A 202 21.48 -4.92 13.89
C LYS A 202 20.83 -4.99 12.50
N GLU A 203 21.46 -5.74 11.59
CA GLU A 203 21.02 -5.86 10.20
C GLU A 203 19.66 -6.48 10.08
N VAL A 204 19.26 -7.23 11.09
CA VAL A 204 17.91 -7.78 11.16
C VAL A 204 16.99 -6.92 12.01
N GLN A 205 17.45 -6.51 13.20
CA GLN A 205 16.62 -5.75 14.13
C GLN A 205 16.12 -4.43 13.55
N GLU A 206 16.93 -3.80 12.71
CA GLU A 206 16.54 -2.52 12.12
C GLU A 206 15.45 -2.65 11.05
N LEU A 207 15.13 -3.88 10.66
CA LEU A 207 14.07 -4.15 9.68
C LEU A 207 12.71 -4.33 10.35
N ARG A 208 12.67 -4.29 11.68
CA ARG A 208 11.49 -4.69 12.43
C ARG A 208 10.57 -3.55 12.85
N ASP A 209 9.27 -3.80 12.79
CA ASP A 209 8.31 -2.94 13.43
C ASP A 209 8.06 -3.51 14.85
N VAL A 210 7.37 -4.63 14.91
CA VAL A 210 7.12 -5.35 16.15
C VAL A 210 6.72 -6.79 15.78
N GLU A 211 6.96 -7.74 16.69
CA GLU A 211 6.71 -9.16 16.49
C GLU A 211 7.24 -9.67 15.15
N ASP A 212 6.32 -10.15 14.30
CA ASP A 212 6.66 -10.79 13.04
C ASP A 212 6.50 -9.85 11.85
N ILE A 213 6.48 -8.55 12.14
CA ILE A 213 6.16 -7.53 11.14
C ILE A 213 7.38 -6.67 10.83
N LEU A 214 7.59 -6.48 9.54
CA LEU A 214 8.69 -5.66 9.06
C LEU A 214 8.30 -4.17 9.12
N LEU A 215 9.32 -3.30 9.13
CA LEU A 215 9.14 -1.87 9.33
C LEU A 215 8.84 -1.11 8.02
N ILE A 216 7.57 -0.75 7.85
CA ILE A 216 7.17 -0.04 6.66
C ILE A 216 7.93 1.26 6.61
N GLY A 217 8.32 1.70 5.42
CA GLY A 217 8.97 2.99 5.28
C GLY A 217 10.47 2.91 5.36
N GLU A 218 11.00 1.84 5.94
CA GLU A 218 12.45 1.68 6.09
C GLU A 218 13.12 1.13 4.84
N GLU A 219 14.10 1.87 4.32
CA GLU A 219 14.72 1.51 3.05
C GLU A 219 15.38 0.14 3.08
N LYS A 220 15.98 -0.21 4.21
CA LYS A 220 16.60 -1.53 4.33
C LYS A 220 15.55 -2.66 4.21
N VAL A 221 14.29 -2.36 4.53
CA VAL A 221 13.19 -3.31 4.32
C VAL A 221 13.00 -3.55 2.82
N TYR A 222 12.92 -2.47 2.03
CA TYR A 222 12.75 -2.61 0.57
C TYR A 222 14.02 -3.19 -0.11
N ASP A 223 15.19 -2.97 0.48
CA ASP A 223 16.38 -3.66 0.01
C ASP A 223 16.22 -5.17 0.19
N LEU A 224 15.64 -5.59 1.31
CA LEU A 224 15.34 -7.01 1.55
C LEU A 224 14.31 -7.56 0.55
N ILE A 225 13.19 -6.85 0.41
CA ILE A 225 12.09 -7.26 -0.47
C ILE A 225 12.57 -7.35 -1.92
N ASP A 226 13.39 -6.39 -2.34
CA ASP A 226 14.09 -6.48 -3.63
C ASP A 226 14.89 -7.78 -3.71
N GLY A 227 15.57 -8.12 -2.63
CA GLY A 227 16.33 -9.36 -2.57
C GLY A 227 15.44 -10.61 -2.74
N MET A 228 14.24 -10.56 -2.16
CA MET A 228 13.29 -11.66 -2.29
C MET A 228 12.95 -11.86 -3.76
N PHE A 229 12.71 -10.77 -4.45
CA PHE A 229 12.31 -10.85 -5.86
C PHE A 229 13.49 -11.19 -6.79
N ALA A 230 14.68 -10.69 -6.47
CA ALA A 230 15.87 -11.10 -7.17
C ALA A 230 15.98 -12.62 -7.16
N THR A 231 15.75 -13.24 -5.99
CA THR A 231 15.85 -14.72 -5.90
C THR A 231 14.77 -15.39 -6.74
N LEU A 232 13.56 -14.87 -6.70
CA LEU A 232 12.45 -15.53 -7.37
C LEU A 232 12.52 -15.38 -8.88
N SER A 233 13.21 -14.33 -9.33
CA SER A 233 13.26 -14.00 -10.75
C SER A 233 14.22 -14.94 -11.47
N LYS A 234 15.05 -15.66 -10.71
CA LYS A 234 15.79 -16.79 -11.26
C LYS A 234 14.91 -17.99 -11.65
N LEU A 235 13.65 -18.00 -11.22
CA LEU A 235 12.71 -19.00 -11.75
C LEU A 235 12.20 -18.56 -13.12
N LYS A 236 11.51 -19.47 -13.81
CA LYS A 236 10.80 -19.13 -15.05
C LYS A 236 9.51 -18.41 -14.73
N THR A 237 8.78 -18.93 -13.75
CA THR A 237 7.51 -18.33 -13.36
C THR A 237 7.57 -16.82 -13.05
N ARG A 238 6.51 -16.12 -13.44
CA ARG A 238 6.36 -14.71 -13.15
C ARG A 238 5.03 -14.44 -12.45
N LYS A 239 4.60 -15.42 -11.65
CA LYS A 239 3.41 -15.28 -10.83
C LYS A 239 3.87 -15.51 -9.38
N VAL A 240 3.36 -14.73 -8.44
CA VAL A 240 3.74 -14.83 -7.03
C VAL A 240 2.60 -14.43 -6.09
N ASN A 241 2.53 -15.11 -4.95
CA ASN A 241 1.68 -14.70 -3.85
C ASN A 241 2.56 -13.99 -2.83
N ILE A 242 2.22 -12.73 -2.54
CA ILE A 242 3.08 -11.87 -1.71
C ILE A 242 2.60 -11.79 -0.27
N GLY A 243 1.53 -12.52 0.04
CA GLY A 243 0.91 -12.48 1.33
C GLY A 243 0.12 -11.19 1.54
N MET A 244 0.76 -10.22 2.16
CA MET A 244 0.14 -8.91 2.48
C MET A 244 -1.21 -8.94 3.19
N ASP A 245 -1.43 -9.88 4.11
CA ASP A 245 -2.60 -9.80 4.99
C ASP A 245 -2.44 -8.64 5.98
N GLU A 246 -3.56 -8.30 6.63
CA GLU A 246 -3.65 -7.17 7.55
C GLU A 246 -3.33 -7.64 8.96
N ALA A 247 -2.14 -7.35 9.43
CA ALA A 247 -1.73 -7.72 10.78
C ALA A 247 -2.16 -6.63 11.77
N HIS A 248 -2.80 -6.99 12.88
CA HIS A 248 -3.30 -5.96 13.83
C HIS A 248 -2.21 -4.98 14.32
N LEU A 249 -1.02 -5.50 14.58
CA LEU A 249 0.05 -4.67 15.15
C LEU A 249 0.76 -3.81 14.11
N VAL A 250 0.40 -3.94 12.82
CA VAL A 250 1.14 -3.17 11.80
C VAL A 250 1.01 -1.66 12.07
N GLY A 251 2.17 -0.99 12.12
CA GLY A 251 2.27 0.44 12.39
C GLY A 251 2.36 0.83 13.87
N LEU A 252 2.25 -0.15 14.77
CA LEU A 252 2.12 0.11 16.20
C LEU A 252 3.33 -0.25 17.03
N GLY A 253 4.47 -0.53 16.41
CA GLY A 253 5.68 -0.89 17.14
C GLY A 253 6.72 0.20 17.06
N ARG A 254 7.94 -0.17 16.68
CA ARG A 254 8.99 0.80 16.38
C ARG A 254 8.55 1.81 15.30
N TYR A 255 7.57 1.45 14.46
CA TYR A 255 6.98 2.43 13.52
C TYR A 255 6.28 3.58 14.24
N LEU A 256 5.44 3.24 15.23
CA LEU A 256 4.71 4.23 16.04
C LEU A 256 5.65 5.12 16.84
N ILE A 257 6.71 4.53 17.37
CA ILE A 257 7.74 5.25 18.10
C ILE A 257 8.48 6.29 17.24
N LEU A 258 8.74 5.96 15.98
CA LEU A 258 9.51 6.85 15.10
C LEU A 258 8.65 7.86 14.36
N ASN A 259 7.40 7.49 14.02
CA ASN A 259 6.55 8.29 13.13
C ASN A 259 5.18 8.63 13.70
N GLY A 260 4.93 8.31 14.97
CA GLY A 260 3.64 8.56 15.57
C GLY A 260 2.50 7.82 14.89
N VAL A 261 1.27 8.25 15.18
CA VAL A 261 0.09 7.58 14.66
C VAL A 261 -0.21 7.94 13.21
N VAL A 262 -0.41 6.94 12.38
CA VAL A 262 -0.91 7.17 11.02
C VAL A 262 -2.14 6.31 10.78
N ASP A 263 -2.77 6.51 9.63
CA ASP A 263 -3.88 5.65 9.21
C ASP A 263 -3.28 4.32 8.72
N ARG A 264 -3.74 3.21 9.30
CA ARG A 264 -3.14 1.90 9.04
C ARG A 264 -3.42 1.40 7.62
N SER A 265 -4.65 1.56 7.13
CA SER A 265 -4.95 1.18 5.75
C SER A 265 -4.13 2.04 4.79
N LEU A 266 -3.86 3.29 5.16
CA LEU A 266 -2.97 4.17 4.37
C LEU A 266 -1.54 3.66 4.43
N LEU A 267 -1.12 3.21 5.61
CA LEU A 267 0.18 2.57 5.76
C LEU A 267 0.31 1.27 4.92
N MET A 268 -0.71 0.42 4.97
CA MET A 268 -0.75 -0.80 4.16
C MET A 268 -0.59 -0.43 2.69
N CYS A 269 -1.41 0.50 2.19
CA CYS A 269 -1.30 1.00 0.81
C CYS A 269 0.10 1.47 0.45
N GLN A 270 0.70 2.26 1.34
CA GLN A 270 2.03 2.79 1.06
C GLN A 270 3.02 1.69 0.85
N HIS A 271 2.98 0.69 1.73
CA HIS A 271 3.86 -0.47 1.63
C HIS A 271 3.54 -1.34 0.40
N LEU A 272 2.26 -1.60 0.17
CA LEU A 272 1.88 -2.42 -0.97
C LEU A 272 2.41 -1.84 -2.28
N GLU A 273 2.30 -0.51 -2.42
CA GLU A 273 2.70 0.16 -3.65
C GLU A 273 4.18 -0.03 -3.91
N ARG A 274 4.98 0.06 -2.86
CA ARG A 274 6.43 -0.20 -2.95
C ARG A 274 6.71 -1.63 -3.42
N VAL A 275 6.00 -2.58 -2.81
CA VAL A 275 6.19 -3.99 -3.15
C VAL A 275 5.82 -4.22 -4.62
N LEU A 276 4.65 -3.74 -5.01
CA LEU A 276 4.24 -3.90 -6.41
C LEU A 276 5.22 -3.28 -7.42
N ASP A 277 5.74 -2.08 -7.12
CA ASP A 277 6.76 -1.49 -7.99
C ASP A 277 7.99 -2.38 -8.11
N ILE A 278 8.37 -3.04 -7.02
CA ILE A 278 9.53 -3.91 -7.07
C ILE A 278 9.19 -5.16 -7.89
N ALA A 279 8.03 -5.75 -7.62
CA ALA A 279 7.53 -6.85 -8.42
C ALA A 279 7.57 -6.47 -9.92
N ASP A 280 6.95 -5.34 -10.27
CA ASP A 280 6.96 -4.81 -11.65
C ASP A 280 8.37 -4.81 -12.26
N LYS A 281 9.35 -4.30 -11.52
CA LYS A 281 10.73 -4.22 -12.04
C LYS A 281 11.27 -5.58 -12.47
N TYR A 282 10.83 -6.66 -11.81
CA TYR A 282 11.30 -8.01 -12.09
C TYR A 282 10.29 -8.82 -12.92
N GLY A 283 9.17 -8.18 -13.29
CA GLY A 283 8.19 -8.74 -14.18
C GLY A 283 7.18 -9.69 -13.57
N PHE A 284 6.94 -9.59 -12.26
CA PHE A 284 5.98 -10.49 -11.61
C PHE A 284 4.55 -9.92 -11.58
N HIS A 285 3.55 -10.78 -11.71
CA HIS A 285 2.18 -10.44 -11.31
C HIS A 285 1.98 -10.98 -9.91
N CYS A 286 1.25 -10.22 -9.08
CA CYS A 286 1.10 -10.54 -7.68
C CYS A 286 -0.34 -10.91 -7.32
N GLN A 287 -0.47 -12.00 -6.56
CA GLN A 287 -1.68 -12.37 -5.87
C GLN A 287 -1.49 -12.02 -4.41
N MET A 288 -2.59 -11.81 -3.70
CA MET A 288 -2.52 -11.49 -2.29
C MET A 288 -3.87 -11.70 -1.64
N TRP A 289 -3.85 -11.89 -0.33
CA TRP A 289 -5.08 -12.12 0.40
C TRP A 289 -5.86 -10.84 0.31
N SER A 290 -7.17 -10.99 0.25
CA SER A 290 -8.08 -9.86 0.01
C SER A 290 -8.39 -9.03 1.26
N ASP A 291 -7.85 -9.43 2.40
CA ASP A 291 -8.25 -8.87 3.70
C ASP A 291 -8.12 -7.35 3.72
N MET A 292 -6.98 -6.88 3.26
CA MET A 292 -6.67 -5.47 3.21
C MET A 292 -7.72 -4.59 2.48
N PHE A 293 -8.50 -5.18 1.58
CA PHE A 293 -9.53 -4.47 0.84
C PHE A 293 -10.95 -4.73 1.32
N PHE A 294 -11.11 -5.39 2.46
CA PHE A 294 -12.43 -5.67 3.01
C PHE A 294 -13.26 -4.38 3.22
N LYS A 295 -12.61 -3.31 3.63
CA LYS A 295 -13.34 -2.04 3.85
C LYS A 295 -13.94 -1.44 2.57
N LEU A 296 -13.37 -1.72 1.40
CA LEU A 296 -13.98 -1.26 0.14
C LEU A 296 -15.30 -1.94 -0.17
N MET A 297 -15.64 -3.05 0.52
CA MET A 297 -16.80 -3.86 0.08
C MET A 297 -18.11 -3.42 0.73
N PRO A 310 -12.76 7.08 4.70
CA PRO A 310 -11.88 8.23 4.41
C PRO A 310 -11.44 8.23 2.95
N GLU A 311 -12.07 9.09 2.15
CA GLU A 311 -12.08 9.00 0.66
C GLU A 311 -10.70 8.95 -0.03
N GLU A 312 -9.72 9.69 0.50
CA GLU A 312 -8.37 9.68 -0.08
C GLU A 312 -7.68 8.31 0.12
N THR A 313 -8.12 7.57 1.13
CA THR A 313 -7.61 6.22 1.37
C THR A 313 -8.40 5.23 0.50
N ARG A 314 -9.73 5.38 0.43
CA ARG A 314 -10.56 4.55 -0.46
C ARG A 314 -10.01 4.60 -1.89
N VAL A 315 -9.61 5.78 -2.34
CA VAL A 315 -9.04 5.96 -3.67
C VAL A 315 -7.72 5.22 -3.88
N TYR A 316 -6.82 5.34 -2.89
CA TYR A 316 -5.51 4.67 -2.93
C TYR A 316 -5.71 3.14 -3.04
N LEU A 317 -6.55 2.62 -2.14
CA LEU A 317 -6.89 1.19 -2.14
C LEU A 317 -7.43 0.72 -3.49
N ASP A 318 -8.32 1.51 -4.07
CA ASP A 318 -8.98 1.16 -5.31
C ASP A 318 -8.00 1.05 -6.47
N ARG A 319 -7.05 1.98 -6.49
CA ARG A 319 -6.00 1.97 -7.49
C ARG A 319 -5.09 0.76 -7.33
N LEU A 320 -4.86 0.35 -6.09
CA LEU A 320 -3.96 -0.76 -5.83
C LEU A 320 -4.63 -2.11 -6.08
N LYS A 321 -5.89 -2.26 -5.68
CA LYS A 321 -6.59 -3.52 -5.94
C LYS A 321 -6.57 -3.87 -7.43
N ASP A 322 -6.44 -2.86 -8.30
CA ASP A 322 -6.44 -3.09 -9.74
C ASP A 322 -5.15 -3.67 -10.24
N ARG A 323 -4.13 -3.73 -9.40
CA ARG A 323 -2.82 -4.21 -9.86
C ARG A 323 -2.53 -5.65 -9.43
N VAL A 324 -3.49 -6.26 -8.72
CA VAL A 324 -3.29 -7.59 -8.16
C VAL A 324 -4.48 -8.50 -8.37
N THR A 325 -4.23 -9.78 -8.14
CA THR A 325 -5.27 -10.78 -7.99
C THR A 325 -5.54 -10.96 -6.49
N LEU A 326 -6.77 -10.67 -6.10
CA LEU A 326 -7.17 -10.85 -4.73
C LEU A 326 -7.47 -12.33 -4.46
N VAL A 327 -7.13 -12.83 -3.26
CA VAL A 327 -7.46 -14.23 -2.91
C VAL A 327 -8.39 -14.28 -1.71
N TYR A 328 -9.60 -14.80 -1.91
CA TYR A 328 -10.54 -14.96 -0.80
C TYR A 328 -10.30 -16.35 -0.21
N TRP A 329 -9.86 -16.37 1.04
CA TRP A 329 -9.49 -17.62 1.72
C TRP A 329 -10.54 -17.99 2.76
N ASP A 330 -10.92 -19.25 2.77
CA ASP A 330 -11.89 -19.70 3.73
C ASP A 330 -11.81 -21.20 3.76
N TYR A 331 -11.54 -21.76 4.94
CA TYR A 331 -11.33 -23.19 5.11
C TYR A 331 -12.40 -23.85 5.96
N TYR A 332 -13.44 -23.08 6.32
CA TYR A 332 -14.31 -23.38 7.48
C TYR A 332 -15.81 -23.53 7.23
N GLN A 333 -16.33 -22.86 6.20
CA GLN A 333 -17.79 -22.67 6.11
C GLN A 333 -18.49 -23.92 5.66
N ASP A 334 -19.57 -24.27 6.34
CA ASP A 334 -20.30 -25.50 6.06
C ASP A 334 -21.45 -25.36 5.06
N SER A 335 -21.56 -24.22 4.37
CA SER A 335 -22.60 -24.06 3.33
C SER A 335 -22.26 -23.08 2.20
N GLU A 336 -22.72 -23.44 1.00
CA GLU A 336 -22.58 -22.64 -0.22
C GLU A 336 -22.87 -21.16 -0.03
N GLU A 337 -24.01 -20.85 0.59
CA GLU A 337 -24.47 -19.46 0.67
C GLU A 337 -23.51 -18.56 1.46
N LYS A 338 -22.92 -19.09 2.54
CA LYS A 338 -21.88 -18.34 3.27
C LYS A 338 -20.72 -17.93 2.38
N TYR A 339 -20.27 -18.84 1.50
CA TYR A 339 -19.24 -18.48 0.53
C TYR A 339 -19.77 -17.45 -0.49
N ASN A 340 -20.99 -17.68 -1.00
CA ASN A 340 -21.59 -16.77 -2.03
C ASN A 340 -21.63 -15.34 -1.57
N ARG A 341 -22.13 -15.14 -0.34
CA ARG A 341 -22.24 -13.80 0.25
C ARG A 341 -20.90 -13.09 0.14
N ASN A 342 -19.84 -13.80 0.50
CA ASN A 342 -18.50 -13.24 0.38
C ASN A 342 -18.05 -13.00 -1.04
N PHE A 343 -18.32 -13.94 -1.93
CA PHE A 343 -17.91 -13.80 -3.34
C PHE A 343 -18.60 -12.58 -3.98
N ARG A 344 -19.89 -12.45 -3.70
CA ARG A 344 -20.68 -11.28 -4.15
C ARG A 344 -20.03 -9.99 -3.70
N ASN A 345 -19.75 -9.88 -2.39
CA ASN A 345 -19.08 -8.71 -1.85
C ASN A 345 -17.79 -8.41 -2.58
N HIS A 346 -17.02 -9.46 -2.87
CA HIS A 346 -15.76 -9.27 -3.56
C HIS A 346 -15.91 -8.80 -4.98
N HIS A 347 -16.88 -9.37 -5.69
CA HIS A 347 -17.10 -8.98 -7.09
C HIS A 347 -17.53 -7.53 -7.24
N LYS A 348 -18.18 -6.99 -6.19
CA LYS A 348 -18.47 -5.56 -6.12
C LYS A 348 -17.19 -4.70 -6.21
N ILE A 349 -16.00 -5.28 -6.03
CA ILE A 349 -14.77 -4.47 -6.18
C ILE A 349 -13.75 -5.05 -7.15
N SER A 350 -13.80 -6.33 -7.47
CA SER A 350 -12.81 -6.90 -8.37
C SER A 350 -13.31 -8.20 -8.99
N HIS A 351 -12.97 -8.39 -10.25
CA HIS A 351 -13.27 -9.63 -10.96
C HIS A 351 -12.00 -10.49 -10.94
N ASP A 352 -10.86 -9.86 -10.64
CA ASP A 352 -9.58 -10.56 -10.61
C ASP A 352 -9.37 -11.27 -9.25
N LEU A 353 -10.03 -12.42 -9.13
CA LEU A 353 -10.30 -13.04 -7.85
C LEU A 353 -9.93 -14.50 -7.91
N ALA A 354 -9.27 -15.01 -6.88
CA ALA A 354 -9.10 -16.46 -6.72
C ALA A 354 -9.63 -16.87 -5.35
N PHE A 355 -10.00 -18.14 -5.22
CA PHE A 355 -10.42 -18.69 -3.93
C PHE A 355 -9.37 -19.65 -3.37
N ALA A 356 -9.15 -19.57 -2.06
CA ALA A 356 -8.24 -20.46 -1.36
C ALA A 356 -9.06 -21.34 -0.43
N GLY A 357 -9.11 -22.62 -0.76
CA GLY A 357 -9.68 -23.59 0.16
C GLY A 357 -8.58 -24.25 0.97
N GLY A 358 -8.94 -25.26 1.73
CA GLY A 358 -8.01 -25.86 2.68
C GLY A 358 -8.03 -27.37 2.74
N ALA A 359 -6.84 -27.98 2.56
CA ALA A 359 -6.64 -29.40 2.86
C ALA A 359 -6.13 -29.51 4.30
N TRP A 360 -7.00 -29.91 5.22
CA TRP A 360 -6.72 -29.78 6.66
C TRP A 360 -5.57 -30.68 7.14
N LYS A 361 -4.40 -30.09 7.28
CA LYS A 361 -3.23 -30.81 7.76
C LYS A 361 -2.35 -29.98 8.70
N TRP A 362 -3.01 -29.09 9.45
CA TRP A 362 -2.33 -28.14 10.31
C TRP A 362 -2.81 -28.22 11.78
N ILE A 363 -3.36 -29.35 12.17
CA ILE A 363 -3.84 -29.52 13.54
C ILE A 363 -3.14 -30.63 14.34
N GLY A 364 -1.84 -30.82 14.10
CA GLY A 364 -1.05 -31.73 14.90
C GLY A 364 -0.33 -32.83 14.11
N PHE A 365 -0.69 -34.09 14.42
CA PHE A 365 -0.09 -35.25 13.76
C PHE A 365 -1.00 -35.83 12.71
N THR A 366 -2.29 -35.50 12.82
CA THR A 366 -3.33 -36.14 12.08
C THR A 366 -4.17 -35.15 11.26
N PRO A 367 -4.35 -35.42 9.97
CA PRO A 367 -5.18 -34.56 9.10
C PRO A 367 -6.67 -34.67 9.35
N HIS A 368 -7.45 -33.86 8.62
CA HIS A 368 -8.91 -33.98 8.63
C HIS A 368 -9.44 -33.93 7.22
N ASN A 369 -9.17 -34.99 6.46
CA ASN A 369 -9.66 -35.12 5.09
C ASN A 369 -11.19 -35.12 5.01
N HIS A 370 -11.87 -35.71 6.00
CA HIS A 370 -13.33 -35.67 6.11
C HIS A 370 -13.90 -34.25 6.16
N PHE A 371 -13.32 -33.39 6.98
CA PHE A 371 -13.86 -32.08 7.13
C PHE A 371 -13.53 -31.36 5.83
N SER A 372 -12.33 -31.62 5.31
CA SER A 372 -11.91 -31.06 4.04
C SER A 372 -12.93 -31.37 2.91
N ARG A 373 -13.41 -32.60 2.87
CA ARG A 373 -14.46 -32.99 1.93
C ARG A 373 -15.74 -32.18 2.11
N LEU A 374 -16.23 -32.16 3.35
CA LEU A 374 -17.46 -31.46 3.68
C LEU A 374 -17.46 -30.03 3.11
N VAL A 375 -16.41 -29.28 3.43
CA VAL A 375 -16.33 -27.88 2.99
C VAL A 375 -15.97 -27.72 1.53
N ALA A 376 -15.24 -28.67 0.94
CA ALA A 376 -14.93 -28.61 -0.49
C ALA A 376 -16.24 -28.62 -1.32
N ILE A 377 -17.16 -29.49 -0.91
CA ILE A 377 -18.42 -29.69 -1.61
C ILE A 377 -19.16 -28.36 -1.71
N GLU A 378 -19.24 -27.63 -0.60
CA GLU A 378 -19.97 -26.35 -0.55
C GLU A 378 -19.21 -25.23 -1.23
N ALA A 379 -17.90 -25.22 -1.06
CA ALA A 379 -17.07 -24.18 -1.65
C ALA A 379 -17.09 -24.28 -3.17
N ASN A 380 -17.02 -25.52 -3.66
CA ASN A 380 -17.08 -25.75 -5.08
C ASN A 380 -18.35 -25.20 -5.70
N LYS A 381 -19.48 -25.44 -5.04
CA LYS A 381 -20.76 -24.94 -5.55
C LYS A 381 -20.70 -23.44 -5.74
N ALA A 382 -20.20 -22.76 -4.69
CA ALA A 382 -20.14 -21.30 -4.68
C ALA A 382 -19.16 -20.77 -5.72
N CYS A 383 -17.99 -21.42 -5.83
CA CYS A 383 -17.01 -20.99 -6.81
C CYS A 383 -17.66 -21.04 -8.22
N ARG A 384 -18.34 -22.15 -8.52
CA ARG A 384 -19.09 -22.30 -9.77
C ARG A 384 -20.15 -21.21 -9.95
N ALA A 385 -21.02 -21.02 -8.97
CA ALA A 385 -22.06 -19.98 -9.05
C ALA A 385 -21.49 -18.61 -9.34
N ASN A 386 -20.33 -18.31 -8.76
CA ASN A 386 -19.71 -17.00 -8.93
C ASN A 386 -18.71 -16.94 -10.07
N GLN A 387 -18.70 -17.99 -10.89
CA GLN A 387 -17.68 -18.24 -11.92
C GLN A 387 -16.26 -17.84 -11.54
N ILE A 388 -15.83 -18.37 -10.41
CA ILE A 388 -14.47 -18.15 -9.96
C ILE A 388 -13.58 -18.98 -10.88
N LYS A 389 -12.47 -18.39 -11.29
CA LYS A 389 -11.61 -18.96 -12.31
C LYS A 389 -10.51 -19.81 -11.70
N GLU A 390 -10.09 -19.47 -10.48
CA GLU A 390 -8.94 -20.08 -9.85
C GLU A 390 -9.18 -20.53 -8.40
N VAL A 391 -8.76 -21.77 -8.12
CA VAL A 391 -8.84 -22.35 -6.78
C VAL A 391 -7.45 -22.82 -6.31
N ILE A 392 -7.09 -22.40 -5.10
CA ILE A 392 -5.83 -22.78 -4.48
C ILE A 392 -6.17 -23.58 -3.26
N VAL A 393 -5.77 -24.85 -3.24
CA VAL A 393 -6.00 -25.67 -2.08
C VAL A 393 -4.77 -25.49 -1.18
N THR A 394 -4.98 -25.08 0.08
CA THR A 394 -3.87 -24.83 0.99
C THR A 394 -3.58 -25.99 1.96
N GLY A 395 -2.30 -26.33 2.13
CA GLY A 395 -1.84 -27.34 3.12
C GLY A 395 -0.97 -26.78 4.23
N TRP A 396 -1.56 -25.93 5.06
CA TRP A 396 -0.84 -25.31 6.19
C TRP A 396 -0.33 -26.35 7.20
N GLY A 397 0.68 -25.98 7.97
CA GLY A 397 1.25 -26.90 8.93
C GLY A 397 1.49 -26.28 10.29
N ASP A 398 0.57 -25.42 10.71
CA ASP A 398 0.62 -24.66 11.96
C ASP A 398 1.41 -25.27 13.14
N ASN A 399 2.36 -24.50 13.68
CA ASN A 399 2.93 -24.78 14.98
C ASN A 399 3.77 -26.07 14.97
N GLY A 400 4.64 -26.17 13.95
CA GLY A 400 5.62 -27.24 13.94
C GLY A 400 5.64 -28.23 12.78
N GLY A 401 4.64 -28.16 11.89
CA GLY A 401 4.57 -29.04 10.72
C GLY A 401 4.52 -30.56 11.04
N GLU A 402 3.78 -30.96 12.07
CA GLU A 402 3.83 -32.35 12.55
C GLU A 402 2.93 -33.34 11.80
N THR A 403 2.10 -32.87 10.87
CA THR A 403 1.26 -33.75 10.09
C THR A 403 1.99 -34.11 8.80
N ALA A 404 1.87 -35.35 8.37
CA ALA A 404 2.56 -35.78 7.14
C ALA A 404 2.13 -34.98 5.92
N GLN A 405 3.12 -34.62 5.11
CA GLN A 405 2.91 -33.95 3.80
C GLN A 405 1.94 -34.67 2.86
N PHE A 406 2.01 -36.00 2.81
CA PHE A 406 1.15 -36.79 1.91
C PHE A 406 -0.13 -37.27 2.59
N SER A 407 -0.40 -36.82 3.82
CA SER A 407 -1.60 -37.26 4.55
C SER A 407 -2.94 -36.81 3.95
N ILE A 408 -2.88 -35.83 3.07
CA ILE A 408 -4.10 -35.19 2.54
C ILE A 408 -4.34 -35.45 1.05
N LEU A 409 -3.70 -36.46 0.48
CA LEU A 409 -3.97 -36.84 -0.89
C LEU A 409 -5.48 -36.98 -1.18
N PRO A 410 -6.29 -37.43 -0.20
CA PRO A 410 -7.69 -37.53 -0.55
C PRO A 410 -8.38 -36.19 -0.80
N SER A 411 -8.14 -35.21 0.06
CA SER A 411 -8.62 -33.86 -0.11
C SER A 411 -8.24 -33.29 -1.47
N LEU A 412 -7.02 -33.57 -1.93
CA LEU A 412 -6.59 -33.08 -3.23
C LEU A 412 -7.37 -33.75 -4.36
N GLN A 413 -7.58 -35.06 -4.28
CA GLN A 413 -8.35 -35.74 -5.34
C GLN A 413 -9.78 -35.20 -5.33
N ILE A 414 -10.32 -35.00 -4.14
CA ILE A 414 -11.65 -34.43 -3.99
C ILE A 414 -11.83 -33.14 -4.81
N TRP A 415 -10.98 -32.14 -4.56
CA TRP A 415 -11.04 -30.91 -5.32
C TRP A 415 -10.90 -31.11 -6.82
N ALA A 416 -10.05 -32.04 -7.23
CA ALA A 416 -9.86 -32.25 -8.66
C ALA A 416 -11.13 -32.84 -9.25
N GLU A 417 -11.72 -33.81 -8.57
CA GLU A 417 -12.97 -34.38 -9.04
C GLU A 417 -14.02 -33.29 -9.14
N LEU A 418 -14.11 -32.45 -8.11
CA LEU A 418 -15.17 -31.47 -8.09
C LEU A 418 -14.98 -30.49 -9.23
N SER A 419 -13.73 -30.21 -9.61
CA SER A 419 -13.45 -29.29 -10.70
C SER A 419 -13.84 -29.85 -12.04
N TYR A 420 -13.32 -31.03 -12.33
CA TYR A 420 -13.45 -31.68 -13.63
C TYR A 420 -14.79 -32.36 -13.88
N ARG A 421 -15.41 -32.90 -12.84
CA ARG A 421 -16.68 -33.63 -13.00
C ARG A 421 -17.85 -32.98 -12.32
N ASN A 422 -17.58 -32.11 -11.33
CA ASN A 422 -18.63 -31.57 -10.46
C ASN A 422 -19.41 -32.63 -9.67
N ASP A 423 -18.79 -33.78 -9.40
CA ASP A 423 -19.32 -34.75 -8.43
C ASP A 423 -18.22 -35.63 -7.93
N LEU A 424 -18.52 -36.51 -6.99
CA LEU A 424 -17.51 -37.42 -6.43
C LEU A 424 -17.71 -38.88 -6.88
N ASP A 425 -18.61 -39.11 -7.84
CA ASP A 425 -18.91 -40.45 -8.32
C ASP A 425 -17.65 -41.27 -8.64
N GLY A 426 -16.61 -40.63 -9.17
CA GLY A 426 -15.38 -41.34 -9.58
C GLY A 426 -14.19 -41.20 -8.63
N LEU A 427 -14.42 -40.59 -7.48
CA LEU A 427 -13.35 -40.20 -6.56
C LEU A 427 -12.53 -41.39 -6.10
N SER A 428 -13.20 -42.37 -5.51
CA SER A 428 -12.50 -43.52 -4.95
C SER A 428 -11.73 -44.28 -6.00
N ALA A 429 -12.37 -44.55 -7.12
CA ALA A 429 -11.74 -45.33 -8.17
C ALA A 429 -10.54 -44.59 -8.78
N HIS A 430 -10.69 -43.29 -9.05
CA HIS A 430 -9.58 -42.48 -9.58
C HIS A 430 -8.42 -42.41 -8.57
N PHE A 431 -8.78 -42.24 -7.30
CA PHE A 431 -7.82 -42.24 -6.20
C PHE A 431 -7.04 -43.56 -6.10
N LYS A 432 -7.75 -44.69 -6.16
CA LYS A 432 -7.09 -46.00 -6.13
C LYS A 432 -6.22 -46.27 -7.35
N THR A 433 -6.64 -45.81 -8.51
CA THR A 433 -5.75 -45.82 -9.69
C THR A 433 -4.46 -45.09 -9.39
N ASN A 434 -4.57 -43.93 -8.75
CA ASN A 434 -3.42 -43.03 -8.52
C ASN A 434 -2.50 -43.42 -7.37
N THR A 435 -3.06 -44.10 -6.37
CA THR A 435 -2.32 -44.35 -5.12
C THR A 435 -2.24 -45.82 -4.69
N GLY A 436 -3.15 -46.65 -5.20
CA GLY A 436 -3.26 -48.05 -4.79
C GLY A 436 -4.24 -48.30 -3.67
N LEU A 437 -4.73 -47.22 -3.02
CA LEU A 437 -5.71 -47.35 -1.94
C LEU A 437 -7.05 -46.78 -2.36
N THR A 438 -8.15 -47.38 -1.87
CA THR A 438 -9.46 -46.73 -1.96
C THR A 438 -9.41 -45.42 -1.16
N VAL A 439 -10.19 -44.43 -1.59
CA VAL A 439 -10.28 -43.18 -0.84
C VAL A 439 -10.81 -43.43 0.58
N GLU A 440 -11.66 -44.45 0.73
CA GLU A 440 -12.21 -44.78 2.02
C GLU A 440 -11.08 -45.26 2.98
N ASP A 441 -10.22 -46.16 2.52
CA ASP A 441 -9.12 -46.66 3.35
C ASP A 441 -8.12 -45.53 3.70
N PHE A 442 -7.72 -44.75 2.69
CA PHE A 442 -6.79 -43.68 2.90
C PHE A 442 -7.34 -42.67 3.91
N MET A 443 -8.63 -42.35 3.83
CA MET A 443 -9.18 -41.34 4.71
C MET A 443 -9.24 -41.81 6.19
N GLN A 444 -9.13 -43.11 6.44
CA GLN A 444 -8.96 -43.64 7.82
C GLN A 444 -7.73 -43.01 8.51
N ILE A 445 -6.84 -42.40 7.73
CA ILE A 445 -5.71 -41.66 8.29
C ILE A 445 -6.14 -40.61 9.33
N ASP A 446 -7.38 -40.12 9.21
CA ASP A 446 -7.95 -39.06 10.00
C ASP A 446 -8.36 -39.54 11.38
N LEU A 447 -8.32 -40.84 11.64
CA LEU A 447 -9.04 -41.44 12.78
C LEU A 447 -8.77 -40.87 14.17
N ALA A 448 -7.54 -40.45 14.43
CA ALA A 448 -7.22 -39.90 15.76
C ALA A 448 -7.98 -38.60 16.08
N ASN A 449 -8.64 -38.04 15.08
CA ASN A 449 -9.53 -36.89 15.27
C ASN A 449 -11.02 -37.24 15.22
N LEU A 450 -11.37 -38.42 14.74
CA LEU A 450 -12.78 -38.74 14.44
C LEU A 450 -13.49 -39.33 15.66
N LEU A 451 -13.53 -38.58 16.75
CA LEU A 451 -14.26 -39.03 17.93
C LEU A 451 -15.75 -39.11 17.57
N PRO A 452 -16.43 -40.22 17.92
CA PRO A 452 -17.81 -40.55 17.55
C PRO A 452 -18.89 -39.51 17.83
N ASP A 453 -18.75 -38.71 18.88
CA ASP A 453 -19.82 -37.77 19.22
C ASP A 453 -19.64 -36.39 18.61
N LEU A 454 -18.66 -36.22 17.74
CA LEU A 454 -18.48 -34.92 17.11
C LEU A 454 -19.40 -34.86 15.94
N PRO A 455 -20.06 -33.71 15.73
CA PRO A 455 -20.75 -33.56 14.48
C PRO A 455 -19.68 -33.32 13.42
N GLY A 456 -19.91 -33.75 12.20
CA GLY A 456 -18.83 -33.68 11.19
C GLY A 456 -18.49 -32.32 10.62
N ASN A 457 -19.14 -31.26 11.10
CA ASN A 457 -19.02 -29.95 10.44
C ASN A 457 -18.37 -28.83 11.24
N LEU A 458 -17.74 -29.19 12.36
CA LEU A 458 -16.94 -28.26 13.14
C LEU A 458 -15.46 -28.54 12.96
N SER A 459 -14.66 -27.50 12.77
CA SER A 459 -13.26 -27.66 12.42
C SER A 459 -12.35 -27.62 13.64
N GLY A 460 -11.09 -28.03 13.45
CA GLY A 460 -10.04 -27.82 14.43
C GLY A 460 -10.08 -28.65 15.69
N ILE A 461 -11.00 -29.60 15.77
CA ILE A 461 -11.14 -30.40 16.99
C ILE A 461 -10.09 -31.49 16.87
N ASN A 462 -9.03 -31.39 17.67
CA ASN A 462 -7.79 -32.09 17.38
C ASN A 462 -7.22 -32.93 18.51
N PRO A 463 -8.02 -33.86 19.06
CA PRO A 463 -7.55 -34.74 20.12
C PRO A 463 -6.24 -35.49 19.80
N ASN A 464 -5.97 -35.76 18.54
CA ASN A 464 -4.74 -36.44 18.15
C ASN A 464 -3.53 -35.82 18.82
N ARG A 465 -3.61 -34.51 18.97
CA ARG A 465 -2.48 -33.72 19.37
C ARG A 465 -2.48 -33.48 20.84
N TYR A 466 -3.57 -32.92 21.33
CA TYR A 466 -3.59 -32.52 22.73
C TYR A 466 -3.61 -33.69 23.72
N VAL A 467 -4.14 -34.85 23.33
CA VAL A 467 -4.06 -36.07 24.16
C VAL A 467 -2.61 -36.52 24.21
N PHE A 468 -1.91 -36.35 23.08
CA PHE A 468 -0.54 -36.81 23.00
C PHE A 468 0.40 -35.96 23.86
N TYR A 469 0.40 -34.65 23.67
CA TYR A 469 1.36 -33.81 24.39
C TYR A 469 0.90 -33.39 25.80
N GLN A 470 -0.29 -33.77 26.24
CA GLN A 470 -0.79 -33.39 27.57
C GLN A 470 0.08 -33.96 28.67
N ASP A 471 0.32 -33.22 29.75
CA ASP A 471 1.09 -33.72 30.89
C ASP A 471 0.39 -34.93 31.54
N ILE A 472 1.12 -35.71 32.31
CA ILE A 472 0.48 -36.77 33.11
C ILE A 472 0.00 -36.26 34.50
N LEU A 473 0.90 -35.65 35.27
CA LEU A 473 0.59 -35.20 36.64
C LEU A 473 -0.39 -34.04 36.65
N CYS A 474 -0.25 -33.19 35.63
CA CYS A 474 -1.05 -31.98 35.53
C CYS A 474 -1.78 -32.01 34.18
N PRO A 475 -2.78 -32.92 34.05
CA PRO A 475 -3.49 -33.13 32.81
C PRO A 475 -4.56 -32.04 32.60
N ILE A 476 -4.10 -30.90 32.10
CA ILE A 476 -4.93 -29.72 31.96
C ILE A 476 -5.99 -29.79 30.88
N LEU A 477 -6.00 -30.84 30.06
CA LEU A 477 -7.05 -31.03 29.07
C LEU A 477 -8.00 -32.14 29.48
N ASP A 478 -7.95 -32.56 30.73
CA ASP A 478 -8.62 -33.80 31.08
C ASP A 478 -10.16 -33.68 31.04
N GLN A 479 -10.68 -32.48 31.16
CA GLN A 479 -12.14 -32.31 31.11
C GLN A 479 -12.70 -32.47 29.70
N HIS A 480 -11.81 -32.54 28.71
CA HIS A 480 -12.20 -32.74 27.33
C HIS A 480 -12.10 -34.19 26.87
N MET A 481 -11.78 -35.07 27.81
CA MET A 481 -11.67 -36.49 27.53
C MET A 481 -12.97 -37.18 27.89
N THR A 482 -13.32 -38.21 27.11
CA THR A 482 -14.49 -39.07 27.35
C THR A 482 -14.10 -40.55 27.19
N PRO A 483 -13.41 -41.10 28.19
CA PRO A 483 -12.71 -42.37 27.95
C PRO A 483 -13.60 -43.57 27.63
N GLU A 484 -14.85 -43.57 28.06
CA GLU A 484 -15.75 -44.66 27.69
C GLU A 484 -15.91 -44.73 26.17
N GLN A 485 -15.89 -43.57 25.51
CA GLN A 485 -15.98 -43.47 24.05
CA GLN A 485 -15.97 -43.56 24.05
C GLN A 485 -14.59 -43.48 23.40
N ASP A 486 -13.70 -42.66 23.96
CA ASP A 486 -12.39 -42.39 23.33
C ASP A 486 -11.44 -43.57 23.37
N LYS A 487 -11.40 -44.27 24.49
CA LYS A 487 -10.51 -45.41 24.62
C LYS A 487 -10.77 -46.44 23.49
N PRO A 488 -12.03 -46.89 23.35
CA PRO A 488 -12.31 -47.88 22.27
C PRO A 488 -12.13 -47.34 20.84
N HIS A 489 -12.43 -46.07 20.64
CA HIS A 489 -12.21 -45.47 19.35
C HIS A 489 -10.74 -45.57 18.93
N PHE A 490 -9.86 -45.10 19.81
CA PHE A 490 -8.41 -45.07 19.55
C PHE A 490 -7.85 -46.47 19.36
N ALA A 491 -8.25 -47.41 20.21
CA ALA A 491 -7.77 -48.78 20.11
C ALA A 491 -8.18 -49.44 18.79
N GLN A 492 -9.48 -49.36 18.47
CA GLN A 492 -10.00 -49.84 17.18
C GLN A 492 -9.32 -49.16 15.99
N ALA A 493 -9.06 -47.87 16.11
CA ALA A 493 -8.36 -47.14 15.05
C ALA A 493 -6.97 -47.71 14.84
N ALA A 494 -6.29 -48.11 15.89
CA ALA A 494 -4.97 -48.70 15.73
C ALA A 494 -5.01 -49.98 14.90
N GLU A 495 -5.99 -50.86 15.16
CA GLU A 495 -6.17 -52.10 14.37
C GLU A 495 -6.50 -51.74 12.91
N THR A 496 -7.49 -50.88 12.71
CA THR A 496 -7.90 -50.50 11.36
C THR A 496 -6.71 -49.99 10.57
N LEU A 497 -5.90 -49.12 11.20
CA LEU A 497 -4.75 -48.53 10.51
C LEU A 497 -3.66 -49.55 10.27
N ALA A 498 -3.51 -50.52 11.17
CA ALA A 498 -2.49 -51.60 10.94
C ALA A 498 -2.82 -52.39 9.70
N ASN A 499 -4.11 -52.67 9.51
CA ASN A 499 -4.58 -53.44 8.34
C ASN A 499 -4.40 -52.71 7.01
N ILE A 500 -4.73 -51.43 6.98
CA ILE A 500 -4.51 -50.62 5.81
C ILE A 500 -3.02 -50.51 5.48
N LYS A 501 -2.20 -50.32 6.50
CA LYS A 501 -0.76 -50.22 6.29
C LYS A 501 -0.24 -51.40 5.44
N GLU A 502 -0.76 -52.59 5.70
CA GLU A 502 -0.29 -53.81 5.05
C GLU A 502 -0.59 -53.80 3.54
N LYS A 503 -1.60 -53.04 3.10
CA LYS A 503 -1.89 -52.92 1.67
C LYS A 503 -1.61 -51.55 1.06
N ALA A 504 -0.96 -50.65 1.81
CA ALA A 504 -0.75 -49.27 1.37
C ALA A 504 0.55 -49.08 0.58
N GLY A 505 1.31 -50.13 0.38
CA GLY A 505 2.49 -50.01 -0.47
C GLY A 505 3.39 -48.88 -0.05
N ASN A 506 3.72 -48.01 -0.99
CA ASN A 506 4.60 -46.88 -0.74
C ASN A 506 4.03 -45.78 0.20
N TYR A 507 2.75 -45.86 0.58
CA TYR A 507 2.15 -44.97 1.59
C TYR A 507 1.99 -45.61 3.00
N ALA A 508 2.55 -46.82 3.18
CA ALA A 508 2.42 -47.55 4.41
C ALA A 508 2.86 -46.73 5.62
N TYR A 509 3.95 -46.00 5.45
CA TYR A 509 4.53 -45.22 6.51
C TYR A 509 3.52 -44.28 7.15
N LEU A 510 2.60 -43.75 6.37
CA LEU A 510 1.60 -42.82 6.88
C LEU A 510 0.71 -43.51 7.90
N PHE A 511 0.32 -44.73 7.58
CA PHE A 511 -0.66 -45.45 8.38
C PHE A 511 0.03 -46.10 9.55
N GLU A 512 1.30 -46.49 9.38
CA GLU A 512 2.06 -47.08 10.48
C GLU A 512 2.19 -46.07 11.59
N THR A 513 2.56 -44.84 11.23
CA THR A 513 2.64 -43.74 12.18
C THR A 513 1.32 -43.53 12.89
N GLN A 514 0.23 -43.42 12.14
CA GLN A 514 -1.08 -43.18 12.77
C GLN A 514 -1.57 -44.34 13.62
N ALA A 515 -1.26 -45.57 13.22
CA ALA A 515 -1.67 -46.71 14.06
C ALA A 515 -0.98 -46.64 15.44
N GLN A 516 0.33 -46.33 15.46
CA GLN A 516 1.06 -46.20 16.69
C GLN A 516 0.56 -45.02 17.52
N LEU A 517 0.22 -43.91 16.86
CA LEU A 517 -0.37 -42.79 17.61
C LEU A 517 -1.66 -43.18 18.32
N ASN A 518 -2.60 -43.71 17.56
CA ASN A 518 -3.87 -44.12 18.15
C ASN A 518 -3.71 -45.12 19.30
N ALA A 519 -2.75 -46.04 19.19
CA ALA A 519 -2.52 -47.04 20.23
C ALA A 519 -2.11 -46.34 21.51
N ILE A 520 -1.27 -45.31 21.37
CA ILE A 520 -0.79 -44.59 22.51
C ILE A 520 -1.95 -43.84 23.16
N LEU A 521 -2.80 -43.24 22.33
CA LEU A 521 -3.90 -42.42 22.81
C LEU A 521 -4.97 -43.25 23.54
N SER A 522 -5.17 -44.51 23.16
CA SER A 522 -6.19 -45.34 23.83
C SER A 522 -5.96 -45.48 25.33
N SER A 523 -4.69 -45.59 25.75
CA SER A 523 -4.31 -45.58 27.18
C SER A 523 -4.07 -44.17 27.73
N LYS A 524 -3.34 -43.36 26.97
CA LYS A 524 -2.96 -42.07 27.50
C LYS A 524 -4.13 -41.14 27.72
N VAL A 525 -5.25 -41.42 27.07
CA VAL A 525 -6.40 -40.52 27.15
C VAL A 525 -6.91 -40.34 28.58
N ASP A 526 -6.79 -41.37 29.42
CA ASP A 526 -7.28 -41.24 30.80
C ASP A 526 -6.29 -41.66 31.87
N VAL A 527 -5.04 -41.90 31.51
CA VAL A 527 -4.07 -42.32 32.50
C VAL A 527 -3.98 -41.26 33.61
N GLY A 528 -4.00 -39.98 33.28
CA GLY A 528 -3.91 -38.94 34.28
C GLY A 528 -5.11 -38.92 35.23
N ARG A 529 -6.28 -39.31 34.71
CA ARG A 529 -7.50 -39.32 35.49
C ARG A 529 -7.48 -40.55 36.39
N ARG A 530 -7.01 -41.66 35.83
CA ARG A 530 -6.90 -42.90 36.56
C ARG A 530 -5.90 -42.78 37.72
N ILE A 531 -4.85 -41.98 37.56
CA ILE A 531 -3.93 -41.71 38.67
C ILE A 531 -4.65 -40.97 39.79
N ARG A 532 -5.33 -39.90 39.42
CA ARG A 532 -6.10 -39.09 40.37
C ARG A 532 -7.13 -39.90 41.15
N GLN A 533 -7.85 -40.77 40.44
CA GLN A 533 -8.85 -41.64 41.07
C GLN A 533 -8.19 -42.59 42.05
N ALA A 534 -7.07 -43.18 41.66
CA ALA A 534 -6.37 -44.10 42.53
C ALA A 534 -5.82 -43.35 43.75
N TYR A 535 -5.17 -42.21 43.49
CA TYR A 535 -4.70 -41.34 44.56
C TYR A 535 -5.84 -40.98 45.52
N GLN A 536 -7.01 -40.65 45.00
CA GLN A 536 -8.11 -40.13 45.83
C GLN A 536 -8.74 -41.21 46.67
N ALA A 537 -8.86 -42.41 46.09
CA ALA A 537 -9.39 -43.56 46.82
C ALA A 537 -8.29 -44.35 47.51
N ASP A 538 -7.10 -43.78 47.58
CA ASP A 538 -5.95 -44.47 48.18
C ASP A 538 -5.68 -45.91 47.69
N ASP A 539 -6.01 -46.20 46.45
CA ASP A 539 -5.73 -47.49 45.83
C ASP A 539 -4.26 -47.51 45.42
N LYS A 540 -3.37 -47.77 46.38
CA LYS A 540 -1.94 -47.75 46.12
C LYS A 540 -1.44 -48.87 45.21
N GLU A 541 -2.18 -49.98 45.12
CA GLU A 541 -1.83 -51.07 44.21
C GLU A 541 -1.91 -50.56 42.77
N SER A 542 -3.00 -49.88 42.46
CA SER A 542 -3.20 -49.28 41.14
C SER A 542 -2.14 -48.22 40.80
N LEU A 543 -1.77 -47.38 41.77
CA LEU A 543 -0.74 -46.36 41.57
C LEU A 543 0.61 -46.96 41.28
N GLN A 544 0.88 -48.11 41.88
CA GLN A 544 2.14 -48.78 41.72
C GLN A 544 2.19 -49.45 40.34
N GLN A 545 1.05 -49.97 39.92
CA GLN A 545 0.87 -50.60 38.62
C GLN A 545 1.08 -49.54 37.53
N ILE A 546 0.42 -48.39 37.71
CA ILE A 546 0.54 -47.25 36.81
C ILE A 546 1.99 -46.78 36.72
N ALA A 547 2.64 -46.59 37.86
CA ALA A 547 3.99 -46.02 37.88
C ALA A 547 5.07 -46.98 37.46
N ARG A 548 4.86 -48.27 37.68
CA ARG A 548 5.91 -49.25 37.35
C ARG A 548 5.70 -50.03 36.08
N GLN A 549 4.48 -50.06 35.58
CA GLN A 549 4.23 -50.86 34.38
C GLN A 549 3.72 -49.99 33.24
N GLU A 550 2.57 -49.34 33.45
CA GLU A 550 1.91 -48.60 32.41
C GLU A 550 2.77 -47.42 31.90
N LEU A 551 3.28 -46.59 32.81
CA LEU A 551 4.02 -45.39 32.39
C LEU A 551 5.37 -45.73 31.68
N PRO A 552 6.17 -46.66 32.20
CA PRO A 552 7.36 -47.04 31.44
C PRO A 552 7.02 -47.64 30.07
N GLU A 553 5.90 -48.33 29.96
CA GLU A 553 5.48 -48.89 28.69
C GLU A 553 4.97 -47.74 27.78
N LEU A 554 4.25 -46.80 28.35
CA LEU A 554 3.87 -45.59 27.62
C LEU A 554 5.09 -44.89 27.06
N ARG A 555 6.15 -44.79 27.83
CA ARG A 555 7.40 -44.18 27.33
C ARG A 555 7.96 -44.97 26.17
N SER A 556 7.96 -46.29 26.28
CA SER A 556 8.46 -47.15 25.21
C SER A 556 7.64 -46.97 23.92
N GLN A 557 6.32 -46.90 24.07
CA GLN A 557 5.42 -46.67 22.95
C GLN A 557 5.71 -45.32 22.25
N ILE A 558 5.92 -44.28 23.06
CA ILE A 558 6.18 -42.94 22.54
C ILE A 558 7.55 -42.89 21.86
N GLU A 559 8.52 -43.61 22.39
CA GLU A 559 9.82 -43.70 21.69
C GLU A 559 9.70 -44.42 20.34
N ASP A 560 8.87 -45.46 20.26
CA ASP A 560 8.60 -46.12 18.98
C ASP A 560 7.89 -45.17 18.01
N PHE A 561 6.91 -44.45 18.51
CA PHE A 561 6.24 -43.44 17.72
C PHE A 561 7.21 -42.35 17.23
N HIS A 562 8.07 -41.89 18.11
CA HIS A 562 9.09 -40.91 17.73
C HIS A 562 9.94 -41.40 16.56
N ALA A 563 10.31 -42.67 16.59
CA ALA A 563 11.07 -43.28 15.52
C ALA A 563 10.23 -43.36 14.23
N LEU A 564 8.97 -43.76 14.36
CA LEU A 564 8.06 -43.79 13.21
C LEU A 564 7.90 -42.40 12.64
N PHE A 565 7.62 -41.45 13.50
CA PHE A 565 7.51 -40.06 13.09
C PHE A 565 8.76 -39.58 12.35
N SER A 566 9.94 -39.83 12.90
CA SER A 566 11.18 -39.32 12.32
C SER A 566 11.40 -39.97 10.97
N HIS A 567 11.01 -41.23 10.84
CA HIS A 567 11.12 -41.92 9.56
C HIS A 567 10.22 -41.24 8.52
N GLN A 568 9.00 -40.91 8.96
CA GLN A 568 8.05 -40.16 8.14
C GLN A 568 8.66 -38.82 7.73
N TRP A 569 9.17 -38.09 8.71
CA TRP A 569 9.64 -36.72 8.49
C TRP A 569 10.78 -36.71 7.51
N LEU A 570 11.74 -37.58 7.76
CA LEU A 570 12.96 -37.60 6.98
C LEU A 570 12.69 -38.10 5.56
N LYS A 571 11.65 -38.90 5.38
CA LYS A 571 11.26 -39.28 4.04
C LYS A 571 10.62 -38.10 3.31
N GLU A 572 9.76 -37.32 3.98
CA GLU A 572 9.05 -36.22 3.32
C GLU A 572 9.79 -34.87 3.27
N ASN A 573 10.60 -34.56 4.29
CA ASN A 573 11.11 -33.19 4.53
C ASN A 573 12.63 -33.17 4.69
N LYS A 574 13.23 -31.99 4.64
CA LYS A 574 14.61 -31.78 5.10
C LYS A 574 14.74 -32.00 6.60
N VAL A 575 15.95 -32.29 7.07
CA VAL A 575 16.18 -32.61 8.47
C VAL A 575 15.85 -31.45 9.39
N PHE A 576 16.17 -30.24 8.95
CA PHE A 576 15.89 -29.04 9.70
C PHE A 576 14.41 -28.98 10.10
N GLY A 577 14.15 -28.66 11.35
CA GLY A 577 12.80 -28.54 11.88
C GLY A 577 12.36 -29.73 12.73
N LEU A 578 12.98 -30.88 12.45
CA LEU A 578 12.73 -32.08 13.25
C LEU A 578 13.22 -31.84 14.68
N ASP A 579 14.21 -30.96 14.84
CA ASP A 579 14.75 -30.67 16.15
C ASP A 579 13.68 -30.18 17.15
N THR A 580 12.73 -29.39 16.67
CA THR A 580 11.62 -28.97 17.51
C THR A 580 10.84 -30.17 18.00
N VAL A 581 10.59 -31.13 17.12
CA VAL A 581 9.83 -32.31 17.56
C VAL A 581 10.61 -33.15 18.57
N ASP A 582 11.91 -33.32 18.37
CA ASP A 582 12.75 -34.00 19.31
C ASP A 582 12.66 -33.33 20.69
N ILE A 583 12.69 -31.99 20.70
CA ILE A 583 12.60 -31.24 21.91
C ILE A 583 11.28 -31.50 22.60
N ARG A 584 10.18 -31.42 21.86
CA ARG A 584 8.87 -31.55 22.47
C ARG A 584 8.64 -32.96 22.98
N MET A 585 9.07 -33.97 22.23
CA MET A 585 8.78 -35.33 22.67
C MET A 585 9.73 -35.74 23.78
N GLY A 586 10.97 -35.28 23.71
CA GLY A 586 11.91 -35.47 24.82
C GLY A 586 11.31 -34.95 26.12
N GLY A 587 10.71 -33.77 26.08
CA GLY A 587 10.13 -33.17 27.26
C GLY A 587 8.97 -33.99 27.76
N LEU A 588 8.13 -34.47 26.83
CA LEU A 588 6.99 -35.29 27.23
C LEU A 588 7.48 -36.54 27.98
N LEU A 589 8.54 -37.14 27.45
CA LEU A 589 9.07 -38.35 28.03
C LEU A 589 9.57 -38.10 29.42
N GLN A 590 10.26 -36.99 29.59
CA GLN A 590 10.84 -36.59 30.86
C GLN A 590 9.74 -36.34 31.87
N ARG A 591 8.64 -35.74 31.43
CA ARG A 591 7.48 -35.52 32.34
C ARG A 591 6.77 -36.79 32.77
N ILE A 592 6.82 -37.79 31.90
CA ILE A 592 6.26 -39.10 32.22
C ILE A 592 7.15 -39.73 33.31
N LYS A 593 8.46 -39.64 33.17
CA LYS A 593 9.38 -40.03 34.23
C LYS A 593 9.11 -39.31 35.55
N ARG A 594 8.78 -38.02 35.49
CA ARG A 594 8.43 -37.27 36.68
C ARG A 594 7.18 -37.86 37.36
N ALA A 595 6.19 -38.28 36.59
CA ALA A 595 5.00 -38.88 37.17
C ALA A 595 5.40 -40.16 37.92
N GLU A 596 6.30 -40.91 37.28
CA GLU A 596 6.82 -42.15 37.84
C GLU A 596 7.51 -41.87 39.17
N SER A 597 8.45 -40.94 39.18
CA SER A 597 9.23 -40.66 40.38
C SER A 597 8.38 -40.07 41.48
N ARG A 598 7.47 -39.19 41.12
CA ARG A 598 6.65 -38.51 42.10
C ARG A 598 5.70 -39.51 42.77
N ILE A 599 5.12 -40.39 41.97
CA ILE A 599 4.30 -41.45 42.52
C ILE A 599 5.15 -42.31 43.44
N GLU A 600 6.36 -42.66 43.02
CA GLU A 600 7.20 -43.52 43.86
C GLU A 600 7.52 -42.89 45.23
N VAL A 601 7.87 -41.61 45.23
CA VAL A 601 8.15 -40.90 46.47
C VAL A 601 6.94 -41.02 47.39
N TYR A 602 5.76 -40.81 46.83
CA TYR A 602 4.55 -40.85 47.62
C TYR A 602 4.27 -42.25 48.16
N LEU A 603 4.48 -43.27 47.33
CA LEU A 603 4.39 -44.66 47.75
C LEU A 603 5.35 -45.00 48.88
N ALA A 604 6.52 -44.38 48.88
CA ALA A 604 7.51 -44.65 49.93
C ALA A 604 7.18 -43.98 51.27
N GLY A 605 6.08 -43.23 51.33
CA GLY A 605 5.69 -42.51 52.56
C GLY A 605 6.54 -41.30 52.87
N GLN A 606 7.41 -40.90 51.94
CA GLN A 606 8.18 -39.67 52.09
C GLN A 606 7.22 -38.48 51.96
N LEU A 607 6.46 -38.43 50.87
CA LEU A 607 5.46 -37.37 50.68
C LEU A 607 4.13 -37.75 51.29
N ASP A 608 3.56 -36.82 52.06
CA ASP A 608 2.22 -36.97 52.61
C ASP A 608 1.15 -36.74 51.55
N ARG A 609 1.43 -35.84 50.59
CA ARG A 609 0.53 -35.60 49.46
C ARG A 609 1.32 -35.27 48.19
N ILE A 610 0.73 -35.53 47.03
CA ILE A 610 1.27 -35.12 45.75
C ILE A 610 0.47 -33.89 45.34
N ASP A 611 1.10 -32.71 45.47
CA ASP A 611 0.37 -31.44 45.32
C ASP A 611 -0.23 -31.28 43.93
N GLU A 612 0.44 -31.79 42.90
CA GLU A 612 -0.09 -31.68 41.54
C GLU A 612 -1.50 -32.23 41.48
N LEU A 613 -1.71 -33.30 42.23
CA LEU A 613 -2.97 -34.03 42.21
C LEU A 613 -4.04 -33.39 43.09
N GLU A 614 -3.68 -32.39 43.88
CA GLU A 614 -4.64 -31.68 44.73
C GLU A 614 -5.27 -30.51 43.98
N VAL A 615 -4.81 -30.26 42.76
CA VAL A 615 -5.39 -29.19 41.97
C VAL A 615 -6.56 -29.74 41.20
N GLU A 616 -7.72 -29.10 41.35
CA GLU A 616 -8.93 -29.49 40.64
C GLU A 616 -8.81 -29.01 39.19
N ILE A 617 -9.14 -29.84 38.23
CA ILE A 617 -8.97 -29.52 36.81
C ILE A 617 -10.12 -28.69 36.20
N LEU A 618 -9.79 -27.55 35.60
CA LEU A 618 -10.79 -26.70 34.99
C LEU A 618 -10.88 -27.03 33.51
N PRO A 619 -11.90 -26.50 32.84
CA PRO A 619 -11.89 -26.61 31.40
C PRO A 619 -10.68 -25.89 30.81
N PHE A 620 -10.00 -26.53 29.87
CA PHE A 620 -8.90 -25.91 29.13
C PHE A 620 -9.33 -24.67 28.35
N THR A 621 -10.46 -24.77 27.65
CA THR A 621 -11.05 -23.62 26.96
C THR A 621 -12.58 -23.74 26.90
N ASP A 622 -13.26 -22.63 26.69
CA ASP A 622 -14.71 -22.66 26.56
C ASP A 622 -15.12 -22.48 25.09
N PHE A 623 -14.18 -22.65 24.15
CA PHE A 623 -14.47 -22.41 22.74
C PHE A 623 -15.65 -23.22 22.23
N TYR A 624 -15.77 -24.46 22.68
CA TYR A 624 -16.88 -25.33 22.33
C TYR A 624 -17.64 -25.76 23.59
N ALA A 625 -17.74 -24.85 24.57
CA ALA A 625 -18.41 -25.16 25.85
C ALA A 625 -19.90 -25.43 25.66
N ASP A 626 -20.51 -24.70 24.72
CA ASP A 626 -21.95 -24.81 24.45
C ASP A 626 -22.39 -26.17 23.87
N LYS A 627 -21.45 -26.93 23.31
CA LYS A 627 -21.74 -28.12 22.53
C LYS A 627 -21.91 -29.41 23.35
N ASP A 628 -22.61 -30.39 22.77
CA ASP A 628 -22.84 -31.68 23.43
C ASP A 628 -21.70 -32.70 23.22
N PHE A 629 -20.47 -32.25 23.41
CA PHE A 629 -19.32 -33.16 23.36
C PHE A 629 -18.23 -32.53 24.21
N ALA A 630 -17.33 -33.36 24.74
CA ALA A 630 -16.31 -32.85 25.63
C ALA A 630 -15.06 -32.41 24.87
N ALA A 631 -14.84 -32.92 23.65
CA ALA A 631 -13.61 -32.57 22.93
C ALA A 631 -13.56 -31.07 22.57
N THR A 632 -12.34 -30.60 22.26
CA THR A 632 -12.12 -29.16 21.99
C THR A 632 -11.00 -29.00 20.95
N THR A 633 -10.58 -27.74 20.74
CA THR A 633 -9.44 -27.41 19.88
C THR A 633 -8.32 -26.88 20.76
N ALA A 634 -7.09 -27.40 20.55
CA ALA A 634 -5.92 -26.98 21.31
C ALA A 634 -4.68 -27.20 20.45
N ASN A 635 -4.21 -26.14 19.81
CA ASN A 635 -3.23 -26.33 18.78
C ASN A 635 -1.97 -25.51 19.00
N GLN A 636 -1.60 -25.33 20.26
CA GLN A 636 -0.32 -24.74 20.61
C GLN A 636 0.40 -25.66 21.57
N TRP A 637 1.52 -26.20 21.11
CA TRP A 637 2.27 -27.16 21.87
C TRP A 637 2.53 -26.65 23.26
N HIS A 638 3.10 -25.46 23.35
CA HIS A 638 3.53 -24.92 24.62
C HIS A 638 2.40 -24.70 25.62
N THR A 639 1.14 -24.54 25.18
CA THR A 639 0.05 -24.43 26.13
C THR A 639 -0.64 -25.75 26.41
N ILE A 640 -0.51 -26.72 25.51
CA ILE A 640 -0.90 -28.09 25.80
C ILE A 640 -0.04 -28.72 26.90
N ALA A 641 1.26 -28.46 26.85
CA ALA A 641 2.24 -29.21 27.63
C ALA A 641 2.32 -28.79 29.09
N THR A 642 2.13 -27.51 29.36
CA THR A 642 2.33 -26.92 30.68
C THR A 642 1.49 -25.62 30.88
N ALA A 643 1.05 -25.43 32.12
CA ALA A 643 0.42 -24.22 32.58
C ALA A 643 1.49 -23.22 33.01
N SER A 644 2.75 -23.68 33.10
CA SER A 644 3.86 -22.83 33.56
C SER A 644 4.31 -21.96 32.41
N THR A 645 5.13 -20.94 32.70
CA THR A 645 5.75 -20.19 31.62
C THR A 645 6.84 -21.05 30.96
N ILE A 646 6.99 -20.91 29.65
CA ILE A 646 8.11 -21.57 29.00
C ILE A 646 8.81 -20.72 27.95
N TYR A 647 8.06 -19.86 27.28
CA TYR A 647 8.65 -18.96 26.29
C TYR A 647 8.78 -17.52 26.84
N THR A 648 7.91 -17.11 27.76
CA THR A 648 8.02 -15.78 28.32
C THR A 648 9.17 -15.59 29.31
N THR A 649 9.57 -14.34 29.42
CA THR A 649 10.59 -13.92 30.38
C THR A 649 9.93 -13.60 31.73
N SER B 23 -25.67 39.06 -6.16
CA SER B 23 -24.66 39.95 -6.84
C SER B 23 -23.85 40.76 -5.81
N MET B 24 -24.31 40.86 -4.56
CA MET B 24 -23.46 41.39 -3.49
C MET B 24 -22.74 40.30 -2.68
N VAL B 25 -23.05 39.03 -2.95
CA VAL B 25 -22.25 37.88 -2.48
C VAL B 25 -20.75 38.21 -2.39
N ARG B 26 -20.11 37.88 -1.27
CA ARG B 26 -18.66 37.94 -1.16
C ARG B 26 -18.10 36.56 -0.78
N PHE B 27 -17.10 36.11 -1.53
CA PHE B 27 -16.45 34.84 -1.32
C PHE B 27 -15.01 35.03 -0.89
N THR B 28 -14.54 34.17 0.01
CA THR B 28 -13.11 34.06 0.25
C THR B 28 -12.62 32.65 -0.14
N GLY B 29 -11.38 32.57 -0.62
CA GLY B 29 -10.72 31.29 -0.89
C GLY B 29 -10.83 30.77 -2.31
N LEU B 30 -11.44 31.54 -3.21
CA LEU B 30 -11.65 31.10 -4.58
C LEU B 30 -10.40 31.34 -5.37
N SER B 31 -10.19 30.50 -6.38
CA SER B 31 -9.17 30.74 -7.36
C SER B 31 -9.75 31.71 -8.36
N LEU B 32 -8.88 32.26 -9.21
CA LEU B 32 -9.30 33.11 -10.32
C LEU B 32 -10.26 32.39 -11.26
N LYS B 33 -9.93 31.15 -11.59
CA LYS B 33 -10.80 30.31 -12.41
C LYS B 33 -12.20 30.16 -11.82
N GLN B 34 -12.29 29.99 -10.50
CA GLN B 34 -13.56 29.82 -9.84
C GLN B 34 -14.42 31.09 -9.83
N THR B 35 -13.78 32.23 -9.59
CA THR B 35 -14.50 33.51 -9.57
C THR B 35 -15.14 33.77 -10.93
N GLN B 36 -14.42 33.40 -11.99
CA GLN B 36 -14.90 33.57 -13.34
C GLN B 36 -16.05 32.62 -13.65
N ALA B 37 -15.94 31.37 -13.17
CA ALA B 37 -17.02 30.42 -13.36
C ALA B 37 -18.26 30.92 -12.67
N ILE B 38 -18.11 31.45 -11.44
CA ILE B 38 -19.26 31.98 -10.68
C ILE B 38 -19.92 33.17 -11.36
N GLU B 39 -19.12 34.09 -11.89
CA GLU B 39 -19.66 35.23 -12.65
C GLU B 39 -20.62 34.75 -13.73
N VAL B 40 -20.17 33.81 -14.55
CA VAL B 40 -21.05 33.17 -15.53
C VAL B 40 -22.33 32.61 -14.90
N LEU B 41 -22.22 31.90 -13.79
CA LEU B 41 -23.40 31.24 -13.22
C LEU B 41 -24.38 32.21 -12.53
N LYS B 42 -23.96 33.46 -12.33
CA LYS B 42 -24.86 34.53 -11.89
C LYS B 42 -25.95 34.83 -12.91
N GLY B 43 -25.70 34.47 -14.18
CA GLY B 43 -26.73 34.52 -15.20
C GLY B 43 -27.90 33.59 -14.94
N HIS B 44 -27.69 32.58 -14.09
CA HIS B 44 -28.70 31.53 -13.83
C HIS B 44 -29.26 31.54 -12.42
N ILE B 45 -28.42 31.77 -11.42
CA ILE B 45 -28.85 31.77 -10.02
C ILE B 45 -28.67 33.15 -9.38
N SER B 46 -29.35 33.36 -8.26
CA SER B 46 -29.37 34.63 -7.55
C SER B 46 -28.64 34.52 -6.22
N LEU B 47 -27.36 34.87 -6.23
CA LEU B 47 -26.52 34.83 -5.00
C LEU B 47 -26.90 35.99 -4.08
N PRO B 48 -27.52 35.70 -2.92
CA PRO B 48 -27.88 36.73 -1.95
C PRO B 48 -26.67 37.40 -1.29
N ASP B 49 -26.95 38.47 -0.56
CA ASP B 49 -25.94 39.27 0.11
C ASP B 49 -25.41 38.61 1.36
N VAL B 50 -24.42 37.73 1.19
CA VAL B 50 -23.78 37.02 2.30
C VAL B 50 -22.30 36.82 2.03
N GLU B 51 -21.59 36.37 3.07
CA GLU B 51 -20.18 36.02 2.98
C GLU B 51 -20.02 34.50 3.07
N VAL B 52 -19.20 33.96 2.17
CA VAL B 52 -19.04 32.52 2.06
C VAL B 52 -17.55 32.24 1.98
N ALA B 53 -17.05 31.42 2.89
CA ALA B 53 -15.62 31.03 2.85
C ALA B 53 -15.52 29.67 2.18
N VAL B 54 -14.62 29.56 1.22
CA VAL B 54 -14.58 28.40 0.36
C VAL B 54 -13.23 27.67 0.42
N THR B 55 -13.31 26.35 0.54
CA THR B 55 -12.13 25.52 0.43
C THR B 55 -12.49 24.10 -0.03
N GLN B 56 -11.56 23.47 -0.74
CA GLN B 56 -11.64 22.04 -0.98
C GLN B 56 -11.46 21.26 0.32
N SER B 57 -12.15 20.14 0.44
CA SER B 57 -11.95 19.22 1.54
C SER B 57 -12.53 17.82 1.23
N ASP B 58 -11.76 16.79 1.57
CA ASP B 58 -12.15 15.40 1.30
CA ASP B 58 -12.13 15.40 1.33
C ASP B 58 -13.24 14.95 2.26
N GLN B 59 -13.65 15.83 3.16
CA GLN B 59 -14.61 15.45 4.18
C GLN B 59 -15.95 15.01 3.61
N ALA B 60 -16.41 15.69 2.56
CA ALA B 60 -17.72 15.40 1.96
C ALA B 60 -17.71 15.82 0.52
N SER B 61 -18.65 15.29 -0.27
CA SER B 61 -18.85 15.79 -1.63
C SER B 61 -19.20 17.26 -1.50
N ILE B 62 -20.22 17.58 -0.70
CA ILE B 62 -20.50 18.98 -0.38
C ILE B 62 -20.91 19.20 1.08
N SER B 63 -20.33 20.24 1.68
CA SER B 63 -20.75 20.68 3.01
CA SER B 63 -20.76 20.68 3.00
C SER B 63 -21.01 22.19 3.03
N ILE B 64 -22.08 22.58 3.70
CA ILE B 64 -22.35 24.01 3.91
C ILE B 64 -22.78 24.20 5.36
N GLU B 65 -22.06 25.08 6.06
CA GLU B 65 -22.36 25.43 7.46
C GLU B 65 -22.35 26.93 7.62
N GLY B 66 -23.11 27.41 8.60
CA GLY B 66 -23.14 28.83 8.93
C GLY B 66 -24.50 29.40 9.28
N GLU B 67 -24.47 30.69 9.61
CA GLU B 67 -25.67 31.42 9.97
C GLU B 67 -25.40 32.91 9.91
N GLU B 68 -26.49 33.68 9.98
CA GLU B 68 -26.46 35.14 10.01
C GLU B 68 -25.46 35.75 9.02
N GLY B 69 -25.52 35.28 7.78
CA GLY B 69 -24.77 35.90 6.70
C GLY B 69 -23.32 35.48 6.57
N HIS B 70 -22.90 34.52 7.41
CA HIS B 70 -21.55 33.97 7.32
C HIS B 70 -21.57 32.45 7.18
N TYR B 71 -21.04 31.99 6.05
CA TYR B 71 -21.12 30.59 5.69
C TYR B 71 -19.76 30.02 5.31
N GLN B 72 -19.60 28.73 5.62
CA GLN B 72 -18.41 27.97 5.28
C GLN B 72 -18.79 26.84 4.33
N LEU B 73 -18.24 26.88 3.13
CA LEU B 73 -18.62 25.94 2.09
C LEU B 73 -17.40 25.14 1.68
N THR B 74 -17.50 23.81 1.73
CA THR B 74 -16.44 22.95 1.19
C THR B 74 -16.97 21.98 0.12
N TYR B 75 -16.08 21.60 -0.78
CA TYR B 75 -16.35 20.63 -1.84
C TYR B 75 -15.20 19.62 -1.96
N ARG B 76 -15.51 18.38 -2.31
CA ARG B 76 -14.46 17.41 -2.56
C ARG B 76 -13.81 17.66 -3.91
N LYS B 77 -14.62 17.72 -4.96
CA LYS B 77 -14.09 17.94 -6.30
C LYS B 77 -14.42 19.35 -6.79
N PRO B 78 -13.52 19.95 -7.57
CA PRO B 78 -13.72 21.32 -8.04
C PRO B 78 -15.14 21.62 -8.58
N HIS B 79 -15.64 20.76 -9.47
CA HIS B 79 -16.91 21.04 -10.15
C HIS B 79 -18.08 21.12 -9.14
N GLN B 80 -17.93 20.44 -8.00
CA GLN B 80 -19.03 20.34 -7.02
C GLN B 80 -19.30 21.66 -6.30
N LEU B 81 -18.39 22.63 -6.45
CA LEU B 81 -18.64 23.98 -5.97
C LEU B 81 -19.97 24.54 -6.54
N TYR B 82 -20.28 24.22 -7.80
CA TYR B 82 -21.38 24.87 -8.50
C TYR B 82 -22.69 24.34 -8.00
N ARG B 83 -22.78 23.02 -7.82
CA ARG B 83 -23.95 22.50 -7.15
C ARG B 83 -24.09 23.09 -5.74
N ALA B 84 -22.96 23.29 -5.06
CA ALA B 84 -23.02 23.84 -3.70
C ALA B 84 -23.69 25.22 -3.66
N LEU B 85 -23.36 26.07 -4.62
CA LEU B 85 -23.96 27.40 -4.72
C LEU B 85 -25.48 27.34 -4.98
N SER B 86 -25.91 26.44 -5.85
CA SER B 86 -27.34 26.29 -6.12
C SER B 86 -28.02 25.91 -4.83
N LEU B 87 -27.41 24.96 -4.12
CA LEU B 87 -27.88 24.51 -2.84
C LEU B 87 -27.97 25.68 -1.85
N LEU B 88 -26.92 26.50 -1.84
CA LEU B 88 -26.83 27.63 -0.94
C LEU B 88 -27.95 28.63 -1.20
N VAL B 89 -28.06 29.08 -2.44
CA VAL B 89 -29.09 30.03 -2.81
C VAL B 89 -30.45 29.49 -2.37
N THR B 90 -30.69 28.20 -2.61
CA THR B 90 -31.98 27.61 -2.27
C THR B 90 -32.32 27.62 -0.77
N VAL B 91 -31.33 27.19 0.03
CA VAL B 91 -31.55 26.98 1.47
C VAL B 91 -31.79 28.30 2.23
N LEU B 92 -31.14 29.36 1.74
CA LEU B 92 -31.25 30.69 2.34
C LEU B 92 -32.60 31.34 2.11
N ALA B 93 -33.25 31.02 1.00
CA ALA B 93 -34.62 31.44 0.80
C ALA B 93 -35.49 31.16 2.01
N GLU B 94 -35.33 29.96 2.57
CA GLU B 94 -36.23 29.45 3.60
C GLU B 94 -35.69 29.62 5.02
N ALA B 95 -34.36 29.73 5.19
CA ALA B 95 -33.78 29.80 6.52
C ALA B 95 -32.38 30.40 6.54
N ASP B 96 -31.95 30.77 7.74
CA ASP B 96 -30.70 31.50 7.98
C ASP B 96 -29.53 30.56 8.32
N LYS B 97 -29.78 29.63 9.23
CA LYS B 97 -28.80 28.61 9.60
C LYS B 97 -28.80 27.51 8.54
N VAL B 98 -27.61 27.07 8.14
CA VAL B 98 -27.48 26.01 7.14
C VAL B 98 -26.74 24.81 7.71
N GLU B 99 -27.30 23.63 7.52
CA GLU B 99 -26.66 22.37 7.87
C GLU B 99 -26.76 21.42 6.67
N ILE B 100 -25.83 21.53 5.74
CA ILE B 100 -25.84 20.67 4.57
C ILE B 100 -24.59 19.84 4.51
N GLU B 101 -24.79 18.53 4.32
CA GLU B 101 -23.72 17.62 3.97
C GLU B 101 -24.21 16.65 2.91
N GLU B 102 -23.51 16.60 1.78
CA GLU B 102 -23.85 15.61 0.74
C GLU B 102 -22.67 14.69 0.46
N GLN B 103 -22.98 13.40 0.37
CA GLN B 103 -22.02 12.38 -0.06
C GLN B 103 -22.57 11.74 -1.33
N ALA B 104 -21.90 11.95 -2.45
CA ALA B 104 -22.45 11.49 -3.73
C ALA B 104 -22.16 10.00 -3.94
N ALA B 105 -23.11 9.25 -4.45
CA ALA B 105 -22.93 7.82 -4.65
C ALA B 105 -22.05 7.46 -5.85
N TYR B 106 -21.91 8.37 -6.82
CA TYR B 106 -21.16 8.08 -8.05
C TYR B 106 -19.97 8.99 -8.17
N GLU B 107 -18.83 8.41 -8.52
CA GLU B 107 -17.61 9.18 -8.79
C GLU B 107 -17.73 10.02 -10.07
N ASP B 108 -18.56 9.55 -11.02
CA ASP B 108 -18.91 10.33 -12.21
C ASP B 108 -20.40 10.25 -12.50
N LEU B 109 -20.99 11.41 -12.77
CA LEU B 109 -22.35 11.52 -13.31
C LEU B 109 -22.28 12.32 -14.62
N ALA B 110 -22.75 11.68 -15.68
CA ALA B 110 -22.63 12.24 -17.01
C ALA B 110 -23.96 12.44 -17.73
N TYR B 111 -23.98 13.41 -18.64
CA TYR B 111 -25.10 13.54 -19.55
C TYR B 111 -24.61 13.47 -20.95
N MET B 112 -25.22 12.57 -21.73
CA MET B 112 -24.87 12.35 -23.14
C MET B 112 -25.97 12.88 -24.06
N VAL B 113 -25.64 13.91 -24.82
CA VAL B 113 -26.54 14.48 -25.80
C VAL B 113 -26.38 13.76 -27.15
N ASP B 114 -27.49 13.25 -27.69
CA ASP B 114 -27.51 12.74 -29.06
C ASP B 114 -27.32 13.85 -30.08
N CYS B 115 -26.25 13.76 -30.89
CA CYS B 115 -25.95 14.69 -32.00
C CYS B 115 -25.84 13.99 -33.36
N SER B 116 -26.51 12.84 -33.45
CA SER B 116 -26.47 11.98 -34.63
C SER B 116 -27.82 11.68 -35.31
N ARG B 117 -28.96 12.04 -34.70
CA ARG B 117 -30.25 11.76 -35.37
C ARG B 117 -30.85 13.01 -36.10
N ASN B 118 -29.99 13.93 -36.48
CA ASN B 118 -30.32 15.14 -37.25
C ASN B 118 -30.11 16.41 -36.47
N ALA B 119 -30.30 16.34 -35.17
CA ALA B 119 -30.12 17.50 -34.31
C ALA B 119 -28.69 17.56 -33.72
N VAL B 120 -27.89 18.49 -34.24
CA VAL B 120 -26.55 18.71 -33.74
C VAL B 120 -26.59 19.91 -32.80
N LEU B 121 -26.49 19.69 -31.49
CA LEU B 121 -26.47 20.78 -30.51
C LEU B 121 -25.44 21.84 -30.90
N ASN B 122 -25.86 23.09 -31.07
CA ASN B 122 -24.92 24.12 -31.49
C ASN B 122 -24.06 24.59 -30.31
N VAL B 123 -22.97 25.29 -30.63
CA VAL B 123 -21.94 25.58 -29.64
C VAL B 123 -22.50 26.43 -28.50
N ALA B 124 -23.23 27.50 -28.84
CA ALA B 124 -23.85 28.31 -27.79
C ALA B 124 -24.75 27.50 -26.87
N SER B 125 -25.46 26.53 -27.42
CA SER B 125 -26.35 25.69 -26.59
C SER B 125 -25.59 24.69 -25.72
N ALA B 126 -24.49 24.19 -26.23
CA ALA B 126 -23.61 23.31 -25.44
C ALA B 126 -23.10 24.05 -24.17
N LYS B 127 -22.71 25.31 -24.34
CA LYS B 127 -22.27 26.15 -23.22
C LYS B 127 -23.37 26.33 -22.20
N GLN B 128 -24.61 26.54 -22.64
CA GLN B 128 -25.73 26.69 -21.71
C GLN B 128 -25.97 25.36 -20.98
N MET B 129 -25.96 24.26 -21.73
CA MET B 129 -26.14 22.93 -21.13
C MET B 129 -25.07 22.64 -20.07
N ILE B 130 -23.81 22.94 -20.40
CA ILE B 130 -22.69 22.77 -19.49
C ILE B 130 -22.88 23.57 -18.21
N GLU B 131 -23.29 24.83 -18.37
CA GLU B 131 -23.60 25.69 -17.24
C GLU B 131 -24.64 25.04 -16.32
N ILE B 132 -25.72 24.55 -16.90
CA ILE B 132 -26.78 23.94 -16.09
C ILE B 132 -26.30 22.62 -15.43
N LEU B 133 -25.57 21.82 -16.20
CA LEU B 133 -25.02 20.58 -15.66
C LEU B 133 -24.09 20.85 -14.44
N ALA B 134 -23.29 21.90 -14.51
CA ALA B 134 -22.41 22.28 -13.38
C ALA B 134 -23.20 22.55 -12.11
N LEU B 135 -24.31 23.28 -12.26
CA LEU B 135 -25.18 23.65 -11.15
C LEU B 135 -25.93 22.47 -10.55
N MET B 136 -26.28 21.49 -11.37
CA MET B 136 -26.98 20.29 -10.87
C MET B 136 -26.05 19.34 -10.14
N GLY B 137 -24.81 19.29 -10.61
CA GLY B 137 -23.80 18.44 -10.01
C GLY B 137 -23.18 17.43 -10.93
N TYR B 138 -23.37 17.55 -12.24
CA TYR B 138 -22.77 16.60 -13.18
C TYR B 138 -21.27 16.86 -13.26
N SER B 139 -20.51 15.78 -13.43
CA SER B 139 -19.05 15.85 -13.59
C SER B 139 -18.60 15.78 -15.04
N THR B 140 -19.50 15.36 -15.93
CA THR B 140 -19.15 14.96 -17.29
C THR B 140 -20.24 15.29 -18.31
N PHE B 141 -19.81 15.83 -19.44
CA PHE B 141 -20.66 16.16 -20.59
C PHE B 141 -20.22 15.31 -21.77
N GLU B 142 -21.18 14.71 -22.46
CA GLU B 142 -20.87 13.82 -23.58
C GLU B 142 -21.74 14.17 -24.80
N LEU B 143 -21.17 13.99 -25.98
CA LEU B 143 -21.88 14.18 -27.24
C LEU B 143 -21.84 12.88 -28.02
N TYR B 144 -22.99 12.40 -28.49
CA TYR B 144 -23.03 11.19 -29.29
C TYR B 144 -23.01 11.50 -30.79
N MET B 145 -21.88 11.19 -31.42
CA MET B 145 -21.58 11.52 -32.81
C MET B 145 -21.20 10.27 -33.60
N GLU B 146 -22.09 9.87 -34.49
CA GLU B 146 -21.86 8.74 -35.41
C GLU B 146 -20.95 9.16 -36.52
N ASP B 147 -21.43 10.12 -37.29
CA ASP B 147 -20.69 10.70 -38.38
C ASP B 147 -20.59 12.21 -38.23
N THR B 148 -21.02 12.74 -37.08
CA THR B 148 -21.12 14.19 -36.94
C THR B 148 -19.89 14.85 -36.27
N TYR B 149 -18.70 14.35 -36.62
CA TYR B 149 -17.44 15.03 -36.35
C TYR B 149 -16.59 14.87 -37.59
N GLN B 150 -15.80 15.88 -37.89
CA GLN B 150 -15.04 15.90 -39.11
C GLN B 150 -13.78 15.06 -38.99
N ILE B 151 -13.50 14.30 -40.04
CA ILE B 151 -12.28 13.52 -40.13
C ILE B 151 -11.52 13.96 -41.38
N GLU B 152 -10.24 14.24 -41.20
CA GLU B 152 -9.41 14.76 -42.27
C GLU B 152 -9.28 13.67 -43.33
N GLY B 153 -9.40 14.06 -44.60
CA GLY B 153 -9.38 13.08 -45.69
C GLY B 153 -10.63 12.22 -45.86
N GLN B 154 -11.70 12.54 -45.14
CA GLN B 154 -12.97 11.80 -45.25
C GLN B 154 -14.11 12.77 -45.50
N PRO B 155 -14.15 13.37 -46.68
CA PRO B 155 -15.13 14.45 -46.92
C PRO B 155 -16.60 14.02 -46.93
N TYR B 156 -16.91 12.75 -47.15
CA TYR B 156 -18.32 12.33 -47.09
C TYR B 156 -18.77 12.04 -45.65
N PHE B 157 -17.83 12.02 -44.70
CA PHE B 157 -18.13 11.70 -43.30
C PHE B 157 -18.62 12.97 -42.62
N GLY B 158 -19.94 13.06 -42.44
CA GLY B 158 -20.54 14.26 -41.84
C GLY B 158 -21.01 15.29 -42.85
N TYR B 159 -20.93 14.92 -44.12
CA TYR B 159 -21.23 15.79 -45.26
C TYR B 159 -22.68 16.27 -45.23
N PHE B 160 -22.85 17.58 -45.15
CA PHE B 160 -24.16 18.23 -44.96
C PHE B 160 -24.86 17.81 -43.67
N ARG B 161 -24.10 17.27 -42.70
CA ARG B 161 -24.71 16.85 -41.43
C ARG B 161 -24.46 17.85 -40.31
N GLY B 162 -23.73 18.92 -40.61
CA GLY B 162 -23.31 19.86 -39.60
C GLY B 162 -22.33 19.24 -38.61
N ALA B 163 -21.52 18.31 -39.13
CA ALA B 163 -20.50 17.62 -38.36
C ALA B 163 -19.58 18.65 -37.70
N TYR B 164 -19.21 18.42 -36.44
CA TYR B 164 -18.41 19.40 -35.70
C TYR B 164 -17.01 19.38 -36.28
N SER B 165 -16.41 20.55 -36.39
CA SER B 165 -14.98 20.61 -36.73
C SER B 165 -14.23 20.32 -35.44
N ALA B 166 -12.97 19.94 -35.57
CA ALA B 166 -12.09 19.75 -34.41
C ALA B 166 -12.12 20.95 -33.47
N GLU B 167 -12.16 22.15 -34.04
CA GLU B 167 -12.13 23.36 -33.23
C GLU B 167 -13.40 23.63 -32.43
N GLU B 168 -14.56 23.33 -33.02
CA GLU B 168 -15.81 23.38 -32.27
C GLU B 168 -15.77 22.41 -31.11
N LEU B 169 -15.26 21.22 -31.36
CA LEU B 169 -15.18 20.22 -30.31
C LEU B 169 -14.25 20.68 -29.21
N GLN B 170 -13.13 21.28 -29.59
CA GLN B 170 -12.21 21.79 -28.60
C GLN B 170 -12.83 22.91 -27.78
N GLU B 171 -13.52 23.83 -28.46
CA GLU B 171 -14.22 24.92 -27.81
C GLU B 171 -15.19 24.41 -26.77
N ILE B 172 -15.95 23.38 -27.13
CA ILE B 172 -16.94 22.83 -26.21
C ILE B 172 -16.26 22.19 -24.99
N GLU B 173 -15.19 21.44 -25.23
CA GLU B 173 -14.41 20.80 -24.15
C GLU B 173 -13.82 21.83 -23.18
N ALA B 174 -13.13 22.82 -23.74
CA ALA B 174 -12.47 23.85 -22.95
C ALA B 174 -13.51 24.65 -22.19
N TYR B 175 -14.72 24.79 -22.72
CA TYR B 175 -15.78 25.48 -21.98
C TYR B 175 -16.21 24.66 -20.78
N ALA B 176 -16.35 23.36 -20.94
CA ALA B 176 -16.66 22.50 -19.79
C ALA B 176 -15.51 22.53 -18.77
N GLN B 177 -14.28 22.62 -19.25
CA GLN B 177 -13.11 22.68 -18.37
C GLN B 177 -13.09 23.97 -17.49
N GLN B 178 -13.66 25.07 -17.99
CA GLN B 178 -13.90 26.25 -17.14
C GLN B 178 -14.62 25.92 -15.84
N PHE B 179 -15.45 24.86 -15.87
CA PHE B 179 -16.23 24.44 -14.72
C PHE B 179 -15.77 23.14 -14.08
N ASP B 180 -14.57 22.70 -14.50
CA ASP B 180 -14.00 21.41 -14.10
C ASP B 180 -14.94 20.23 -14.41
N VAL B 181 -15.66 20.36 -15.54
CA VAL B 181 -16.48 19.28 -16.08
C VAL B 181 -15.67 18.65 -17.20
N THR B 182 -15.62 17.33 -17.25
CA THR B 182 -14.84 16.60 -18.26
C THR B 182 -15.69 16.33 -19.50
N PHE B 183 -15.02 16.07 -20.62
CA PHE B 183 -15.68 15.78 -21.89
C PHE B 183 -15.40 14.34 -22.28
N VAL B 184 -16.45 13.59 -22.63
CA VAL B 184 -16.29 12.30 -23.28
C VAL B 184 -17.06 12.23 -24.61
N PRO B 185 -16.32 12.10 -25.73
CA PRO B 185 -17.00 11.84 -27.00
C PRO B 185 -17.53 10.41 -27.04
N CYS B 186 -18.72 10.25 -27.62
CA CYS B 186 -19.30 8.93 -27.82
C CYS B 186 -19.42 8.74 -29.32
N ILE B 187 -18.70 7.75 -29.86
CA ILE B 187 -18.64 7.53 -31.29
C ILE B 187 -19.07 6.11 -31.67
N GLN B 188 -18.86 5.76 -32.94
CA GLN B 188 -19.16 4.42 -33.43
C GLN B 188 -18.01 3.92 -34.26
N THR B 189 -17.56 2.70 -33.93
CA THR B 189 -16.37 2.11 -34.57
C THR B 189 -16.69 0.86 -35.41
N LEU B 190 -17.95 0.48 -35.44
CA LEU B 190 -18.40 -0.67 -36.22
C LEU B 190 -19.72 -0.43 -36.96
N ALA B 191 -20.76 -0.07 -36.22
CA ALA B 191 -22.08 0.09 -36.82
C ALA B 191 -22.69 1.46 -36.51
N HIS B 192 -23.98 1.62 -36.83
CA HIS B 192 -24.69 2.88 -36.64
C HIS B 192 -23.94 4.01 -37.32
N LEU B 193 -23.57 3.79 -38.57
CA LEU B 193 -22.93 4.81 -39.36
C LEU B 193 -23.69 5.03 -40.67
N SER B 194 -25.01 4.84 -40.61
CA SER B 194 -25.83 4.83 -41.82
C SER B 194 -25.77 6.09 -42.67
N ALA B 195 -25.60 7.26 -42.07
CA ALA B 195 -25.59 8.52 -42.85
C ALA B 195 -24.30 8.72 -43.61
N PHE B 196 -23.27 8.00 -43.19
CA PHE B 196 -21.99 8.01 -43.91
C PHE B 196 -21.96 6.94 -45.01
N VAL B 197 -22.28 5.70 -44.65
CA VAL B 197 -22.11 4.60 -45.57
C VAL B 197 -23.09 4.61 -46.76
N LYS B 198 -24.10 5.46 -46.74
CA LYS B 198 -25.03 5.57 -47.86
C LYS B 198 -24.39 6.17 -49.12
N TRP B 199 -23.30 6.92 -48.96
CA TRP B 199 -22.73 7.67 -50.09
C TRP B 199 -22.05 6.74 -51.11
N GLY B 200 -22.54 6.81 -52.35
CA GLY B 200 -22.17 5.88 -53.40
C GLY B 200 -20.94 6.30 -54.18
N VAL B 201 -19.82 6.37 -53.47
CA VAL B 201 -18.53 6.53 -54.08
C VAL B 201 -17.65 5.38 -53.57
N LYS B 202 -16.70 4.92 -54.39
CA LYS B 202 -15.89 3.73 -54.07
C LYS B 202 -15.27 3.79 -52.69
N GLU B 203 -14.80 4.99 -52.33
CA GLU B 203 -14.01 5.19 -51.12
C GLU B 203 -14.85 5.00 -49.87
N VAL B 204 -16.18 5.06 -50.02
CA VAL B 204 -17.10 4.74 -48.95
C VAL B 204 -17.65 3.32 -49.10
N GLN B 205 -18.04 2.95 -50.32
CA GLN B 205 -18.71 1.66 -50.50
C GLN B 205 -17.77 0.50 -50.17
N GLU B 206 -16.46 0.68 -50.35
CA GLU B 206 -15.51 -0.38 -49.99
C GLU B 206 -15.28 -0.55 -48.48
N LEU B 207 -15.84 0.34 -47.66
CA LEU B 207 -15.80 0.23 -46.21
C LEU B 207 -16.96 -0.54 -45.62
N ARG B 208 -17.91 -0.94 -46.46
CA ARG B 208 -19.15 -1.53 -46.00
C ARG B 208 -19.16 -3.04 -45.96
N ASP B 209 -19.71 -3.58 -44.89
CA ASP B 209 -20.19 -4.96 -44.85
C ASP B 209 -21.64 -4.99 -45.40
N VAL B 210 -22.54 -4.36 -44.67
CA VAL B 210 -23.95 -4.37 -45.05
C VAL B 210 -24.68 -3.40 -44.14
N GLU B 211 -25.77 -2.84 -44.64
CA GLU B 211 -26.59 -1.86 -43.90
C GLU B 211 -25.72 -0.76 -43.30
N ASP B 212 -25.68 -0.63 -41.96
CA ASP B 212 -24.96 0.47 -41.29
C ASP B 212 -23.58 0.05 -40.75
N ILE B 213 -23.12 -1.13 -41.18
CA ILE B 213 -21.99 -1.81 -40.55
C ILE B 213 -20.75 -1.72 -41.43
N LEU B 214 -19.64 -1.31 -40.85
CA LEU B 214 -18.36 -1.30 -41.52
C LEU B 214 -17.85 -2.72 -41.75
N LEU B 215 -16.94 -2.85 -42.72
CA LEU B 215 -16.36 -4.14 -43.11
C LEU B 215 -15.18 -4.53 -42.23
N ILE B 216 -15.42 -5.48 -41.34
CA ILE B 216 -14.34 -6.03 -40.50
C ILE B 216 -13.31 -6.74 -41.39
N GLY B 217 -12.04 -6.43 -41.14
CA GLY B 217 -10.93 -7.09 -41.83
C GLY B 217 -10.30 -6.16 -42.84
N GLU B 218 -11.08 -5.19 -43.30
CA GLU B 218 -10.65 -4.28 -44.36
C GLU B 218 -9.72 -3.19 -43.82
N GLU B 219 -8.54 -3.03 -44.45
CA GLU B 219 -7.54 -2.08 -43.95
C GLU B 219 -7.97 -0.63 -44.10
N LYS B 220 -8.74 -0.33 -45.14
CA LYS B 220 -9.28 1.03 -45.32
C LYS B 220 -10.23 1.40 -44.17
N VAL B 221 -10.93 0.41 -43.62
CA VAL B 221 -11.74 0.60 -42.42
C VAL B 221 -10.90 1.02 -41.20
N TYR B 222 -9.70 0.43 -41.04
CA TYR B 222 -8.85 0.76 -39.89
C TYR B 222 -8.18 2.09 -40.14
N ASP B 223 -7.93 2.42 -41.40
CA ASP B 223 -7.47 3.78 -41.71
C ASP B 223 -8.55 4.77 -41.28
N LEU B 224 -9.81 4.43 -41.54
CA LEU B 224 -10.92 5.29 -41.15
C LEU B 224 -10.97 5.45 -39.64
N ILE B 225 -10.93 4.34 -38.93
CA ILE B 225 -10.98 4.36 -37.48
C ILE B 225 -9.78 5.08 -36.88
N ASP B 226 -8.61 4.93 -37.50
CA ASP B 226 -7.45 5.73 -37.11
C ASP B 226 -7.78 7.22 -37.27
N GLY B 227 -8.41 7.57 -38.39
CA GLY B 227 -8.80 8.97 -38.60
C GLY B 227 -9.74 9.50 -37.54
N MET B 228 -10.60 8.64 -37.05
CA MET B 228 -11.54 8.98 -35.97
C MET B 228 -10.78 9.40 -34.71
N PHE B 229 -9.81 8.58 -34.31
CA PHE B 229 -9.01 8.90 -33.12
C PHE B 229 -8.00 10.00 -33.37
N ALA B 230 -7.56 10.17 -34.61
CA ALA B 230 -6.70 11.32 -34.92
C ALA B 230 -7.45 12.61 -34.64
N THR B 231 -8.73 12.66 -35.03
CA THR B 231 -9.59 13.82 -34.72
C THR B 231 -9.77 13.98 -33.22
N LEU B 232 -10.16 12.89 -32.55
CA LEU B 232 -10.46 12.96 -31.12
C LEU B 232 -9.21 13.27 -30.29
N SER B 233 -8.04 12.91 -30.79
CA SER B 233 -6.77 13.15 -30.07
C SER B 233 -6.41 14.63 -29.97
N LYS B 234 -7.04 15.48 -30.79
CA LYS B 234 -6.84 16.91 -30.69
C LYS B 234 -7.48 17.50 -29.45
N LEU B 235 -8.35 16.73 -28.80
CA LEU B 235 -8.96 17.11 -27.54
C LEU B 235 -8.03 16.73 -26.39
N LYS B 236 -8.35 17.24 -25.19
CA LYS B 236 -7.56 16.93 -23.98
C LYS B 236 -8.00 15.61 -23.39
N THR B 237 -9.30 15.38 -23.44
CA THR B 237 -9.82 14.17 -22.89
C THR B 237 -9.16 13.01 -23.60
N ARG B 238 -9.03 11.91 -22.87
CA ARG B 238 -8.49 10.67 -23.38
C ARG B 238 -9.39 9.52 -22.90
N LYS B 239 -10.69 9.82 -22.84
CA LYS B 239 -11.72 8.85 -22.50
C LYS B 239 -12.80 8.94 -23.60
N VAL B 240 -13.24 7.80 -24.09
CA VAL B 240 -14.15 7.77 -25.24
C VAL B 240 -15.03 6.55 -25.13
N ASN B 241 -16.27 6.69 -25.59
CA ASN B 241 -17.19 5.58 -25.75
C ASN B 241 -17.18 5.18 -27.24
N ILE B 242 -16.69 3.97 -27.53
CA ILE B 242 -16.49 3.54 -28.91
C ILE B 242 -17.70 2.85 -29.54
N GLY B 243 -18.77 2.70 -28.78
CA GLY B 243 -19.96 2.01 -29.23
C GLY B 243 -19.82 0.50 -29.11
N MET B 244 -19.65 -0.17 -30.24
CA MET B 244 -19.39 -1.60 -30.30
C MET B 244 -20.47 -2.51 -29.72
N ASP B 245 -21.75 -2.13 -29.82
CA ASP B 245 -22.82 -3.16 -29.87
C ASP B 245 -22.42 -3.96 -31.15
N GLU B 246 -22.73 -5.24 -31.38
CA GLU B 246 -23.85 -6.05 -30.95
C GLU B 246 -24.67 -6.42 -32.22
N ALA B 247 -24.40 -5.80 -33.37
CA ALA B 247 -25.31 -5.86 -34.54
C ALA B 247 -25.50 -7.23 -35.24
N HIS B 248 -26.75 -7.65 -35.44
CA HIS B 248 -27.06 -8.98 -36.00
C HIS B 248 -26.41 -9.30 -37.33
N LEU B 249 -26.41 -8.34 -38.24
CA LEU B 249 -25.90 -8.56 -39.58
C LEU B 249 -24.38 -8.50 -39.66
N VAL B 250 -23.68 -8.21 -38.57
CA VAL B 250 -22.20 -8.19 -38.59
C VAL B 250 -21.65 -9.52 -39.16
N GLY B 251 -20.79 -9.40 -40.16
CA GLY B 251 -20.20 -10.58 -40.80
C GLY B 251 -21.03 -11.23 -41.89
N LEU B 252 -22.29 -10.80 -42.09
CA LEU B 252 -23.21 -11.49 -43.00
C LEU B 252 -23.47 -10.75 -44.32
N GLY B 253 -22.75 -9.66 -44.58
CA GLY B 253 -22.98 -8.86 -45.80
C GLY B 253 -21.92 -9.15 -46.83
N ARG B 254 -21.19 -8.11 -47.25
CA ARG B 254 -19.99 -8.32 -48.07
C ARG B 254 -18.90 -9.10 -47.33
N TYR B 255 -18.88 -9.03 -46.00
CA TYR B 255 -17.97 -9.88 -45.23
C TYR B 255 -18.17 -11.36 -45.55
N LEU B 256 -19.42 -11.81 -45.56
CA LEU B 256 -19.72 -13.19 -45.88
C LEU B 256 -19.26 -13.54 -47.29
N ILE B 257 -19.51 -12.65 -48.24
CA ILE B 257 -19.18 -12.93 -49.63
C ILE B 257 -17.67 -13.00 -49.81
N LEU B 258 -16.93 -12.12 -49.13
CA LEU B 258 -15.48 -12.08 -49.32
C LEU B 258 -14.75 -13.19 -48.57
N ASN B 259 -15.32 -13.63 -47.44
CA ASN B 259 -14.62 -14.47 -46.46
C ASN B 259 -15.35 -15.72 -45.99
N GLY B 260 -16.57 -15.94 -46.47
CA GLY B 260 -17.35 -17.06 -45.97
C GLY B 260 -17.72 -16.91 -44.52
N VAL B 261 -18.22 -18.01 -43.96
CA VAL B 261 -18.80 -18.02 -42.63
C VAL B 261 -17.72 -17.99 -41.56
N VAL B 262 -17.86 -17.09 -40.58
CA VAL B 262 -17.00 -17.10 -39.39
C VAL B 262 -17.85 -16.86 -38.16
N ASP B 263 -17.38 -17.38 -37.03
CA ASP B 263 -18.02 -17.14 -35.74
C ASP B 263 -18.05 -15.65 -35.51
N ARG B 264 -19.24 -15.13 -35.23
CA ARG B 264 -19.39 -13.68 -35.19
C ARG B 264 -18.79 -13.07 -33.91
N SER B 265 -18.71 -13.85 -32.82
CA SER B 265 -18.01 -13.40 -31.60
C SER B 265 -16.52 -13.26 -31.86
N LEU B 266 -15.95 -14.25 -32.55
CA LEU B 266 -14.53 -14.19 -32.98
C LEU B 266 -14.33 -12.94 -33.79
N LEU B 267 -15.25 -12.71 -34.71
CA LEU B 267 -15.25 -11.54 -35.55
C LEU B 267 -15.29 -10.24 -34.74
N MET B 268 -16.25 -10.14 -33.82
CA MET B 268 -16.30 -8.99 -32.90
C MET B 268 -14.96 -8.81 -32.17
N CYS B 269 -14.39 -9.91 -31.67
CA CYS B 269 -13.13 -9.82 -30.93
C CYS B 269 -12.06 -9.25 -31.81
N GLN B 270 -11.97 -9.75 -33.04
CA GLN B 270 -10.88 -9.34 -33.93
C GLN B 270 -10.93 -7.85 -34.20
N HIS B 271 -12.15 -7.37 -34.40
CA HIS B 271 -12.35 -5.99 -34.77
C HIS B 271 -12.08 -5.10 -33.56
N LEU B 272 -12.64 -5.48 -32.41
CA LEU B 272 -12.41 -4.75 -31.18
C LEU B 272 -10.92 -4.58 -30.92
N GLU B 273 -10.14 -5.67 -31.10
CA GLU B 273 -8.74 -5.59 -30.79
C GLU B 273 -8.04 -4.56 -31.68
N ARG B 274 -8.33 -4.63 -32.98
CA ARG B 274 -7.80 -3.64 -33.90
C ARG B 274 -8.15 -2.23 -33.42
N VAL B 275 -9.38 -2.06 -32.93
CA VAL B 275 -9.85 -0.75 -32.46
C VAL B 275 -9.12 -0.31 -31.19
N LEU B 276 -9.06 -1.22 -30.22
CA LEU B 276 -8.33 -0.93 -28.97
C LEU B 276 -6.85 -0.64 -29.22
N ASP B 277 -6.25 -1.27 -30.23
CA ASP B 277 -4.82 -0.99 -30.54
C ASP B 277 -4.65 0.39 -31.11
N ILE B 278 -5.64 0.85 -31.86
CA ILE B 278 -5.63 2.21 -32.38
C ILE B 278 -5.84 3.19 -31.24
N ALA B 279 -6.80 2.90 -30.37
CA ALA B 279 -7.02 3.74 -29.21
C ALA B 279 -5.73 3.83 -28.39
N ASP B 280 -5.06 2.69 -28.13
CA ASP B 280 -3.82 2.69 -27.37
C ASP B 280 -2.79 3.56 -28.05
N LYS B 281 -2.69 3.44 -29.37
CA LYS B 281 -1.77 4.27 -30.12
C LYS B 281 -1.93 5.75 -29.72
N TYR B 282 -3.19 6.20 -29.61
CA TYR B 282 -3.49 7.60 -29.35
C TYR B 282 -3.66 7.93 -27.86
N GLY B 283 -3.57 6.93 -27.00
CA GLY B 283 -3.58 7.17 -25.56
C GLY B 283 -4.97 7.17 -24.94
N PHE B 284 -5.95 6.58 -25.62
CA PHE B 284 -7.33 6.67 -25.15
C PHE B 284 -7.64 5.45 -24.31
N HIS B 285 -8.49 5.62 -23.29
CA HIS B 285 -9.15 4.50 -22.62
C HIS B 285 -10.59 4.42 -23.13
N CYS B 286 -11.04 3.22 -23.46
CA CYS B 286 -12.35 3.04 -24.10
C CYS B 286 -13.43 2.51 -23.19
N GLN B 287 -14.61 3.12 -23.31
CA GLN B 287 -15.83 2.53 -22.81
C GLN B 287 -16.60 1.94 -23.98
N MET B 288 -17.46 0.97 -23.71
CA MET B 288 -18.29 0.36 -24.76
C MET B 288 -19.44 -0.34 -24.12
N TRP B 289 -20.49 -0.57 -24.90
CA TRP B 289 -21.66 -1.25 -24.37
C TRP B 289 -21.23 -2.68 -24.12
N SER B 290 -21.88 -3.32 -23.17
CA SER B 290 -21.45 -4.59 -22.65
C SER B 290 -22.06 -5.77 -23.40
N ASP B 291 -22.91 -5.49 -24.39
CA ASP B 291 -23.69 -6.56 -25.04
C ASP B 291 -22.82 -7.65 -25.65
N MET B 292 -21.68 -7.32 -26.23
CA MET B 292 -20.87 -8.34 -26.90
C MET B 292 -20.19 -9.33 -25.94
N PHE B 293 -20.19 -8.99 -24.64
CA PHE B 293 -19.69 -9.87 -23.60
C PHE B 293 -20.80 -10.60 -22.86
N PHE B 294 -22.08 -10.40 -23.22
CA PHE B 294 -23.17 -11.14 -22.53
C PHE B 294 -22.93 -12.65 -22.46
N LYS B 295 -22.31 -13.22 -23.50
CA LYS B 295 -22.04 -14.67 -23.56
C LYS B 295 -21.11 -15.16 -22.43
N LEU B 296 -20.22 -14.31 -21.93
CA LEU B 296 -19.43 -14.64 -20.73
C LEU B 296 -20.28 -14.81 -19.43
N MET B 297 -21.49 -14.25 -19.37
CA MET B 297 -22.29 -14.21 -18.13
C MET B 297 -23.28 -15.36 -18.04
N PRO B 310 -17.47 -21.85 -27.44
CA PRO B 310 -16.11 -22.31 -27.75
C PRO B 310 -15.07 -21.59 -26.89
N GLU B 311 -14.30 -22.38 -26.14
CA GLU B 311 -13.40 -21.87 -25.10
C GLU B 311 -12.42 -20.82 -25.61
N GLU B 312 -11.81 -21.04 -26.78
CA GLU B 312 -10.81 -20.07 -27.33
C GLU B 312 -11.43 -18.69 -27.54
N THR B 313 -12.72 -18.67 -27.89
CA THR B 313 -13.48 -17.42 -27.99
C THR B 313 -13.72 -16.81 -26.60
N ARG B 314 -14.10 -17.62 -25.62
CA ARG B 314 -14.20 -17.14 -24.23
C ARG B 314 -12.87 -16.52 -23.80
N VAL B 315 -11.77 -17.09 -24.26
CA VAL B 315 -10.45 -16.62 -23.86
C VAL B 315 -10.14 -15.26 -24.48
N TYR B 316 -10.49 -15.10 -25.76
CA TYR B 316 -10.29 -13.83 -26.48
C TYR B 316 -11.17 -12.70 -25.89
N LEU B 317 -12.47 -12.99 -25.69
CA LEU B 317 -13.41 -12.04 -25.07
C LEU B 317 -12.87 -11.60 -23.72
N ASP B 318 -12.52 -12.59 -22.90
CA ASP B 318 -11.96 -12.37 -21.58
C ASP B 318 -10.78 -11.41 -21.60
N ARG B 319 -9.83 -11.57 -22.50
CA ARG B 319 -8.65 -10.69 -22.48
C ARG B 319 -8.99 -9.27 -22.95
N LEU B 320 -10.02 -9.16 -23.78
CA LEU B 320 -10.46 -7.85 -24.26
C LEU B 320 -11.31 -7.12 -23.22
N LYS B 321 -12.22 -7.83 -22.54
CA LYS B 321 -12.95 -7.25 -21.40
C LYS B 321 -12.05 -6.44 -20.46
N ASP B 322 -10.86 -6.94 -20.17
CA ASP B 322 -9.97 -6.31 -19.19
C ASP B 322 -9.37 -5.00 -19.66
N ARG B 323 -9.58 -4.63 -20.92
CA ARG B 323 -8.97 -3.41 -21.46
C ARG B 323 -9.97 -2.26 -21.65
N VAL B 324 -11.23 -2.46 -21.27
CA VAL B 324 -12.26 -1.44 -21.48
C VAL B 324 -13.19 -1.37 -20.30
N THR B 325 -13.89 -0.23 -20.22
CA THR B 325 -15.01 -0.11 -19.29
C THR B 325 -16.26 -0.59 -19.98
N LEU B 326 -16.95 -1.56 -19.37
CA LEU B 326 -18.21 -2.01 -19.91
C LEU B 326 -19.33 -1.07 -19.49
N VAL B 327 -20.34 -0.93 -20.33
CA VAL B 327 -21.47 -0.09 -19.99
C VAL B 327 -22.78 -0.85 -20.13
N TYR B 328 -23.45 -1.02 -19.01
CA TYR B 328 -24.72 -1.68 -19.00
C TYR B 328 -25.81 -0.63 -19.15
N TRP B 329 -26.60 -0.74 -20.22
CA TRP B 329 -27.56 0.32 -20.55
C TRP B 329 -28.97 -0.20 -20.41
N ASP B 330 -29.83 0.62 -19.79
CA ASP B 330 -31.18 0.18 -19.49
C ASP B 330 -32.04 1.39 -19.10
N TYR B 331 -33.06 1.65 -19.90
CA TYR B 331 -33.87 2.83 -19.77
C TYR B 331 -35.33 2.46 -19.47
N TYR B 332 -35.57 1.19 -19.18
CA TYR B 332 -36.93 0.62 -19.22
C TYR B 332 -37.39 0.03 -17.92
N GLN B 333 -36.53 -0.64 -17.16
CA GLN B 333 -37.04 -1.51 -16.07
C GLN B 333 -37.64 -0.67 -14.94
N ASP B 334 -38.72 -1.18 -14.35
CA ASP B 334 -39.50 -0.45 -13.36
C ASP B 334 -39.31 -0.96 -11.92
N SER B 335 -38.29 -1.78 -11.69
CA SER B 335 -38.04 -2.29 -10.36
C SER B 335 -36.55 -2.46 -10.12
N GLU B 336 -36.13 -2.12 -8.90
CA GLU B 336 -34.75 -2.28 -8.48
C GLU B 336 -34.16 -3.67 -8.79
N GLU B 337 -34.89 -4.71 -8.39
CA GLU B 337 -34.38 -6.08 -8.55
C GLU B 337 -34.05 -6.43 -10.03
N LYS B 338 -34.78 -5.88 -11.00
CA LYS B 338 -34.46 -6.13 -12.43
C LYS B 338 -33.11 -5.56 -12.83
N TYR B 339 -32.74 -4.42 -12.26
CA TYR B 339 -31.40 -3.88 -12.48
C TYR B 339 -30.37 -4.71 -11.70
N ASN B 340 -30.73 -5.13 -10.50
CA ASN B 340 -29.86 -5.94 -9.65
C ASN B 340 -29.36 -7.21 -10.32
N ARG B 341 -30.30 -8.02 -10.82
CA ARG B 341 -29.97 -9.32 -11.45
C ARG B 341 -28.91 -9.10 -12.54
N ASN B 342 -29.10 -8.03 -13.30
CA ASN B 342 -28.18 -7.66 -14.36
C ASN B 342 -26.85 -7.16 -13.89
N PHE B 343 -26.86 -6.35 -12.85
CA PHE B 343 -25.64 -5.84 -12.25
C PHE B 343 -24.76 -7.01 -11.68
N ARG B 344 -25.42 -7.92 -10.97
CA ARG B 344 -24.74 -9.11 -10.42
C ARG B 344 -24.05 -9.94 -11.52
N ASN B 345 -24.76 -10.21 -12.61
CA ASN B 345 -24.22 -10.95 -13.76
C ASN B 345 -22.96 -10.28 -14.34
N HIS B 346 -22.99 -8.96 -14.42
CA HIS B 346 -21.86 -8.19 -14.97
C HIS B 346 -20.63 -8.26 -14.09
N HIS B 347 -20.85 -8.18 -12.79
CA HIS B 347 -19.75 -8.17 -11.82
C HIS B 347 -18.94 -9.46 -11.74
N LYS B 348 -19.55 -10.54 -12.20
CA LYS B 348 -18.86 -11.81 -12.35
C LYS B 348 -17.85 -11.72 -13.50
N ILE B 349 -18.21 -10.99 -14.54
CA ILE B 349 -17.31 -10.83 -15.68
C ILE B 349 -16.34 -9.69 -15.37
N SER B 350 -16.83 -8.57 -14.83
CA SER B 350 -15.96 -7.39 -14.70
C SER B 350 -16.40 -6.41 -13.61
N HIS B 351 -15.44 -5.62 -13.13
CA HIS B 351 -15.72 -4.61 -12.13
C HIS B 351 -15.55 -3.20 -12.73
N ASP B 352 -14.93 -3.09 -13.91
CA ASP B 352 -14.73 -1.81 -14.56
C ASP B 352 -16.00 -1.55 -15.39
N LEU B 353 -17.01 -1.01 -14.71
CA LEU B 353 -18.40 -1.08 -15.12
C LEU B 353 -19.14 0.25 -14.88
N ALA B 354 -19.93 0.68 -15.86
CA ALA B 354 -20.76 1.89 -15.73
C ALA B 354 -22.16 1.58 -16.15
N PHE B 355 -23.11 2.35 -15.64
CA PHE B 355 -24.49 2.17 -15.99
C PHE B 355 -25.03 3.39 -16.75
N ALA B 356 -25.69 3.13 -17.86
CA ALA B 356 -26.30 4.16 -18.70
C ALA B 356 -27.80 4.13 -18.50
N GLY B 357 -28.32 5.20 -17.91
CA GLY B 357 -29.77 5.35 -17.79
C GLY B 357 -30.33 6.23 -18.88
N GLY B 358 -31.59 6.64 -18.74
CA GLY B 358 -32.33 7.31 -19.83
C GLY B 358 -33.12 8.55 -19.50
N ALA B 359 -32.80 9.66 -20.15
CA ALA B 359 -33.65 10.84 -20.08
C ALA B 359 -34.51 10.78 -21.34
N TRP B 360 -35.76 10.38 -21.20
CA TRP B 360 -36.58 10.05 -22.38
C TRP B 360 -36.94 11.28 -23.24
N LYS B 361 -36.20 11.45 -24.33
CA LYS B 361 -36.42 12.54 -25.28
C LYS B 361 -36.28 12.09 -26.76
N TRP B 362 -36.62 10.82 -27.02
CA TRP B 362 -36.42 10.19 -28.32
C TRP B 362 -37.70 9.60 -28.95
N ILE B 363 -38.85 10.03 -28.43
CA ILE B 363 -40.15 9.54 -28.91
C ILE B 363 -40.98 10.64 -29.61
N GLY B 364 -40.32 11.57 -30.32
CA GLY B 364 -41.04 12.50 -31.20
C GLY B 364 -40.70 13.96 -30.98
N PHE B 365 -41.71 14.73 -30.57
CA PHE B 365 -41.59 16.15 -30.24
C PHE B 365 -41.61 16.41 -28.72
N THR B 366 -42.02 15.41 -27.96
CA THR B 366 -42.39 15.55 -26.58
C THR B 366 -41.66 14.52 -25.74
N PRO B 367 -40.95 14.98 -24.69
CA PRO B 367 -40.14 14.06 -23.89
C PRO B 367 -41.04 13.31 -22.93
N HIS B 368 -40.44 12.46 -22.10
CA HIS B 368 -41.15 11.78 -21.00
C HIS B 368 -40.28 11.86 -19.72
N ASN B 369 -40.24 13.06 -19.14
CA ASN B 369 -39.64 13.27 -17.81
C ASN B 369 -40.31 12.39 -16.71
N HIS B 370 -41.64 12.24 -16.76
CA HIS B 370 -42.36 11.40 -15.80
C HIS B 370 -41.85 9.96 -15.75
N PHE B 371 -41.66 9.35 -16.92
CA PHE B 371 -41.23 7.97 -16.96
C PHE B 371 -39.76 7.96 -16.56
N SER B 372 -39.01 8.95 -17.04
CA SER B 372 -37.61 9.07 -16.68
C SER B 372 -37.38 9.09 -15.17
N ARG B 373 -38.29 9.73 -14.44
CA ARG B 373 -38.22 9.77 -12.98
C ARG B 373 -38.49 8.38 -12.40
N LEU B 374 -39.54 7.74 -12.87
CA LEU B 374 -39.92 6.45 -12.32
C LEU B 374 -38.75 5.45 -12.39
N VAL B 375 -38.18 5.28 -13.58
CA VAL B 375 -37.08 4.32 -13.71
C VAL B 375 -35.81 4.79 -12.98
N ALA B 376 -35.56 6.10 -12.90
CA ALA B 376 -34.39 6.59 -12.18
C ALA B 376 -34.44 6.23 -10.69
N ILE B 377 -35.62 6.37 -10.08
CA ILE B 377 -35.73 6.04 -8.66
C ILE B 377 -35.24 4.62 -8.42
N GLU B 378 -35.66 3.69 -9.28
CA GLU B 378 -35.30 2.29 -9.12
C GLU B 378 -33.86 2.00 -9.53
N ALA B 379 -33.40 2.62 -10.61
CA ALA B 379 -32.05 2.36 -11.10
C ALA B 379 -31.01 2.86 -10.12
N ASN B 380 -31.27 4.01 -9.51
CA ASN B 380 -30.40 4.58 -8.49
C ASN B 380 -30.22 3.65 -7.29
N LYS B 381 -31.32 3.12 -6.76
CA LYS B 381 -31.26 2.10 -5.72
C LYS B 381 -30.33 0.97 -6.12
N ALA B 382 -30.52 0.47 -7.34
CA ALA B 382 -29.76 -0.67 -7.80
C ALA B 382 -28.27 -0.36 -8.00
N CYS B 383 -27.94 0.80 -8.57
CA CYS B 383 -26.55 1.19 -8.78
C CYS B 383 -25.79 1.28 -7.43
N ARG B 384 -26.51 1.82 -6.42
CA ARG B 384 -25.99 1.96 -5.04
C ARG B 384 -25.78 0.58 -4.42
N ALA B 385 -26.84 -0.24 -4.35
CA ALA B 385 -26.72 -1.65 -3.92
C ALA B 385 -25.51 -2.38 -4.53
N ASN B 386 -25.22 -2.13 -5.79
CA ASN B 386 -24.13 -2.80 -6.50
C ASN B 386 -22.86 -1.95 -6.60
N GLN B 387 -22.83 -0.84 -5.89
CA GLN B 387 -21.63 -0.06 -5.73
C GLN B 387 -21.08 0.42 -7.09
N ILE B 388 -22.02 0.76 -7.98
CA ILE B 388 -21.67 1.25 -9.28
C ILE B 388 -21.04 2.61 -9.13
N LYS B 389 -19.90 2.80 -9.77
CA LYS B 389 -19.11 4.01 -9.62
C LYS B 389 -19.52 5.09 -10.61
N GLU B 390 -20.04 4.71 -11.77
CA GLU B 390 -20.38 5.72 -12.79
C GLU B 390 -21.77 5.52 -13.41
N VAL B 391 -22.45 6.65 -13.57
CA VAL B 391 -23.76 6.71 -14.18
C VAL B 391 -23.77 7.71 -15.34
N ILE B 392 -24.30 7.28 -16.48
CA ILE B 392 -24.39 8.07 -17.70
C ILE B 392 -25.86 8.19 -18.04
N VAL B 393 -26.40 9.41 -17.99
CA VAL B 393 -27.79 9.65 -18.40
C VAL B 393 -27.80 9.93 -19.91
N THR B 394 -28.47 9.09 -20.69
CA THR B 394 -28.52 9.26 -22.14
C THR B 394 -29.76 10.05 -22.62
N GLY B 395 -29.54 10.97 -23.56
CA GLY B 395 -30.62 11.74 -24.19
C GLY B 395 -30.71 11.50 -25.68
N TRP B 396 -31.12 10.29 -26.06
CA TRP B 396 -31.19 9.88 -27.45
C TRP B 396 -32.23 10.70 -28.21
N GLY B 397 -32.16 10.71 -29.53
CA GLY B 397 -33.08 11.54 -30.32
C GLY B 397 -33.70 10.81 -31.50
N ASP B 398 -33.99 9.53 -31.30
CA ASP B 398 -34.40 8.61 -32.37
C ASP B 398 -35.22 9.21 -33.51
N ASN B 399 -34.76 9.00 -34.75
CA ASN B 399 -35.61 9.18 -35.94
C ASN B 399 -35.91 10.65 -36.24
N GLY B 400 -34.91 11.51 -36.22
CA GLY B 400 -35.10 12.88 -36.64
C GLY B 400 -34.78 13.95 -35.61
N GLY B 401 -34.62 13.58 -34.35
CA GLY B 401 -34.25 14.53 -33.31
C GLY B 401 -35.29 15.63 -33.07
N GLU B 402 -36.57 15.26 -33.09
CA GLU B 402 -37.64 16.28 -33.07
C GLU B 402 -37.99 16.82 -31.68
N THR B 403 -37.43 16.21 -30.65
CA THR B 403 -37.64 16.67 -29.28
C THR B 403 -36.58 17.71 -28.91
N ALA B 404 -37.03 18.74 -28.21
CA ALA B 404 -36.13 19.80 -27.75
C ALA B 404 -34.98 19.30 -26.85
N GLN B 405 -33.82 19.91 -27.05
CA GLN B 405 -32.61 19.52 -26.29
C GLN B 405 -32.71 19.79 -24.79
N PHE B 406 -33.38 20.88 -24.44
CA PHE B 406 -33.44 21.29 -23.05
C PHE B 406 -34.74 20.83 -22.46
N SER B 407 -35.41 19.91 -23.14
CA SER B 407 -36.71 19.41 -22.69
C SER B 407 -36.59 18.47 -21.52
N ILE B 408 -35.38 17.98 -21.25
CA ILE B 408 -35.19 17.00 -20.18
C ILE B 408 -34.37 17.48 -18.99
N LEU B 409 -34.43 18.77 -18.71
CA LEU B 409 -33.75 19.31 -17.50
C LEU B 409 -34.25 18.66 -16.21
N PRO B 410 -35.55 18.39 -16.11
CA PRO B 410 -36.00 17.76 -14.87
C PRO B 410 -35.37 16.37 -14.65
N SER B 411 -35.27 15.57 -15.70
CA SER B 411 -34.65 14.26 -15.64
C SER B 411 -33.19 14.34 -15.20
N LEU B 412 -32.46 15.35 -15.72
CA LEU B 412 -31.13 15.64 -15.26
C LEU B 412 -31.07 16.02 -13.77
N GLN B 413 -31.99 16.86 -13.32
CA GLN B 413 -31.96 17.30 -11.91
C GLN B 413 -32.22 16.08 -11.06
N ILE B 414 -33.25 15.30 -11.44
CA ILE B 414 -33.62 14.11 -10.74
C ILE B 414 -32.41 13.19 -10.50
N TRP B 415 -31.61 12.96 -11.54
CA TRP B 415 -30.45 12.07 -11.38
C TRP B 415 -29.42 12.67 -10.43
N ALA B 416 -29.09 13.95 -10.63
CA ALA B 416 -28.23 14.66 -9.71
C ALA B 416 -28.75 14.56 -8.27
N GLU B 417 -30.06 14.65 -8.06
CA GLU B 417 -30.56 14.61 -6.69
C GLU B 417 -30.37 13.23 -6.10
N LEU B 418 -30.56 12.20 -6.92
CA LEU B 418 -30.44 10.86 -6.41
C LEU B 418 -28.98 10.53 -6.10
N SER B 419 -28.05 11.08 -6.88
CA SER B 419 -26.65 10.81 -6.61
C SER B 419 -26.24 11.45 -5.29
N TYR B 420 -26.54 12.73 -5.17
CA TYR B 420 -26.05 13.55 -4.05
C TYR B 420 -26.82 13.37 -2.73
N ARG B 421 -28.13 13.19 -2.79
CA ARG B 421 -28.95 13.13 -1.59
C ARG B 421 -29.67 11.81 -1.37
N ASN B 422 -29.82 11.02 -2.43
CA ASN B 422 -30.57 9.78 -2.40
C ASN B 422 -32.07 9.97 -2.10
N ASP B 423 -32.60 11.10 -2.51
CA ASP B 423 -34.04 11.38 -2.42
C ASP B 423 -34.34 12.63 -3.27
N LEU B 424 -35.63 12.94 -3.43
CA LEU B 424 -36.04 14.06 -4.27
C LEU B 424 -36.71 15.17 -3.46
N ASP B 425 -36.41 15.23 -2.15
CA ASP B 425 -36.94 16.26 -1.26
C ASP B 425 -36.53 17.65 -1.72
N GLY B 426 -35.30 17.79 -2.18
CA GLY B 426 -34.80 19.08 -2.68
C GLY B 426 -34.94 19.34 -4.17
N LEU B 427 -35.46 18.36 -4.91
CA LEU B 427 -35.64 18.47 -6.38
C LEU B 427 -36.25 19.76 -6.91
N SER B 428 -37.49 20.03 -6.53
CA SER B 428 -38.20 21.20 -7.07
C SER B 428 -37.51 22.54 -6.77
N ALA B 429 -37.07 22.73 -5.53
CA ALA B 429 -36.46 24.02 -5.12
C ALA B 429 -35.09 24.23 -5.75
N HIS B 430 -34.32 23.16 -5.78
CA HIS B 430 -33.08 23.18 -6.54
C HIS B 430 -33.33 23.42 -8.04
N PHE B 431 -34.33 22.76 -8.59
CA PHE B 431 -34.64 22.96 -9.99
C PHE B 431 -35.02 24.43 -10.26
N LYS B 432 -35.88 24.99 -9.43
CA LYS B 432 -36.31 26.37 -9.63
C LYS B 432 -35.20 27.37 -9.47
N THR B 433 -34.32 27.12 -8.49
CA THR B 433 -33.11 27.92 -8.34
C THR B 433 -32.33 27.94 -9.65
N ASN B 434 -32.22 26.80 -10.30
CA ASN B 434 -31.42 26.68 -11.52
C ASN B 434 -32.10 27.16 -12.81
N THR B 435 -33.44 27.15 -12.83
CA THR B 435 -34.18 27.37 -14.07
C THR B 435 -35.23 28.46 -14.03
N GLY B 436 -35.67 28.87 -12.85
CA GLY B 436 -36.76 29.82 -12.69
C GLY B 436 -38.14 29.17 -12.69
N LEU B 437 -38.22 27.86 -12.91
CA LEU B 437 -39.54 27.15 -12.85
C LEU B 437 -39.50 26.07 -11.80
N THR B 438 -40.65 25.78 -11.23
CA THR B 438 -40.76 24.57 -10.43
C THR B 438 -40.62 23.34 -11.34
N VAL B 439 -40.15 22.24 -10.76
CA VAL B 439 -40.05 21.02 -11.51
C VAL B 439 -41.42 20.52 -11.95
N GLU B 440 -42.45 20.74 -11.14
CA GLU B 440 -43.82 20.37 -11.51
C GLU B 440 -44.23 21.12 -12.77
N ASP B 441 -44.04 22.45 -12.78
CA ASP B 441 -44.35 23.27 -13.96
C ASP B 441 -43.53 22.81 -15.20
N PHE B 442 -42.22 22.63 -15.03
CA PHE B 442 -41.41 22.22 -16.15
C PHE B 442 -41.91 20.87 -16.71
N MET B 443 -42.23 19.93 -15.83
CA MET B 443 -42.59 18.59 -16.27
C MET B 443 -43.94 18.51 -17.00
N GLN B 444 -44.74 19.57 -16.92
CA GLN B 444 -45.90 19.68 -17.81
C GLN B 444 -45.49 19.70 -19.30
N ILE B 445 -44.21 19.91 -19.59
CA ILE B 445 -43.74 19.75 -20.94
C ILE B 445 -44.09 18.37 -21.56
N ASP B 446 -44.29 17.36 -20.70
CA ASP B 446 -44.53 15.99 -21.12
C ASP B 446 -45.95 15.73 -21.60
N LEU B 447 -46.84 16.70 -21.42
CA LEU B 447 -48.27 16.42 -21.44
C LEU B 447 -48.81 15.69 -22.70
N ALA B 448 -48.32 16.01 -23.89
CA ALA B 448 -48.85 15.39 -25.12
C ALA B 448 -48.66 13.86 -25.12
N ASN B 449 -47.86 13.34 -24.18
CA ASN B 449 -47.72 11.89 -23.99
C ASN B 449 -48.56 11.33 -22.85
N LEU B 450 -49.06 12.19 -21.96
CA LEU B 450 -49.58 11.73 -20.68
C LEU B 450 -51.07 11.52 -20.70
N LEU B 451 -51.53 10.65 -21.61
CA LEU B 451 -52.94 10.34 -21.67
C LEU B 451 -53.34 9.70 -20.36
N PRO B 452 -54.54 10.02 -19.86
CA PRO B 452 -54.97 9.64 -18.49
C PRO B 452 -55.03 8.15 -18.18
N ASP B 453 -55.27 7.29 -19.16
CA ASP B 453 -55.50 5.87 -18.86
C ASP B 453 -54.27 4.96 -19.07
N LEU B 454 -53.07 5.57 -19.13
CA LEU B 454 -51.84 4.84 -19.31
C LEU B 454 -51.25 4.51 -17.96
N PRO B 455 -50.85 3.25 -17.75
CA PRO B 455 -50.13 3.04 -16.51
C PRO B 455 -48.79 3.76 -16.64
N GLY B 456 -48.26 4.23 -15.54
CA GLY B 456 -47.09 5.07 -15.60
C GLY B 456 -45.80 4.34 -15.88
N ASN B 457 -45.83 3.00 -15.86
CA ASN B 457 -44.60 2.21 -15.96
C ASN B 457 -44.30 1.63 -17.33
N LEU B 458 -45.05 2.06 -18.34
CA LEU B 458 -44.85 1.57 -19.70
C LEU B 458 -44.20 2.65 -20.55
N SER B 459 -43.11 2.30 -21.22
CA SER B 459 -42.37 3.28 -22.00
C SER B 459 -42.74 3.29 -23.46
N GLY B 460 -42.37 4.38 -24.12
CA GLY B 460 -42.45 4.52 -25.57
C GLY B 460 -43.81 4.93 -26.12
N ILE B 461 -44.76 5.22 -25.26
CA ILE B 461 -46.14 5.45 -25.73
C ILE B 461 -46.18 6.92 -26.13
N ASN B 462 -46.26 7.19 -27.42
CA ASN B 462 -45.87 8.50 -27.92
C ASN B 462 -46.90 9.14 -28.83
N PRO B 463 -48.16 9.26 -28.34
CA PRO B 463 -49.21 9.94 -29.16
C PRO B 463 -48.83 11.34 -29.65
N ASN B 464 -47.90 12.03 -28.97
CA ASN B 464 -47.51 13.37 -29.40
C ASN B 464 -47.15 13.34 -30.88
N ARG B 465 -46.53 12.23 -31.26
CA ARG B 465 -45.90 12.11 -32.53
C ARG B 465 -46.81 11.52 -33.58
N TYR B 466 -47.44 10.39 -33.25
CA TYR B 466 -48.27 9.67 -34.23
C TYR B 466 -49.65 10.28 -34.48
N VAL B 467 -50.22 10.98 -33.52
CA VAL B 467 -51.42 11.78 -33.78
C VAL B 467 -51.05 12.95 -34.70
N PHE B 468 -49.83 13.46 -34.57
CA PHE B 468 -49.39 14.58 -35.40
C PHE B 468 -49.21 14.16 -36.86
N TYR B 469 -48.36 13.17 -37.09
CA TYR B 469 -47.99 12.80 -38.47
C TYR B 469 -48.98 11.90 -39.19
N GLN B 470 -49.97 11.37 -38.50
CA GLN B 470 -50.96 10.48 -39.13
C GLN B 470 -51.64 11.17 -40.33
N ASP B 471 -51.94 10.39 -41.35
CA ASP B 471 -52.68 10.91 -42.50
C ASP B 471 -54.10 11.27 -42.07
N ILE B 472 -54.80 12.04 -42.89
CA ILE B 472 -56.22 12.36 -42.65
C ILE B 472 -57.17 11.33 -43.29
N LEU B 473 -57.01 11.09 -44.59
CA LEU B 473 -57.86 10.14 -45.32
C LEU B 473 -57.63 8.68 -44.97
N CYS B 474 -56.39 8.34 -44.67
CA CYS B 474 -56.03 6.99 -44.39
C CYS B 474 -55.39 6.95 -43.01
N PRO B 475 -56.20 7.13 -41.93
CA PRO B 475 -55.63 7.26 -40.60
C PRO B 475 -55.36 5.91 -39.97
N ILE B 476 -54.19 5.41 -40.28
CA ILE B 476 -53.83 4.04 -39.92
C ILE B 476 -53.59 3.81 -38.43
N LEU B 477 -53.54 4.88 -37.64
CA LEU B 477 -53.46 4.77 -36.17
C LEU B 477 -54.79 5.06 -35.46
N ASP B 478 -55.89 5.09 -36.20
CA ASP B 478 -57.16 5.54 -35.61
C ASP B 478 -57.70 4.62 -34.51
N GLN B 479 -57.41 3.32 -34.57
CA GLN B 479 -57.89 2.38 -33.52
C GLN B 479 -57.20 2.62 -32.18
N HIS B 480 -56.16 3.44 -32.18
CA HIS B 480 -55.47 3.80 -30.95
C HIS B 480 -55.89 5.11 -30.33
N MET B 481 -56.85 5.79 -30.93
CA MET B 481 -57.32 7.05 -30.41
C MET B 481 -58.54 6.80 -29.54
N THR B 482 -58.66 7.62 -28.50
CA THR B 482 -59.80 7.55 -27.62
C THR B 482 -60.28 8.98 -27.44
N PRO B 483 -61.03 9.49 -28.42
CA PRO B 483 -61.33 10.93 -28.48
C PRO B 483 -61.96 11.50 -27.21
N GLU B 484 -62.87 10.75 -26.59
CA GLU B 484 -63.53 11.23 -25.39
C GLU B 484 -62.58 11.64 -24.26
N GLN B 485 -61.45 10.95 -24.07
CA GLN B 485 -60.44 11.37 -23.09
C GLN B 485 -59.30 12.17 -23.72
N ASP B 486 -58.92 11.79 -24.94
CA ASP B 486 -57.76 12.37 -25.61
C ASP B 486 -57.99 13.82 -26.01
N LYS B 487 -59.19 14.14 -26.48
CA LYS B 487 -59.51 15.46 -26.94
C LYS B 487 -59.40 16.51 -25.84
N PRO B 488 -60.11 16.32 -24.69
CA PRO B 488 -59.97 17.29 -23.60
C PRO B 488 -58.61 17.25 -22.92
N HIS B 489 -57.98 16.08 -22.89
CA HIS B 489 -56.63 16.02 -22.38
C HIS B 489 -55.73 17.00 -23.14
N PHE B 490 -55.73 16.91 -24.46
CA PHE B 490 -54.86 17.74 -25.29
C PHE B 490 -55.27 19.23 -25.21
N ALA B 491 -56.59 19.47 -25.16
CA ALA B 491 -57.07 20.84 -25.07
C ALA B 491 -56.63 21.52 -23.76
N GLN B 492 -56.87 20.85 -22.64
CA GLN B 492 -56.45 21.38 -21.36
C GLN B 492 -54.94 21.62 -21.35
N ALA B 493 -54.17 20.65 -21.84
CA ALA B 493 -52.73 20.76 -21.85
C ALA B 493 -52.26 22.00 -22.60
N ALA B 494 -52.88 22.28 -23.74
CA ALA B 494 -52.57 23.51 -24.46
C ALA B 494 -52.72 24.75 -23.59
N GLU B 495 -53.76 24.80 -22.76
CA GLU B 495 -53.98 25.94 -21.86
C GLU B 495 -52.93 25.97 -20.76
N THR B 496 -52.73 24.79 -20.14
CA THR B 496 -51.79 24.65 -19.05
C THR B 496 -50.41 25.09 -19.46
N LEU B 497 -50.03 24.74 -20.68
CA LEU B 497 -48.71 25.04 -21.19
C LEU B 497 -48.53 26.49 -21.60
N ALA B 498 -49.61 27.12 -22.06
CA ALA B 498 -49.53 28.54 -22.40
C ALA B 498 -49.30 29.37 -21.16
N ASN B 499 -49.92 28.97 -20.06
CA ASN B 499 -49.74 29.60 -18.75
C ASN B 499 -48.30 29.45 -18.33
N ILE B 500 -47.74 28.26 -18.48
CA ILE B 500 -46.35 28.05 -18.06
C ILE B 500 -45.42 28.85 -18.94
N LYS B 501 -45.66 28.84 -20.24
CA LYS B 501 -44.85 29.66 -21.17
C LYS B 501 -44.62 31.08 -20.61
N GLU B 502 -45.66 31.66 -20.06
CA GLU B 502 -45.60 33.05 -19.63
C GLU B 502 -44.64 33.27 -18.46
N LYS B 503 -44.58 32.32 -17.56
CA LYS B 503 -43.64 32.44 -16.46
C LYS B 503 -42.34 31.66 -16.67
N ALA B 504 -42.02 31.26 -17.91
CA ALA B 504 -40.90 30.33 -18.15
C ALA B 504 -39.59 31.01 -18.54
N GLY B 505 -39.61 32.33 -18.65
CA GLY B 505 -38.38 33.06 -18.90
C GLY B 505 -37.74 32.61 -20.19
N ASN B 506 -36.44 32.40 -20.17
CA ASN B 506 -35.74 31.97 -21.37
C ASN B 506 -35.96 30.49 -21.75
N TYR B 507 -36.86 29.79 -21.06
CA TYR B 507 -37.31 28.45 -21.48
C TYR B 507 -38.72 28.48 -22.09
N ALA B 508 -39.33 29.67 -22.20
CA ALA B 508 -40.68 29.85 -22.75
C ALA B 508 -40.89 29.11 -24.07
N TYR B 509 -39.90 29.21 -24.95
CA TYR B 509 -39.93 28.63 -26.25
C TYR B 509 -40.29 27.16 -26.22
N LEU B 510 -39.76 26.44 -25.23
CA LEU B 510 -40.02 25.00 -25.12
C LEU B 510 -41.51 24.79 -24.90
N PHE B 511 -42.10 25.68 -24.12
CA PHE B 511 -43.52 25.49 -23.73
C PHE B 511 -44.43 26.00 -24.80
N GLU B 512 -44.02 27.04 -25.50
CA GLU B 512 -44.82 27.56 -26.58
C GLU B 512 -45.03 26.51 -27.67
N THR B 513 -43.92 25.84 -28.05
CA THR B 513 -43.95 24.75 -29.01
C THR B 513 -44.99 23.71 -28.60
N GLN B 514 -44.85 23.21 -27.36
CA GLN B 514 -45.73 22.16 -26.84
C GLN B 514 -47.18 22.57 -26.73
N ALA B 515 -47.45 23.82 -26.40
CA ALA B 515 -48.84 24.25 -26.31
C ALA B 515 -49.49 24.14 -27.70
N GLN B 516 -48.79 24.62 -28.74
CA GLN B 516 -49.34 24.60 -30.10
C GLN B 516 -49.57 23.17 -30.58
N LEU B 517 -48.62 22.27 -30.27
CA LEU B 517 -48.78 20.86 -30.58
C LEU B 517 -50.06 20.33 -29.98
N ASN B 518 -50.24 20.56 -28.68
CA ASN B 518 -51.39 20.00 -27.99
C ASN B 518 -52.72 20.59 -28.53
N ALA B 519 -52.73 21.89 -28.84
CA ALA B 519 -53.90 22.50 -29.50
C ALA B 519 -54.23 21.75 -30.77
N ILE B 520 -53.21 21.49 -31.59
CA ILE B 520 -53.38 20.74 -32.83
C ILE B 520 -53.92 19.34 -32.60
N LEU B 521 -53.35 18.61 -31.64
CA LEU B 521 -53.77 17.23 -31.40
C LEU B 521 -55.20 17.15 -30.87
N SER B 522 -55.70 18.21 -30.24
CA SER B 522 -57.04 18.14 -29.62
C SER B 522 -58.12 17.91 -30.69
N SER B 523 -57.93 18.48 -31.87
CA SER B 523 -58.86 18.26 -33.00
C SER B 523 -58.37 17.13 -33.94
N LYS B 524 -57.06 17.12 -34.20
CA LYS B 524 -56.51 16.16 -35.15
C LYS B 524 -56.68 14.73 -34.70
N VAL B 525 -56.77 14.50 -33.40
CA VAL B 525 -56.89 13.14 -32.87
C VAL B 525 -58.07 12.37 -33.46
N ASP B 526 -59.16 13.04 -33.79
CA ASP B 526 -60.30 12.35 -34.39
C ASP B 526 -60.88 12.97 -35.66
N VAL B 527 -60.18 13.90 -36.28
CA VAL B 527 -60.74 14.47 -37.49
C VAL B 527 -60.94 13.39 -38.58
N GLY B 528 -60.03 12.41 -38.64
CA GLY B 528 -60.12 11.33 -39.60
C GLY B 528 -61.28 10.36 -39.34
N ARG B 529 -61.55 10.09 -38.06
CA ARG B 529 -62.70 9.31 -37.68
C ARG B 529 -63.98 10.06 -38.03
N ARG B 530 -64.03 11.36 -37.73
CA ARG B 530 -65.27 12.13 -37.96
C ARG B 530 -65.61 12.25 -39.45
N ILE B 531 -64.57 12.38 -40.27
CA ILE B 531 -64.77 12.31 -41.72
C ILE B 531 -65.49 11.02 -42.10
N ARG B 532 -64.99 9.91 -41.59
CA ARG B 532 -65.54 8.60 -41.89
C ARG B 532 -66.99 8.44 -41.40
N GLN B 533 -67.23 8.76 -40.13
CA GLN B 533 -68.58 8.78 -39.57
C GLN B 533 -69.51 9.60 -40.45
N ALA B 534 -69.05 10.77 -40.89
CA ALA B 534 -69.87 11.68 -41.69
C ALA B 534 -70.14 11.11 -43.07
N TYR B 535 -69.12 10.56 -43.69
CA TYR B 535 -69.25 9.89 -44.99
C TYR B 535 -70.22 8.73 -44.89
N GLN B 536 -70.08 7.92 -43.86
CA GLN B 536 -70.95 6.77 -43.66
C GLN B 536 -72.42 7.15 -43.39
N ALA B 537 -72.64 8.33 -42.81
CA ALA B 537 -73.99 8.78 -42.51
C ALA B 537 -74.50 9.77 -43.55
N ASP B 538 -73.81 9.89 -44.68
CA ASP B 538 -74.16 10.90 -45.68
C ASP B 538 -74.48 12.26 -45.07
N ASP B 539 -73.62 12.73 -44.17
CA ASP B 539 -73.75 14.07 -43.62
C ASP B 539 -72.82 15.01 -44.41
N LYS B 540 -73.30 15.38 -45.59
CA LYS B 540 -72.55 16.26 -46.46
C LYS B 540 -72.38 17.67 -45.88
N GLU B 541 -73.27 18.03 -44.95
CA GLU B 541 -73.05 19.21 -44.11
C GLU B 541 -71.72 19.12 -43.33
N SER B 542 -71.51 18.04 -42.57
CA SER B 542 -70.26 17.88 -41.81
C SER B 542 -69.02 17.82 -42.69
N LEU B 543 -69.12 17.20 -43.86
CA LEU B 543 -67.94 17.04 -44.74
C LEU B 543 -67.54 18.37 -45.35
N GLN B 544 -68.52 19.22 -45.67
CA GLN B 544 -68.21 20.55 -46.18
C GLN B 544 -67.49 21.36 -45.11
N GLN B 545 -68.02 21.29 -43.89
CA GLN B 545 -67.45 21.98 -42.74
C GLN B 545 -66.00 21.51 -42.50
N ILE B 546 -65.80 20.21 -42.48
CA ILE B 546 -64.45 19.65 -42.27
C ILE B 546 -63.48 20.11 -43.38
N ALA B 547 -63.93 19.97 -44.62
CA ALA B 547 -63.11 20.27 -45.80
C ALA B 547 -62.85 21.76 -46.01
N ARG B 548 -63.78 22.61 -45.58
CA ARG B 548 -63.68 24.04 -45.88
C ARG B 548 -63.30 24.93 -44.71
N GLN B 549 -63.63 24.51 -43.50
CA GLN B 549 -63.23 25.29 -42.31
C GLN B 549 -62.13 24.57 -41.53
N GLU B 550 -62.37 23.33 -41.13
CA GLU B 550 -61.51 22.69 -40.16
C GLU B 550 -60.11 22.40 -40.70
N LEU B 551 -60.01 21.74 -41.86
CA LEU B 551 -58.69 21.33 -42.40
C LEU B 551 -57.86 22.52 -42.85
N PRO B 552 -58.50 23.54 -43.45
CA PRO B 552 -57.66 24.73 -43.72
C PRO B 552 -57.10 25.36 -42.45
N GLU B 553 -57.89 25.35 -41.37
CA GLU B 553 -57.43 25.85 -40.10
C GLU B 553 -56.34 24.93 -39.54
N LEU B 554 -56.54 23.61 -39.64
CA LEU B 554 -55.52 22.66 -39.19
C LEU B 554 -54.17 22.99 -39.85
N ARG B 555 -54.19 23.26 -41.16
CA ARG B 555 -52.98 23.60 -41.86
C ARG B 555 -52.37 24.89 -41.32
N SER B 556 -53.21 25.87 -41.04
CA SER B 556 -52.74 27.11 -40.44
C SER B 556 -52.05 26.87 -39.10
N GLN B 557 -52.65 26.05 -38.25
CA GLN B 557 -52.04 25.72 -36.96
C GLN B 557 -50.73 24.94 -37.10
N ILE B 558 -50.64 24.11 -38.13
CA ILE B 558 -49.44 23.28 -38.35
C ILE B 558 -48.33 24.16 -38.89
N GLU B 559 -48.69 25.12 -39.73
CA GLU B 559 -47.69 26.07 -40.22
C GLU B 559 -47.13 26.86 -39.02
N ASP B 560 -48.01 27.26 -38.13
CA ASP B 560 -47.61 27.96 -36.92
C ASP B 560 -46.70 27.06 -36.10
N PHE B 561 -47.11 25.79 -35.93
CA PHE B 561 -46.29 24.82 -35.18
C PHE B 561 -44.92 24.67 -35.84
N HIS B 562 -44.91 24.50 -37.14
CA HIS B 562 -43.67 24.41 -37.89
C HIS B 562 -42.76 25.62 -37.60
N ALA B 563 -43.40 26.79 -37.53
CA ALA B 563 -42.71 28.05 -37.21
C ALA B 563 -42.07 27.99 -35.84
N LEU B 564 -42.86 27.57 -34.85
CA LEU B 564 -42.41 27.51 -33.48
C LEU B 564 -41.32 26.47 -33.31
N PHE B 565 -41.53 25.33 -33.95
CA PHE B 565 -40.55 24.26 -33.98
C PHE B 565 -39.24 24.71 -34.58
N SER B 566 -39.30 25.42 -35.71
CA SER B 566 -38.11 25.93 -36.41
C SER B 566 -37.32 26.86 -35.54
N HIS B 567 -38.03 27.71 -34.81
CA HIS B 567 -37.41 28.64 -33.90
C HIS B 567 -36.65 27.91 -32.78
N GLN B 568 -37.31 26.91 -32.21
CA GLN B 568 -36.75 26.08 -31.17
C GLN B 568 -35.50 25.34 -31.67
N TRP B 569 -35.63 24.76 -32.86
CA TRP B 569 -34.53 23.99 -33.45
C TRP B 569 -33.29 24.84 -33.70
N LEU B 570 -33.49 25.98 -34.35
CA LEU B 570 -32.40 26.86 -34.68
C LEU B 570 -31.75 27.49 -33.44
N LYS B 571 -32.50 27.69 -32.38
CA LYS B 571 -31.93 28.20 -31.16
C LYS B 571 -31.02 27.17 -30.51
N GLU B 572 -31.42 25.90 -30.58
CA GLU B 572 -30.74 24.79 -29.91
C GLU B 572 -29.68 24.08 -30.75
N ASN B 573 -29.97 23.93 -32.04
CA ASN B 573 -29.18 23.07 -32.93
C ASN B 573 -28.65 23.90 -34.05
N LYS B 574 -27.64 23.34 -34.74
CA LYS B 574 -27.24 23.79 -36.07
C LYS B 574 -28.39 23.63 -37.12
N VAL B 575 -28.30 24.37 -38.22
CA VAL B 575 -29.35 24.34 -39.25
C VAL B 575 -29.53 22.98 -39.90
N PHE B 576 -28.43 22.28 -40.15
CA PHE B 576 -28.46 20.96 -40.78
C PHE B 576 -29.35 19.95 -40.02
N GLY B 577 -30.11 19.15 -40.76
CA GLY B 577 -31.09 18.21 -40.15
C GLY B 577 -32.51 18.76 -40.08
N LEU B 578 -32.66 20.07 -40.00
CA LEU B 578 -34.00 20.68 -39.97
C LEU B 578 -34.72 20.35 -41.28
N ASP B 579 -33.95 20.15 -42.33
CA ASP B 579 -34.53 19.84 -43.64
C ASP B 579 -35.45 18.63 -43.64
N THR B 580 -35.05 17.58 -42.93
CA THR B 580 -35.93 16.42 -42.79
C THR B 580 -37.26 16.81 -42.15
N VAL B 581 -37.23 17.73 -41.20
CA VAL B 581 -38.51 18.18 -40.61
C VAL B 581 -39.38 19.01 -41.60
N ASP B 582 -38.79 19.90 -42.37
CA ASP B 582 -39.56 20.59 -43.39
C ASP B 582 -40.21 19.58 -44.33
N ILE B 583 -39.43 18.57 -44.75
CA ILE B 583 -39.91 17.56 -45.68
C ILE B 583 -41.16 16.85 -45.09
N ARG B 584 -41.06 16.41 -43.85
CA ARG B 584 -42.12 15.68 -43.20
C ARG B 584 -43.39 16.53 -42.98
N MET B 585 -43.21 17.74 -42.51
CA MET B 585 -44.37 18.60 -42.23
C MET B 585 -44.93 19.12 -43.53
N GLY B 586 -44.05 19.36 -44.49
CA GLY B 586 -44.46 19.76 -45.81
C GLY B 586 -45.39 18.73 -46.40
N GLY B 587 -45.01 17.45 -46.26
CA GLY B 587 -45.81 16.36 -46.76
C GLY B 587 -47.10 16.18 -45.99
N LEU B 588 -47.07 16.42 -44.67
CA LEU B 588 -48.32 16.39 -43.89
C LEU B 588 -49.32 17.45 -44.42
N LEU B 589 -48.82 18.65 -44.70
CA LEU B 589 -49.68 19.72 -45.14
C LEU B 589 -50.27 19.39 -46.51
N GLN B 590 -49.48 18.81 -47.40
CA GLN B 590 -49.98 18.39 -48.71
C GLN B 590 -51.04 17.33 -48.60
N ARG B 591 -50.85 16.38 -47.69
CA ARG B 591 -51.87 15.35 -47.46
C ARG B 591 -53.16 15.88 -46.87
N ILE B 592 -53.10 16.95 -46.12
CA ILE B 592 -54.32 17.60 -45.65
C ILE B 592 -55.02 18.30 -46.83
N LYS B 593 -54.24 18.92 -47.72
CA LYS B 593 -54.83 19.46 -48.93
C LYS B 593 -55.50 18.38 -49.77
N ARG B 594 -54.92 17.18 -49.80
CA ARG B 594 -55.54 16.12 -50.53
C ARG B 594 -56.85 15.74 -49.90
N ALA B 595 -56.94 15.77 -48.58
CA ALA B 595 -58.21 15.43 -47.92
C ALA B 595 -59.27 16.42 -48.34
N GLU B 596 -58.86 17.68 -48.37
CA GLU B 596 -59.71 18.77 -48.82
C GLU B 596 -60.20 18.53 -50.24
N SER B 597 -59.28 18.34 -51.18
CA SER B 597 -59.68 18.21 -52.60
C SER B 597 -60.54 16.99 -52.85
N ARG B 598 -60.13 15.88 -52.29
CA ARG B 598 -60.86 14.62 -52.46
C ARG B 598 -62.28 14.75 -51.96
N ILE B 599 -62.45 15.38 -50.81
CA ILE B 599 -63.79 15.59 -50.25
C ILE B 599 -64.64 16.50 -51.18
N GLU B 600 -64.03 17.53 -51.76
CA GLU B 600 -64.74 18.41 -52.69
C GLU B 600 -65.17 17.65 -53.93
N VAL B 601 -64.29 16.85 -54.49
CA VAL B 601 -64.65 16.09 -55.68
C VAL B 601 -65.91 15.27 -55.43
N TYR B 602 -65.95 14.63 -54.27
CA TYR B 602 -67.10 13.86 -53.83
C TYR B 602 -68.30 14.78 -53.69
N LEU B 603 -68.12 15.91 -53.01
CA LEU B 603 -69.26 16.81 -52.78
C LEU B 603 -69.83 17.32 -54.09
N ALA B 604 -68.98 17.62 -55.07
CA ALA B 604 -69.42 18.01 -56.41
C ALA B 604 -70.14 16.89 -57.19
N GLY B 605 -70.20 15.67 -56.64
CA GLY B 605 -70.83 14.52 -57.31
C GLY B 605 -69.99 13.82 -58.37
N GLN B 606 -68.72 14.20 -58.49
CA GLN B 606 -67.83 13.55 -59.47
C GLN B 606 -67.14 12.31 -58.93
N LEU B 607 -67.52 11.86 -57.73
CA LEU B 607 -67.19 10.52 -57.26
C LEU B 607 -68.43 9.97 -56.59
N ASP B 608 -68.74 8.72 -56.87
CA ASP B 608 -69.79 8.03 -56.15
C ASP B 608 -69.26 7.51 -54.81
N ARG B 609 -67.93 7.47 -54.66
CA ARG B 609 -67.31 7.09 -53.40
C ARG B 609 -65.84 7.54 -53.28
N ILE B 610 -65.37 7.60 -52.04
CA ILE B 610 -63.98 7.90 -51.74
C ILE B 610 -63.33 6.61 -51.27
N ASP B 611 -62.61 5.97 -52.17
CA ASP B 611 -62.04 4.65 -51.88
C ASP B 611 -61.18 4.62 -50.61
N GLU B 612 -60.54 5.74 -50.26
CA GLU B 612 -59.78 5.78 -49.01
C GLU B 612 -60.70 5.43 -47.83
N LEU B 613 -61.92 5.96 -47.83
CA LEU B 613 -62.83 5.82 -46.71
C LEU B 613 -63.57 4.47 -46.66
N GLU B 614 -63.41 3.65 -47.70
CA GLU B 614 -64.07 2.34 -47.78
C GLU B 614 -63.19 1.25 -47.16
N VAL B 615 -61.99 1.62 -46.73
CA VAL B 615 -61.09 0.70 -46.07
C VAL B 615 -61.33 0.71 -44.55
N GLU B 616 -61.70 -0.44 -44.03
CA GLU B 616 -61.84 -0.62 -42.60
C GLU B 616 -60.44 -0.52 -41.98
N ILE B 617 -60.29 0.32 -40.96
CA ILE B 617 -59.00 0.47 -40.28
C ILE B 617 -58.62 -0.67 -39.29
N LEU B 618 -57.37 -1.12 -39.37
CA LEU B 618 -56.90 -2.21 -38.53
C LEU B 618 -56.01 -1.64 -37.45
N PRO B 619 -55.76 -2.42 -36.38
CA PRO B 619 -54.76 -2.01 -35.41
C PRO B 619 -53.41 -1.76 -36.11
N PHE B 620 -52.78 -0.63 -35.82
CA PHE B 620 -51.43 -0.38 -36.33
C PHE B 620 -50.41 -1.39 -35.85
N THR B 621 -50.54 -1.81 -34.60
CA THR B 621 -49.64 -2.79 -34.02
C THR B 621 -50.36 -3.45 -32.85
N ASP B 622 -49.92 -4.65 -32.50
CA ASP B 622 -50.43 -5.32 -31.32
C ASP B 622 -49.45 -5.26 -30.13
N PHE B 623 -48.41 -4.43 -30.20
CA PHE B 623 -47.39 -4.39 -29.13
C PHE B 623 -48.00 -4.23 -27.74
N TYR B 624 -49.04 -3.40 -27.61
CA TYR B 624 -49.78 -3.22 -26.34
C TYR B 624 -51.25 -3.66 -26.49
N ALA B 625 -51.50 -4.72 -27.25
CA ALA B 625 -52.87 -5.06 -27.68
C ALA B 625 -53.83 -5.49 -26.55
N ASP B 626 -53.33 -6.28 -25.60
CA ASP B 626 -54.18 -6.92 -24.59
C ASP B 626 -54.21 -6.12 -23.29
N LYS B 627 -54.03 -4.80 -23.40
CA LYS B 627 -54.05 -3.91 -22.26
C LYS B 627 -55.32 -3.06 -22.30
N ASP B 628 -55.67 -2.43 -21.18
CA ASP B 628 -56.94 -1.72 -21.09
C ASP B 628 -56.93 -0.28 -21.62
N PHE B 629 -55.91 0.10 -22.39
CA PHE B 629 -55.85 1.42 -23.02
C PHE B 629 -55.69 1.22 -24.53
N ALA B 630 -55.99 2.25 -25.32
CA ALA B 630 -55.93 2.16 -26.81
C ALA B 630 -54.62 2.66 -27.42
N ALA B 631 -53.95 3.57 -26.74
CA ALA B 631 -52.74 4.16 -27.25
C ALA B 631 -51.66 3.10 -27.47
N THR B 632 -50.61 3.48 -28.17
CA THR B 632 -49.54 2.53 -28.50
C THR B 632 -48.24 3.25 -28.73
N THR B 633 -47.24 2.52 -29.22
CA THR B 633 -45.95 3.08 -29.62
C THR B 633 -45.80 3.01 -31.15
N ALA B 634 -45.35 4.10 -31.74
CA ALA B 634 -45.17 4.22 -33.18
C ALA B 634 -44.17 5.34 -33.41
N ASN B 635 -42.92 4.96 -33.61
CA ASN B 635 -41.82 5.91 -33.63
C ASN B 635 -40.94 5.92 -34.87
N GLN B 636 -41.55 5.68 -36.03
CA GLN B 636 -40.91 5.81 -37.29
C GLN B 636 -41.79 6.65 -38.19
N TRP B 637 -41.32 7.86 -38.50
CA TRP B 637 -42.09 8.78 -39.30
C TRP B 637 -42.70 8.09 -40.51
N HIS B 638 -41.88 7.33 -41.24
CA HIS B 638 -42.34 6.82 -42.53
C HIS B 638 -43.44 5.78 -42.48
N THR B 639 -43.59 5.08 -41.36
CA THR B 639 -44.72 4.18 -41.19
C THR B 639 -45.89 4.82 -40.43
N ILE B 640 -45.65 5.93 -39.75
CA ILE B 640 -46.77 6.75 -39.29
C ILE B 640 -47.55 7.42 -40.44
N ALA B 641 -46.83 8.03 -41.37
CA ALA B 641 -47.37 8.86 -42.44
C ALA B 641 -48.06 8.14 -43.60
N THR B 642 -47.65 6.91 -43.90
CA THR B 642 -48.23 6.15 -45.01
C THR B 642 -48.04 4.63 -44.94
N ALA B 643 -49.03 3.90 -45.45
CA ALA B 643 -48.95 2.45 -45.68
C ALA B 643 -48.32 2.11 -47.05
N SER B 644 -48.10 3.13 -47.88
CA SER B 644 -47.47 2.96 -49.19
C SER B 644 -45.96 2.80 -49.04
N THR B 645 -45.26 2.36 -50.09
CA THR B 645 -43.80 2.42 -50.02
C THR B 645 -43.37 3.89 -50.09
N ILE B 646 -42.23 4.17 -49.48
CA ILE B 646 -41.64 5.50 -49.55
C ILE B 646 -40.12 5.48 -49.61
N TYR B 647 -39.48 4.56 -48.90
CA TYR B 647 -38.02 4.45 -48.98
C TYR B 647 -37.56 3.25 -49.79
N THR B 648 -38.35 2.19 -49.81
CA THR B 648 -38.00 1.00 -50.58
C THR B 648 -38.18 1.17 -52.10
N THR B 649 -37.33 0.44 -52.83
CA THR B 649 -37.34 0.44 -54.30
C THR B 649 -38.44 -0.45 -54.85
N VAL C 25 25.16 -18.74 76.82
CA VAL C 25 24.86 -17.28 76.60
C VAL C 25 23.69 -16.87 77.47
N ARG C 26 23.89 -15.81 78.26
CA ARG C 26 22.85 -15.29 79.15
C ARG C 26 22.55 -13.83 78.77
N PHE C 27 21.26 -13.48 78.74
CA PHE C 27 20.78 -12.15 78.33
C PHE C 27 20.01 -11.50 79.45
N THR C 28 19.84 -10.17 79.38
CA THR C 28 18.90 -9.47 80.25
C THR C 28 18.20 -8.39 79.44
N GLY C 29 16.93 -8.16 79.76
CA GLY C 29 16.15 -7.08 79.18
C GLY C 29 15.37 -7.47 77.92
N LEU C 30 15.23 -8.76 77.65
CA LEU C 30 14.52 -9.25 76.46
C LEU C 30 13.06 -9.58 76.73
N SER C 31 12.18 -9.34 75.76
CA SER C 31 10.82 -9.85 75.85
C SER C 31 10.85 -11.36 75.61
N LEU C 32 9.71 -11.99 75.88
CA LEU C 32 9.53 -13.40 75.58
C LEU C 32 9.66 -13.56 74.05
N LYS C 33 8.95 -12.70 73.31
CA LYS C 33 9.08 -12.65 71.86
C LYS C 33 10.54 -12.69 71.41
N GLN C 34 11.39 -11.93 72.08
CA GLN C 34 12.80 -11.82 71.67
C GLN C 34 13.64 -13.04 72.03
N THR C 35 13.32 -13.71 73.12
CA THR C 35 14.13 -14.85 73.56
C THR C 35 13.89 -16.05 72.63
N GLN C 36 12.66 -16.14 72.13
CA GLN C 36 12.28 -17.18 71.19
C GLN C 36 12.84 -16.94 69.80
N ALA C 37 12.82 -15.69 69.37
CA ALA C 37 13.47 -15.33 68.13
C ALA C 37 14.93 -15.80 68.17
N ILE C 38 15.61 -15.51 69.26
CA ILE C 38 17.00 -15.89 69.43
C ILE C 38 17.20 -17.41 69.46
N GLU C 39 16.26 -18.16 70.04
CA GLU C 39 16.35 -19.62 70.02
C GLU C 39 16.30 -20.14 68.58
N VAL C 40 15.50 -19.49 67.73
CA VAL C 40 15.47 -19.84 66.31
C VAL C 40 16.81 -19.53 65.65
N LEU C 41 17.34 -18.34 65.89
CA LEU C 41 18.60 -17.93 65.26
C LEU C 41 19.82 -18.68 65.77
N LYS C 42 19.70 -19.30 66.93
CA LYS C 42 20.72 -20.23 67.41
C LYS C 42 20.95 -21.37 66.42
N GLY C 43 19.95 -21.67 65.59
CA GLY C 43 20.11 -22.61 64.49
C GLY C 43 21.12 -22.16 63.44
N HIS C 44 21.28 -20.85 63.23
CA HIS C 44 22.28 -20.35 62.28
C HIS C 44 23.56 -19.90 62.93
N ILE C 45 23.48 -19.55 64.19
CA ILE C 45 24.58 -18.84 64.84
C ILE C 45 24.93 -19.44 66.18
N SER C 46 26.21 -19.34 66.51
CA SER C 46 26.79 -19.89 67.73
C SER C 46 27.11 -18.77 68.72
N LEU C 47 26.16 -18.44 69.58
CA LEU C 47 26.38 -17.46 70.64
C LEU C 47 27.46 -17.96 71.60
N PRO C 48 28.42 -17.11 71.97
CA PRO C 48 29.38 -17.54 72.98
C PRO C 48 28.81 -17.51 74.41
N ASP C 49 29.61 -17.96 75.39
CA ASP C 49 29.19 -18.00 76.80
C ASP C 49 29.46 -16.66 77.46
N VAL C 50 28.51 -15.73 77.32
CA VAL C 50 28.68 -14.36 77.81
C VAL C 50 27.37 -13.80 78.34
N GLU C 51 27.46 -12.65 78.99
CA GLU C 51 26.29 -11.96 79.53
C GLU C 51 26.06 -10.71 78.70
N VAL C 52 24.83 -10.52 78.22
CA VAL C 52 24.51 -9.36 77.41
C VAL C 52 23.27 -8.66 77.94
N ALA C 53 23.42 -7.38 78.24
CA ALA C 53 22.30 -6.56 78.65
C ALA C 53 21.76 -5.88 77.41
N VAL C 54 20.47 -6.06 77.15
CA VAL C 54 19.88 -5.58 75.91
C VAL C 54 18.81 -4.55 76.21
N THR C 55 18.85 -3.43 75.49
CA THR C 55 17.80 -2.40 75.60
C THR C 55 17.63 -1.64 74.28
N GLN C 56 16.46 -1.06 74.08
CA GLN C 56 16.21 -0.20 72.93
C GLN C 56 16.72 1.20 73.19
N SER C 57 17.21 1.86 72.14
CA SER C 57 17.70 3.22 72.28
C SER C 57 17.82 3.89 70.91
N ASP C 58 17.44 5.17 70.84
CA ASP C 58 17.52 5.96 69.61
C ASP C 58 18.93 6.45 69.30
N GLN C 59 19.89 6.16 70.19
CA GLN C 59 21.28 6.59 70.06
C GLN C 59 21.99 6.09 68.79
N ALA C 60 21.69 4.85 68.41
CA ALA C 60 22.32 4.22 67.25
C ALA C 60 21.40 3.14 66.69
N SER C 61 21.62 2.79 65.43
CA SER C 61 20.90 1.68 64.86
C SER C 61 21.29 0.49 65.71
N ILE C 62 22.60 0.26 65.83
CA ILE C 62 23.15 -0.75 66.72
C ILE C 62 24.36 -0.21 67.48
N SER C 63 24.39 -0.49 68.80
CA SER C 63 25.60 -0.24 69.58
CA SER C 63 25.58 -0.21 69.63
C SER C 63 25.90 -1.42 70.47
N ILE C 64 27.17 -1.78 70.52
CA ILE C 64 27.65 -2.84 71.36
C ILE C 64 28.90 -2.33 72.04
N GLU C 65 28.94 -2.47 73.35
CA GLU C 65 30.10 -2.15 74.17
C GLU C 65 30.22 -3.22 75.25
N GLY C 66 31.41 -3.29 75.85
CA GLY C 66 31.66 -4.20 76.97
C GLY C 66 33.03 -4.83 76.88
N GLU C 67 33.31 -5.72 77.82
CA GLU C 67 34.52 -6.54 77.80
C GLU C 67 34.47 -7.59 78.88
N GLU C 68 35.36 -8.56 78.77
CA GLU C 68 35.51 -9.65 79.74
C GLU C 68 34.21 -10.34 80.16
N GLY C 69 33.32 -10.59 79.20
CA GLY C 69 32.16 -11.45 79.39
C GLY C 69 30.85 -10.71 79.58
N HIS C 70 30.91 -9.38 79.68
CA HIS C 70 29.72 -8.60 79.97
C HIS C 70 29.62 -7.49 78.95
N TYR C 71 28.44 -7.36 78.33
CA TYR C 71 28.28 -6.43 77.22
C TYR C 71 26.91 -5.77 77.29
N GLN C 72 26.85 -4.54 76.80
CA GLN C 72 25.61 -3.77 76.71
C GLN C 72 25.30 -3.61 75.24
N LEU C 73 24.12 -4.11 74.84
CA LEU C 73 23.72 -4.09 73.44
C LEU C 73 22.45 -3.27 73.29
N THR C 74 22.44 -2.37 72.31
CA THR C 74 21.27 -1.57 72.03
C THR C 74 20.91 -1.56 70.54
N TYR C 75 19.62 -1.40 70.26
CA TYR C 75 19.10 -1.35 68.92
C TYR C 75 18.13 -0.18 68.85
N ARG C 76 18.06 0.49 67.71
CA ARG C 76 17.01 1.47 67.51
C ARG C 76 15.68 0.79 67.20
N LYS C 77 15.68 -0.09 66.19
CA LYS C 77 14.48 -0.83 65.81
C LYS C 77 14.60 -2.27 66.27
N PRO C 78 13.49 -2.85 66.75
CA PRO C 78 13.54 -4.21 67.28
C PRO C 78 14.27 -5.23 66.40
N HIS C 79 14.11 -5.12 65.08
CA HIS C 79 14.72 -6.10 64.16
C HIS C 79 16.23 -6.02 64.11
N GLN C 80 16.78 -4.91 64.59
CA GLN C 80 18.22 -4.68 64.51
C GLN C 80 18.98 -5.42 65.60
N LEU C 81 18.26 -5.94 66.58
CA LEU C 81 18.81 -6.85 67.57
C LEU C 81 19.47 -8.08 66.93
N TYR C 82 18.80 -8.63 65.91
CA TYR C 82 19.26 -9.88 65.30
C TYR C 82 20.54 -9.68 64.49
N ARG C 83 20.68 -8.53 63.82
CA ARG C 83 21.97 -8.19 63.21
C ARG C 83 23.03 -7.97 64.29
N ALA C 84 22.67 -7.18 65.29
CA ALA C 84 23.56 -6.94 66.42
C ALA C 84 24.19 -8.23 66.97
N LEU C 85 23.36 -9.27 67.11
CA LEU C 85 23.84 -10.58 67.60
C LEU C 85 24.83 -11.26 66.66
N SER C 86 24.61 -11.10 65.36
CA SER C 86 25.57 -11.59 64.34
C SER C 86 26.89 -10.83 64.54
N LEU C 87 26.82 -9.53 64.80
CA LEU C 87 28.03 -8.72 65.02
C LEU C 87 28.72 -9.13 66.31
N LEU C 88 27.93 -9.33 67.36
CA LEU C 88 28.47 -9.71 68.65
C LEU C 88 29.26 -11.00 68.52
N VAL C 89 28.67 -11.98 67.86
CA VAL C 89 29.29 -13.28 67.75
C VAL C 89 30.59 -13.17 67.00
N THR C 90 30.58 -12.34 65.96
CA THR C 90 31.71 -12.25 65.05
C THR C 90 32.90 -11.63 65.77
N VAL C 91 32.69 -10.45 66.33
CA VAL C 91 33.79 -9.70 66.91
C VAL C 91 34.44 -10.45 68.09
N LEU C 92 33.62 -11.08 68.94
CA LEU C 92 34.17 -11.81 70.08
C LEU C 92 35.13 -12.95 69.72
N ALA C 93 35.11 -13.43 68.48
CA ALA C 93 36.11 -14.40 68.05
C ALA C 93 37.47 -13.70 67.83
N GLU C 94 37.44 -12.43 67.45
CA GLU C 94 38.67 -11.66 67.26
C GLU C 94 39.19 -11.15 68.59
N ALA C 95 38.34 -10.43 69.34
CA ALA C 95 38.79 -9.70 70.52
C ALA C 95 37.84 -9.79 71.72
N ASP C 96 38.33 -9.30 72.86
CA ASP C 96 37.60 -9.25 74.12
C ASP C 96 36.78 -7.96 74.22
N LYS C 97 37.43 -6.83 73.91
CA LYS C 97 36.82 -5.49 74.00
C LYS C 97 36.08 -5.13 72.71
N VAL C 98 34.79 -4.86 72.85
CA VAL C 98 33.91 -4.56 71.73
C VAL C 98 33.59 -3.08 71.71
N GLU C 99 33.73 -2.45 70.55
CA GLU C 99 33.34 -1.06 70.41
C GLU C 99 32.67 -0.88 69.06
N ILE C 100 31.36 -1.02 69.06
CA ILE C 100 30.58 -1.01 67.84
C ILE C 100 29.45 -0.01 67.97
N GLU C 101 29.31 0.80 66.94
CA GLU C 101 28.14 1.65 66.75
C GLU C 101 27.86 1.69 65.25
N GLU C 102 26.62 1.41 64.86
CA GLU C 102 26.24 1.47 63.47
C GLU C 102 25.06 2.40 63.27
N GLN C 103 25.16 3.24 62.24
CA GLN C 103 24.10 4.15 61.80
C GLN C 103 23.61 3.71 60.40
N ALA C 104 22.52 2.97 60.36
CA ALA C 104 22.00 2.46 59.09
C ALA C 104 21.63 3.64 58.23
N ALA C 105 22.09 3.64 56.99
CA ALA C 105 21.77 4.73 56.07
C ALA C 105 20.32 4.66 55.61
N TYR C 106 19.72 3.47 55.57
CA TYR C 106 18.37 3.34 55.01
C TYR C 106 17.37 3.10 56.12
N GLU C 107 16.21 3.74 56.00
CA GLU C 107 15.11 3.55 56.95
C GLU C 107 14.43 2.21 56.73
N ASP C 108 14.49 1.69 55.49
CA ASP C 108 14.08 0.31 55.20
C ASP C 108 14.99 -0.35 54.18
N LEU C 109 15.40 -1.56 54.50
CA LEU C 109 16.20 -2.39 53.59
C LEU C 109 15.42 -3.70 53.33
N ALA C 110 15.02 -3.91 52.08
CA ALA C 110 14.12 -5.01 51.69
C ALA C 110 14.75 -6.02 50.73
N TYR C 111 14.40 -7.29 50.87
CA TYR C 111 14.72 -8.28 49.83
C TYR C 111 13.42 -8.75 49.24
N MET C 112 13.37 -8.72 47.90
CA MET C 112 12.21 -9.15 47.13
C MET C 112 12.61 -10.40 46.34
N VAL C 113 11.92 -11.51 46.62
CA VAL C 113 12.09 -12.75 45.89
C VAL C 113 11.06 -12.87 44.77
N ASP C 114 11.52 -13.16 43.56
CA ASP C 114 10.64 -13.49 42.43
C ASP C 114 9.95 -14.86 42.66
N CYS C 115 8.61 -14.85 42.73
CA CYS C 115 7.78 -16.06 42.83
C CYS C 115 6.83 -16.23 41.65
N SER C 116 7.20 -15.61 40.52
CA SER C 116 6.36 -15.58 39.32
C SER C 116 7.00 -16.16 38.04
N ARG C 117 8.27 -16.55 38.10
CA ARG C 117 8.93 -17.08 36.93
C ARG C 117 8.95 -18.58 36.87
N ASN C 118 8.07 -19.20 37.65
CA ASN C 118 7.85 -20.68 37.76
C ASN C 118 8.26 -21.21 39.13
N ALA C 119 9.30 -20.62 39.69
CA ALA C 119 9.76 -20.95 41.05
C ALA C 119 8.99 -20.16 42.14
N VAL C 120 8.13 -20.84 42.88
CA VAL C 120 7.42 -20.24 44.02
C VAL C 120 8.07 -20.72 45.30
N LEU C 121 8.65 -19.78 46.05
CA LEU C 121 9.40 -20.09 47.27
C LEU C 121 8.47 -20.79 48.23
N ASN C 122 8.86 -21.99 48.67
CA ASN C 122 7.97 -22.70 49.56
C ASN C 122 8.03 -22.05 50.95
N VAL C 123 7.01 -22.31 51.74
CA VAL C 123 6.88 -21.64 53.03
C VAL C 123 8.11 -21.88 53.93
N ALA C 124 8.56 -23.12 53.97
CA ALA C 124 9.66 -23.49 54.85
C ALA C 124 10.90 -22.73 54.47
N SER C 125 11.10 -22.52 53.18
CA SER C 125 12.19 -21.68 52.69
C SER C 125 11.96 -20.20 52.93
N ALA C 126 10.72 -19.72 52.89
CA ALA C 126 10.48 -18.32 53.18
C ALA C 126 10.94 -18.04 54.61
N LYS C 127 10.73 -19.03 55.48
CA LYS C 127 11.11 -18.95 56.87
C LYS C 127 12.62 -18.98 57.08
N GLN C 128 13.33 -19.88 56.42
CA GLN C 128 14.80 -19.81 56.44
C GLN C 128 15.32 -18.48 55.92
N MET C 129 14.74 -17.99 54.84
CA MET C 129 15.19 -16.72 54.25
C MET C 129 14.92 -15.55 55.21
N ILE C 130 13.77 -15.57 55.87
CA ILE C 130 13.42 -14.53 56.83
C ILE C 130 14.44 -14.48 57.95
N GLU C 131 14.74 -15.64 58.52
CA GLU C 131 15.72 -15.78 59.58
C GLU C 131 17.03 -15.15 59.17
N ILE C 132 17.47 -15.46 57.95
CA ILE C 132 18.74 -14.97 57.48
C ILE C 132 18.74 -13.49 57.23
N LEU C 133 17.64 -12.97 56.68
CA LEU C 133 17.54 -11.56 56.43
C LEU C 133 17.62 -10.79 57.75
N ALA C 134 17.09 -11.40 58.82
CA ALA C 134 17.07 -10.76 60.14
C ALA C 134 18.46 -10.69 60.71
N LEU C 135 19.23 -11.77 60.56
CA LEU C 135 20.62 -11.72 60.95
C LEU C 135 21.40 -10.67 60.18
N MET C 136 21.01 -10.38 58.95
CA MET C 136 21.78 -9.48 58.10
C MET C 136 21.55 -8.02 58.36
N GLY C 137 20.36 -7.70 58.85
CA GLY C 137 19.95 -6.33 59.07
C GLY C 137 18.84 -5.83 58.17
N TYR C 138 18.15 -6.72 57.43
CA TYR C 138 17.01 -6.29 56.61
C TYR C 138 15.76 -6.11 57.48
N SER C 139 14.92 -5.13 57.15
CA SER C 139 13.68 -4.82 57.88
C SER C 139 12.39 -5.36 57.22
N THR C 140 12.51 -5.78 55.97
CA THR C 140 11.37 -6.01 55.11
C THR C 140 11.64 -7.21 54.16
N PHE C 141 10.64 -8.08 54.02
CA PHE C 141 10.66 -9.21 53.11
C PHE C 141 9.54 -9.01 52.12
N GLU C 142 9.80 -9.29 50.85
CA GLU C 142 8.83 -9.10 49.78
C GLU C 142 8.84 -10.30 48.83
N LEU C 143 7.68 -10.66 48.34
CA LEU C 143 7.51 -11.72 47.36
C LEU C 143 6.87 -11.09 46.14
N TYR C 144 7.47 -11.31 44.96
CA TYR C 144 6.93 -10.81 43.71
C TYR C 144 6.00 -11.83 43.08
N MET C 145 4.72 -11.47 42.97
CA MET C 145 3.65 -12.37 42.56
C MET C 145 2.77 -11.77 41.47
N GLU C 146 2.93 -12.26 40.25
CA GLU C 146 2.10 -11.83 39.11
C GLU C 146 0.74 -12.46 39.24
N ASP C 147 0.71 -13.76 39.09
CA ASP C 147 -0.52 -14.51 39.24
C ASP C 147 -0.38 -15.51 40.36
N THR C 148 0.67 -15.40 41.17
CA THR C 148 0.93 -16.46 42.13
C THR C 148 0.37 -16.24 43.56
N TYR C 149 -0.83 -15.66 43.64
CA TYR C 149 -1.65 -15.60 44.88
C TYR C 149 -3.11 -15.86 44.54
N GLN C 150 -3.81 -16.59 45.41
CA GLN C 150 -5.18 -16.97 45.12
C GLN C 150 -6.12 -15.79 45.24
N ILE C 151 -7.07 -15.71 44.30
CA ILE C 151 -8.11 -14.69 44.35
C ILE C 151 -9.44 -15.43 44.27
N GLU C 152 -10.27 -15.21 45.29
CA GLU C 152 -11.65 -15.74 45.33
C GLU C 152 -12.41 -15.40 44.05
N GLY C 153 -13.16 -16.37 43.53
CA GLY C 153 -13.90 -16.20 42.29
C GLY C 153 -13.06 -16.13 41.02
N GLN C 154 -11.75 -16.40 41.12
CA GLN C 154 -10.84 -16.24 39.96
C GLN C 154 -9.97 -17.47 39.82
N PRO C 155 -10.60 -18.61 39.51
CA PRO C 155 -9.92 -19.92 39.55
C PRO C 155 -8.79 -20.13 38.54
N TYR C 156 -8.73 -19.33 37.48
CA TYR C 156 -7.62 -19.42 36.52
C TYR C 156 -6.40 -18.61 36.94
N PHE C 157 -6.61 -17.68 37.88
CA PHE C 157 -5.53 -16.86 38.40
C PHE C 157 -4.57 -17.70 39.26
N GLY C 158 -3.39 -18.00 38.73
CA GLY C 158 -2.46 -18.95 39.39
C GLY C 158 -2.78 -20.44 39.33
N TYR C 159 -3.64 -20.81 38.39
CA TYR C 159 -4.02 -22.19 38.15
C TYR C 159 -2.83 -23.02 37.72
N PHE C 160 -2.61 -24.11 38.44
CA PHE C 160 -1.43 -24.99 38.27
C PHE C 160 -0.06 -24.29 38.37
N ARG C 161 -0.02 -23.12 39.02
CA ARG C 161 1.23 -22.38 39.22
C ARG C 161 1.77 -22.38 40.66
N GLY C 162 1.11 -23.09 41.56
CA GLY C 162 1.46 -23.03 42.98
C GLY C 162 1.16 -21.71 43.69
N ALA C 163 0.12 -21.01 43.26
CA ALA C 163 -0.23 -19.71 43.83
C ALA C 163 -0.44 -19.82 45.32
N TYR C 164 0.07 -18.87 46.07
CA TYR C 164 -0.05 -18.91 47.52
C TYR C 164 -1.53 -18.80 47.92
N SER C 165 -1.95 -19.61 48.88
CA SER C 165 -3.21 -19.34 49.56
C SER C 165 -3.05 -18.10 50.46
N ALA C 166 -4.18 -17.54 50.90
CA ALA C 166 -4.16 -16.50 51.93
C ALA C 166 -3.52 -17.04 53.22
N GLU C 167 -3.86 -18.28 53.58
CA GLU C 167 -3.26 -18.93 54.75
C GLU C 167 -1.75 -18.93 54.66
N GLU C 168 -1.23 -19.33 53.50
CA GLU C 168 0.22 -19.32 53.30
C GLU C 168 0.88 -17.95 53.44
N LEU C 169 0.29 -16.92 52.83
CA LEU C 169 0.88 -15.57 52.92
C LEU C 169 0.81 -15.04 54.36
N GLN C 170 -0.30 -15.32 55.04
CA GLN C 170 -0.43 -14.97 56.44
C GLN C 170 0.59 -15.68 57.31
N GLU C 171 0.87 -16.95 57.01
CA GLU C 171 1.83 -17.70 57.78
C GLU C 171 3.21 -17.12 57.58
N ILE C 172 3.55 -16.83 56.34
CA ILE C 172 4.83 -16.20 56.02
C ILE C 172 4.98 -14.83 56.71
N GLU C 173 4.00 -13.94 56.52
CA GLU C 173 4.00 -12.63 57.19
C GLU C 173 4.12 -12.76 58.72
N ALA C 174 3.37 -13.71 59.26
CA ALA C 174 3.38 -14.04 60.70
C ALA C 174 4.74 -14.52 61.21
N TYR C 175 5.42 -15.36 60.43
CA TYR C 175 6.79 -15.73 60.75
C TYR C 175 7.75 -14.53 60.73
N ALA C 176 7.62 -13.66 59.74
CA ALA C 176 8.42 -12.43 59.69
C ALA C 176 8.16 -11.53 60.92
N GLN C 177 6.88 -11.42 61.30
CA GLN C 177 6.48 -10.63 62.47
C GLN C 177 7.21 -11.10 63.75
N GLN C 178 7.59 -12.37 63.81
CA GLN C 178 8.36 -12.88 64.96
C GLN C 178 9.74 -12.21 65.13
N PHE C 179 10.30 -11.69 64.04
CA PHE C 179 11.63 -11.08 64.05
C PHE C 179 11.51 -9.59 63.82
N ASP C 180 10.30 -9.07 63.98
CA ASP C 180 9.99 -7.67 63.71
C ASP C 180 10.40 -7.28 62.28
N VAL C 181 10.07 -8.17 61.35
CA VAL C 181 10.26 -7.96 59.93
C VAL C 181 8.90 -7.79 59.29
N THR C 182 8.77 -6.76 58.48
CA THR C 182 7.50 -6.50 57.82
C THR C 182 7.47 -7.24 56.49
N PHE C 183 6.28 -7.34 55.94
CA PHE C 183 6.03 -8.04 54.69
C PHE C 183 5.40 -7.08 53.69
N VAL C 184 5.90 -7.09 52.45
CA VAL C 184 5.32 -6.27 51.38
C VAL C 184 5.06 -7.10 50.14
N PRO C 185 3.79 -7.38 49.82
CA PRO C 185 3.54 -8.05 48.55
C PRO C 185 3.82 -7.14 47.35
N CYS C 186 4.46 -7.71 46.34
CA CYS C 186 4.65 -7.04 45.05
C CYS C 186 3.83 -7.75 43.98
N ILE C 187 2.88 -7.02 43.41
CA ILE C 187 1.91 -7.55 42.49
C ILE C 187 1.92 -6.77 41.20
N GLN C 188 1.04 -7.15 40.28
CA GLN C 188 0.89 -6.45 39.01
C GLN C 188 -0.57 -6.08 38.77
N THR C 189 -0.79 -4.81 38.50
CA THR C 189 -2.13 -4.28 38.39
C THR C 189 -2.48 -3.87 36.97
N LEU C 190 -1.49 -3.89 36.06
CA LEU C 190 -1.71 -3.61 34.64
C LEU C 190 -1.19 -4.72 33.71
N ALA C 191 0.13 -4.90 33.71
CA ALA C 191 0.80 -5.78 32.77
C ALA C 191 1.55 -6.90 33.51
N HIS C 192 2.41 -7.62 32.76
CA HIS C 192 3.16 -8.77 33.26
C HIS C 192 2.23 -9.75 33.96
N LEU C 193 1.14 -10.12 33.30
CA LEU C 193 0.24 -11.15 33.79
C LEU C 193 0.05 -12.30 32.76
N SER C 194 1.12 -12.60 32.03
CA SER C 194 1.05 -13.54 30.92
C SER C 194 0.51 -14.90 31.32
N ALA C 195 0.92 -15.44 32.45
CA ALA C 195 0.49 -16.81 32.78
C ALA C 195 -1.01 -16.92 33.12
N PHE C 196 -1.65 -15.77 33.38
CA PHE C 196 -3.08 -15.70 33.68
C PHE C 196 -3.85 -15.45 32.40
N VAL C 197 -3.47 -14.43 31.64
CA VAL C 197 -4.30 -14.04 30.49
C VAL C 197 -4.32 -15.03 29.32
N LYS C 198 -3.45 -16.03 29.35
CA LYS C 198 -3.35 -16.99 28.29
C LYS C 198 -4.58 -17.91 28.27
N TRP C 199 -5.31 -17.99 29.39
CA TRP C 199 -6.39 -18.98 29.50
C TRP C 199 -7.57 -18.60 28.62
N GLY C 200 -7.97 -19.56 27.76
CA GLY C 200 -8.90 -19.29 26.67
C GLY C 200 -10.34 -19.51 27.08
N VAL C 201 -10.78 -18.67 28.01
CA VAL C 201 -12.14 -18.64 28.47
C VAL C 201 -12.57 -17.16 28.54
N LYS C 202 -13.87 -16.91 28.36
CA LYS C 202 -14.42 -15.56 28.29
C LYS C 202 -14.02 -14.72 29.50
N GLU C 203 -14.15 -15.33 30.69
CA GLU C 203 -13.92 -14.65 31.97
C GLU C 203 -12.47 -14.18 32.18
N VAL C 204 -11.55 -14.67 31.35
CA VAL C 204 -10.17 -14.19 31.28
C VAL C 204 -9.90 -13.34 30.05
N GLN C 205 -10.35 -13.83 28.89
CA GLN C 205 -10.16 -13.12 27.65
C GLN C 205 -10.88 -11.76 27.65
N GLU C 206 -11.97 -11.63 28.39
CA GLU C 206 -12.66 -10.33 28.49
C GLU C 206 -11.82 -9.26 29.22
N LEU C 207 -10.72 -9.68 29.86
CA LEU C 207 -9.90 -8.78 30.66
C LEU C 207 -8.68 -8.27 29.92
N ARG C 208 -8.52 -8.69 28.67
CA ARG C 208 -7.25 -8.42 27.99
C ARG C 208 -7.30 -7.27 27.02
N ASP C 209 -6.28 -6.42 27.08
CA ASP C 209 -5.99 -5.50 26.00
C ASP C 209 -5.25 -6.33 24.94
N VAL C 210 -4.03 -6.75 25.27
CA VAL C 210 -3.15 -7.47 24.33
C VAL C 210 -1.89 -7.98 25.06
N GLU C 211 -1.32 -9.11 24.60
CA GLU C 211 -0.12 -9.69 25.20
C GLU C 211 -0.37 -9.92 26.70
N ASP C 212 0.55 -9.45 27.53
CA ASP C 212 0.47 -9.62 28.98
C ASP C 212 -0.27 -8.47 29.69
N ILE C 213 -1.04 -7.66 28.95
CA ILE C 213 -1.68 -6.44 29.49
C ILE C 213 -3.20 -6.56 29.66
N LEU C 214 -3.70 -6.09 30.80
CA LEU C 214 -5.14 -6.01 31.05
C LEU C 214 -5.77 -4.81 30.35
N LEU C 215 -7.08 -4.91 30.17
CA LEU C 215 -7.87 -3.91 29.46
C LEU C 215 -8.29 -2.70 30.35
N ILE C 216 -7.63 -1.57 30.13
CA ILE C 216 -7.94 -0.37 30.90
C ILE C 216 -9.38 0.05 30.58
N GLY C 217 -10.13 0.39 31.62
CA GLY C 217 -11.50 0.88 31.43
C GLY C 217 -12.55 -0.19 31.50
N GLU C 218 -12.12 -1.45 31.62
CA GLU C 218 -13.05 -2.55 31.66
C GLU C 218 -13.42 -2.88 33.09
N GLU C 219 -14.69 -2.76 33.41
CA GLU C 219 -15.15 -2.97 34.77
C GLU C 219 -14.78 -4.35 35.30
N LYS C 220 -14.83 -5.36 34.45
CA LYS C 220 -14.48 -6.71 34.92
C LYS C 220 -13.00 -6.78 35.34
N VAL C 221 -12.18 -5.89 34.75
CA VAL C 221 -10.78 -5.74 35.14
C VAL C 221 -10.63 -5.09 36.51
N TYR C 222 -11.56 -4.20 36.85
CA TYR C 222 -11.52 -3.54 38.17
C TYR C 222 -12.09 -4.48 39.22
N ASP C 223 -13.01 -5.33 38.79
CA ASP C 223 -13.52 -6.39 39.67
C ASP C 223 -12.40 -7.39 40.02
N LEU C 224 -11.55 -7.72 39.06
CA LEU C 224 -10.34 -8.53 39.33
C LEU C 224 -9.41 -7.81 40.30
N ILE C 225 -9.09 -6.56 40.02
CA ILE C 225 -8.14 -5.81 40.87
C ILE C 225 -8.66 -5.68 42.29
N ASP C 226 -9.99 -5.54 42.44
CA ASP C 226 -10.58 -5.52 43.76
C ASP C 226 -10.34 -6.84 44.48
N GLY C 227 -10.48 -7.95 43.77
CA GLY C 227 -10.14 -9.28 44.33
C GLY C 227 -8.68 -9.40 44.76
N MET C 228 -7.76 -8.76 44.04
CA MET C 228 -6.34 -8.78 44.44
C MET C 228 -6.16 -8.18 45.84
N PHE C 229 -6.76 -7.00 46.02
CA PHE C 229 -6.71 -6.28 47.28
C PHE C 229 -7.61 -6.93 48.36
N ALA C 230 -8.67 -7.60 47.94
CA ALA C 230 -9.41 -8.46 48.86
C ALA C 230 -8.51 -9.50 49.49
N THR C 231 -7.72 -10.18 48.67
CA THR C 231 -6.79 -11.21 49.16
C THR C 231 -5.75 -10.56 50.06
N LEU C 232 -5.07 -9.53 49.53
CA LEU C 232 -4.01 -8.88 50.28
C LEU C 232 -4.48 -8.30 51.64
N SER C 233 -5.75 -7.93 51.76
CA SER C 233 -6.25 -7.31 53.00
C SER C 233 -6.42 -8.33 54.11
N LYS C 234 -6.26 -9.60 53.80
CA LYS C 234 -6.18 -10.61 54.82
C LYS C 234 -4.84 -10.52 55.56
N LEU C 235 -3.87 -9.80 55.00
CA LEU C 235 -2.60 -9.62 55.68
C LEU C 235 -2.69 -8.48 56.69
N LYS C 236 -1.67 -8.35 57.52
CA LYS C 236 -1.50 -7.20 58.43
C LYS C 236 -0.91 -5.99 57.72
N THR C 237 0.06 -6.23 56.84
CA THR C 237 0.71 -5.17 56.06
C THR C 237 -0.30 -4.36 55.28
N ARG C 238 -0.03 -3.05 55.12
CA ARG C 238 -0.86 -2.18 54.29
C ARG C 238 0.00 -1.36 53.35
N LYS C 239 1.11 -1.96 52.98
CA LYS C 239 2.04 -1.43 52.04
C LYS C 239 2.22 -2.50 50.93
N VAL C 240 2.10 -2.07 49.69
CA VAL C 240 2.15 -2.95 48.53
C VAL C 240 2.87 -2.28 47.39
N ASN C 241 3.55 -3.06 46.56
CA ASN C 241 4.09 -2.59 45.27
C ASN C 241 3.11 -3.06 44.19
N ILE C 242 2.52 -2.13 43.44
CA ILE C 242 1.45 -2.46 42.48
C ILE C 242 1.97 -2.58 41.06
N GLY C 243 3.26 -2.37 40.87
CA GLY C 243 3.87 -2.47 39.56
C GLY C 243 3.66 -1.21 38.76
N MET C 244 2.66 -1.20 37.88
CA MET C 244 2.34 -0.02 37.08
C MET C 244 3.46 0.51 36.20
N ASP C 245 4.33 -0.39 35.78
CA ASP C 245 5.33 -0.11 34.76
C ASP C 245 4.60 0.28 33.47
N GLU C 246 5.26 1.01 32.56
CA GLU C 246 4.62 1.45 31.30
C GLU C 246 4.99 0.51 30.13
N ALA C 247 4.14 -0.47 29.86
CA ALA C 247 4.37 -1.42 28.77
C ALA C 247 3.99 -0.79 27.42
N HIS C 248 4.86 -0.95 26.43
CA HIS C 248 4.70 -0.25 25.15
C HIS C 248 3.34 -0.44 24.52
N LEU C 249 2.80 -1.65 24.54
CA LEU C 249 1.57 -1.94 23.82
C LEU C 249 0.28 -1.55 24.57
N VAL C 250 0.42 -0.92 25.73
CA VAL C 250 -0.76 -0.47 26.49
C VAL C 250 -1.68 0.42 25.62
N GLY C 251 -2.98 0.11 25.58
CA GLY C 251 -3.96 0.87 24.81
C GLY C 251 -3.92 0.62 23.29
N LEU C 252 -3.11 -0.33 22.86
CA LEU C 252 -2.90 -0.59 21.43
C LEU C 252 -3.52 -1.90 20.94
N GLY C 253 -4.12 -2.68 21.85
CA GLY C 253 -4.68 -3.95 21.47
C GLY C 253 -6.18 -3.89 21.26
N ARG C 254 -6.91 -4.62 22.09
CA ARG C 254 -8.35 -4.62 22.03
C ARG C 254 -8.91 -3.31 22.58
N TYR C 255 -8.09 -2.56 23.31
CA TYR C 255 -8.45 -1.22 23.71
C TYR C 255 -8.61 -0.33 22.49
N LEU C 256 -7.67 -0.45 21.57
CA LEU C 256 -7.70 0.34 20.35
C LEU C 256 -8.91 -0.02 19.49
N ILE C 257 -9.22 -1.31 19.39
CA ILE C 257 -10.36 -1.76 18.58
C ILE C 257 -11.69 -1.28 19.17
N LEU C 258 -11.70 -1.03 20.48
CA LEU C 258 -12.90 -0.63 21.19
C LEU C 258 -13.06 0.88 21.29
N ASN C 259 -11.95 1.58 21.51
CA ASN C 259 -12.01 3.00 21.86
C ASN C 259 -11.20 3.91 20.98
N GLY C 260 -10.51 3.37 19.99
CA GLY C 260 -9.73 4.20 19.09
C GLY C 260 -8.55 4.85 19.80
N VAL C 261 -7.77 5.62 19.05
CA VAL C 261 -6.56 6.24 19.56
C VAL C 261 -6.83 7.18 20.76
N VAL C 262 -6.05 6.99 21.82
CA VAL C 262 -6.05 7.90 22.97
C VAL C 262 -4.62 8.11 23.46
N ASP C 263 -4.42 9.20 24.21
CA ASP C 263 -3.12 9.54 24.77
C ASP C 263 -2.69 8.42 25.74
N ARG C 264 -1.45 7.95 25.57
CA ARG C 264 -0.96 6.84 26.39
C ARG C 264 -0.94 7.20 27.86
N SER C 265 -0.39 8.36 28.16
CA SER C 265 -0.26 8.83 29.54
C SER C 265 -1.59 9.02 30.26
N LEU C 266 -2.55 9.65 29.58
CA LEU C 266 -3.89 9.80 30.14
C LEU C 266 -4.50 8.45 30.50
N LEU C 267 -4.35 7.52 29.56
CA LEU C 267 -4.82 6.17 29.75
C LEU C 267 -4.25 5.57 31.04
N MET C 268 -2.94 5.72 31.22
CA MET C 268 -2.27 5.20 32.40
C MET C 268 -2.79 5.88 33.67
N CYS C 269 -3.01 7.20 33.58
CA CYS C 269 -3.55 7.96 34.71
C CYS C 269 -4.92 7.46 35.12
N GLN C 270 -5.78 7.17 34.15
CA GLN C 270 -7.12 6.71 34.45
C GLN C 270 -7.10 5.36 35.16
N HIS C 271 -6.22 4.48 34.69
CA HIS C 271 -6.05 3.17 35.33
C HIS C 271 -5.40 3.33 36.71
N LEU C 272 -4.29 4.05 36.79
CA LEU C 272 -3.63 4.24 38.07
C LEU C 272 -4.62 4.81 39.10
N GLU C 273 -5.45 5.78 38.68
CA GLU C 273 -6.45 6.36 39.59
C GLU C 273 -7.43 5.30 40.07
N ARG C 274 -7.90 4.44 39.15
CA ARG C 274 -8.83 3.38 39.54
C ARG C 274 -8.18 2.41 40.51
N VAL C 275 -6.90 2.13 40.29
CA VAL C 275 -6.17 1.19 41.14
C VAL C 275 -5.99 1.79 42.54
N LEU C 276 -5.56 3.05 42.60
CA LEU C 276 -5.39 3.76 43.88
C LEU C 276 -6.67 3.88 44.69
N ASP C 277 -7.80 4.11 44.03
CA ASP C 277 -9.07 4.16 44.75
C ASP C 277 -9.37 2.80 45.38
N ILE C 278 -9.04 1.71 44.68
CA ILE C 278 -9.30 0.37 45.21
C ILE C 278 -8.37 0.14 46.40
N ALA C 279 -7.15 0.65 46.29
CA ALA C 279 -6.18 0.54 47.37
C ALA C 279 -6.71 1.31 48.59
N ASP C 280 -7.13 2.56 48.36
CA ASP C 280 -7.68 3.43 49.42
C ASP C 280 -8.80 2.71 50.13
N LYS C 281 -9.68 2.10 49.34
CA LYS C 281 -10.79 1.34 49.88
C LYS C 281 -10.35 0.28 50.87
N TYR C 282 -9.20 -0.35 50.64
CA TYR C 282 -8.73 -1.40 51.53
C TYR C 282 -7.67 -0.90 52.53
N GLY C 283 -7.32 0.37 52.42
CA GLY C 283 -6.48 1.01 53.40
C GLY C 283 -5.01 0.84 53.09
N PHE C 284 -4.67 0.62 51.83
CA PHE C 284 -3.30 0.31 51.44
C PHE C 284 -2.62 1.53 50.93
N HIS C 285 -1.33 1.66 51.23
CA HIS C 285 -0.47 2.61 50.56
C HIS C 285 0.33 1.90 49.49
N CYS C 286 0.45 2.52 48.31
CA CYS C 286 1.03 1.86 47.16
C CYS C 286 2.41 2.41 46.78
N GLN C 287 3.33 1.49 46.48
CA GLN C 287 4.53 1.84 45.71
C GLN C 287 4.37 1.33 44.28
N MET C 288 5.14 1.89 43.38
CA MET C 288 5.05 1.49 41.97
C MET C 288 6.31 1.92 41.27
N TRP C 289 6.64 1.33 40.12
CA TRP C 289 7.83 1.80 39.39
C TRP C 289 7.54 3.22 38.88
N SER C 290 8.61 4.02 38.78
CA SER C 290 8.50 5.43 38.45
C SER C 290 8.37 5.71 36.96
N ASP C 291 8.38 4.66 36.14
CA ASP C 291 8.51 4.79 34.70
C ASP C 291 7.46 5.70 34.07
N MET C 292 6.19 5.56 34.43
CA MET C 292 5.16 6.40 33.77
C MET C 292 5.36 7.89 34.03
N PHE C 293 6.06 8.25 35.10
CA PHE C 293 6.35 9.64 35.42
C PHE C 293 7.70 10.12 34.90
N PHE C 294 8.35 9.39 34.00
CA PHE C 294 9.59 9.89 33.38
C PHE C 294 9.34 11.16 32.57
N LYS C 295 8.28 11.18 31.76
CA LYS C 295 7.99 12.37 30.93
C LYS C 295 7.91 13.61 31.83
N LEU C 296 7.17 13.53 32.94
CA LEU C 296 7.08 14.64 33.89
C LEU C 296 8.23 14.64 34.91
N MET C 297 9.49 14.70 34.45
CA MET C 297 10.66 14.73 35.34
C MET C 297 11.73 15.69 34.83
N ILE C 309 4.31 17.32 27.18
CA ILE C 309 3.09 16.67 27.66
C ILE C 309 1.91 17.63 27.57
N PRO C 310 0.72 17.11 27.21
CA PRO C 310 -0.48 17.94 27.25
C PRO C 310 -0.87 18.35 28.67
N GLU C 311 -1.52 19.51 28.79
CA GLU C 311 -1.82 20.12 30.09
C GLU C 311 -2.88 19.38 30.89
N GLU C 312 -3.93 18.88 30.23
CA GLU C 312 -4.95 18.10 30.93
C GLU C 312 -4.28 16.85 31.48
N THR C 313 -3.17 16.46 30.86
CA THR C 313 -2.38 15.30 31.28
C THR C 313 -1.37 15.65 32.39
N ARG C 314 -0.71 16.81 32.33
CA ARG C 314 0.24 17.19 33.39
C ARG C 314 -0.47 17.44 34.73
N VAL C 315 -1.76 17.77 34.69
CA VAL C 315 -2.55 17.95 35.89
C VAL C 315 -2.80 16.59 36.54
N TYR C 316 -3.45 15.71 35.77
CA TYR C 316 -3.77 14.34 36.20
C TYR C 316 -2.56 13.65 36.84
N LEU C 317 -1.42 13.75 36.16
CA LEU C 317 -0.16 13.18 36.59
C LEU C 317 0.24 13.72 37.97
N ASP C 318 0.38 15.05 38.03
CA ASP C 318 0.93 15.72 39.23
C ASP C 318 0.18 15.32 40.50
N ARG C 319 -1.15 15.22 40.40
CA ARG C 319 -2.00 14.71 41.48
C ARG C 319 -1.47 13.37 41.94
N LEU C 320 -1.56 12.39 41.02
CA LEU C 320 -1.33 10.99 41.34
C LEU C 320 0.09 10.73 41.82
N LYS C 321 1.08 11.45 41.28
CA LYS C 321 2.46 11.32 41.75
C LYS C 321 2.57 11.42 43.29
N ASP C 322 1.73 12.23 43.91
CA ASP C 322 1.80 12.45 45.36
C ASP C 322 1.15 11.34 46.16
N ARG C 323 0.28 10.56 45.53
CA ARG C 323 -0.42 9.48 46.24
C ARG C 323 0.37 8.16 46.39
N VAL C 324 1.58 8.09 45.86
CA VAL C 324 2.35 6.85 45.86
C VAL C 324 3.79 7.09 46.22
N THR C 325 4.50 6.02 46.55
CA THR C 325 5.94 6.06 46.61
C THR C 325 6.45 5.62 45.25
N LEU C 326 7.49 6.29 44.77
CA LEU C 326 8.05 5.92 43.47
C LEU C 326 9.30 5.08 43.67
N VAL C 327 9.50 4.11 42.77
CA VAL C 327 10.64 3.20 42.86
C VAL C 327 11.43 3.29 41.57
N TYR C 328 12.67 3.76 41.70
CA TYR C 328 13.58 3.88 40.57
C TYR C 328 14.45 2.64 40.59
N TRP C 329 14.32 1.82 39.54
CA TRP C 329 15.02 0.54 39.50
C TRP C 329 16.23 0.61 38.60
N ASP C 330 17.35 0.12 39.09
CA ASP C 330 18.55 0.08 38.30
C ASP C 330 19.49 -0.99 38.85
N TYR C 331 19.81 -1.96 38.00
CA TYR C 331 20.64 -3.10 38.38
C TYR C 331 21.97 -3.11 37.65
N TYR C 332 22.25 -2.07 36.84
CA TYR C 332 23.25 -2.11 35.77
C TYR C 332 24.46 -1.16 35.90
N GLN C 333 24.27 0.03 36.47
CA GLN C 333 25.30 1.09 36.35
C GLN C 333 26.54 0.86 37.22
N ASP C 334 27.71 1.13 36.66
CA ASP C 334 28.96 0.90 37.36
C ASP C 334 29.61 2.18 37.91
N SER C 335 28.88 3.29 37.95
CA SER C 335 29.40 4.55 38.52
C SER C 335 28.27 5.34 39.18
N GLU C 336 28.56 5.92 40.35
CA GLU C 336 27.54 6.64 41.12
C GLU C 336 26.89 7.82 40.40
N GLU C 337 27.67 8.51 39.57
CA GLU C 337 27.17 9.71 38.89
C GLU C 337 26.03 9.36 37.91
N LYS C 338 26.13 8.18 37.29
CA LYS C 338 25.04 7.65 36.46
C LYS C 338 23.75 7.44 37.27
N TYR C 339 23.88 7.00 38.52
CA TYR C 339 22.71 6.85 39.39
C TYR C 339 22.24 8.24 39.85
N ASN C 340 23.19 9.08 40.27
CA ASN C 340 22.89 10.45 40.69
C ASN C 340 22.10 11.26 39.66
N ARG C 341 22.44 11.10 38.37
CA ARG C 341 21.75 11.80 37.28
C ARG C 341 20.27 11.49 37.34
N ASN C 342 19.96 10.20 37.43
CA ASN C 342 18.58 9.71 37.54
C ASN C 342 17.89 10.16 38.81
N PHE C 343 18.64 10.15 39.92
CA PHE C 343 18.09 10.57 41.21
C PHE C 343 17.64 12.02 41.20
N ARG C 344 18.51 12.92 40.71
CA ARG C 344 18.15 14.32 40.66
C ARG C 344 16.90 14.52 39.80
N ASN C 345 16.91 14.00 38.57
CA ASN C 345 15.70 14.00 37.73
C ASN C 345 14.47 13.56 38.52
N HIS C 346 14.63 12.51 39.31
CA HIS C 346 13.54 11.98 40.13
C HIS C 346 13.17 12.91 41.26
N HIS C 347 14.18 13.49 41.90
CA HIS C 347 13.95 14.39 43.02
C HIS C 347 13.07 15.57 42.64
N LYS C 348 13.25 16.09 41.43
CA LYS C 348 12.35 17.12 40.90
C LYS C 348 10.89 16.69 40.98
N ILE C 349 10.54 15.64 40.24
CA ILE C 349 9.14 15.20 40.08
C ILE C 349 8.32 15.13 41.36
N SER C 350 8.80 14.38 42.35
CA SER C 350 8.07 14.19 43.61
C SER C 350 8.81 13.18 44.48
N HIS C 351 9.84 13.69 45.15
CA HIS C 351 10.80 12.90 45.91
C HIS C 351 10.24 12.24 47.18
N ASP C 352 9.31 11.30 47.00
CA ASP C 352 8.96 10.27 47.97
C ASP C 352 9.41 8.98 47.25
N LEU C 353 10.73 8.77 47.18
CA LEU C 353 11.34 7.86 46.23
C LEU C 353 12.08 6.72 46.94
N ALA C 354 11.92 5.49 46.43
CA ALA C 354 12.71 4.36 46.87
C ALA C 354 13.61 3.86 45.74
N PHE C 355 14.72 3.22 46.09
CA PHE C 355 15.63 2.63 45.12
C PHE C 355 15.51 1.10 45.09
N ALA C 356 15.61 0.52 43.88
CA ALA C 356 15.59 -0.92 43.74
C ALA C 356 16.86 -1.40 43.08
N GLY C 357 17.68 -2.10 43.84
CA GLY C 357 18.92 -2.70 43.32
C GLY C 357 18.70 -4.17 42.97
N GLY C 358 19.78 -4.84 42.62
CA GLY C 358 19.67 -6.16 42.03
C GLY C 358 20.66 -7.15 42.57
N ALA C 359 20.13 -8.23 43.14
CA ALA C 359 20.91 -9.43 43.41
C ALA C 359 20.73 -10.36 42.17
N TRP C 360 21.77 -10.38 41.34
CA TRP C 360 21.72 -11.01 40.03
C TRP C 360 21.54 -12.54 40.08
N LYS C 361 20.30 -12.98 39.89
CA LYS C 361 19.96 -14.39 39.93
C LYS C 361 18.94 -14.79 38.85
N TRP C 362 18.98 -14.06 37.74
CA TRP C 362 18.00 -14.19 36.65
C TRP C 362 18.58 -14.50 35.27
N ILE C 363 19.78 -15.06 35.24
CA ILE C 363 20.45 -15.34 33.99
C ILE C 363 20.78 -16.82 33.82
N GLY C 364 19.92 -17.69 34.33
CA GLY C 364 20.02 -19.12 34.04
C GLY C 364 20.01 -19.98 35.28
N PHE C 365 21.09 -20.73 35.46
CA PHE C 365 21.28 -21.63 36.59
C PHE C 365 22.19 -21.06 37.66
N THR C 366 22.93 -20.02 37.29
CA THR C 366 24.08 -19.56 38.05
C THR C 366 23.98 -18.07 38.27
N PRO C 367 24.14 -17.64 39.54
CA PRO C 367 23.97 -16.21 39.81
C PRO C 367 25.19 -15.40 39.41
N HIS C 368 25.15 -14.09 39.66
CA HIS C 368 26.31 -13.24 39.49
C HIS C 368 26.45 -12.28 40.69
N ASN C 369 26.85 -12.88 41.80
CA ASN C 369 27.16 -12.15 43.02
C ASN C 369 28.29 -11.16 42.77
N HIS C 370 29.33 -11.59 42.04
CA HIS C 370 30.46 -10.70 41.73
C HIS C 370 30.02 -9.39 41.13
N PHE C 371 29.19 -9.46 40.10
CA PHE C 371 28.69 -8.26 39.42
C PHE C 371 27.75 -7.45 40.33
N SER C 372 26.97 -8.16 41.15
CA SER C 372 26.06 -7.54 42.12
C SER C 372 26.80 -6.68 43.16
N ARG C 373 28.01 -7.12 43.54
CA ARG C 373 28.86 -6.38 44.46
C ARG C 373 29.39 -5.13 43.78
N LEU C 374 29.83 -5.28 42.54
CA LEU C 374 30.36 -4.15 41.79
C LEU C 374 29.35 -3.01 41.69
N VAL C 375 28.09 -3.32 41.39
CA VAL C 375 27.08 -2.27 41.24
C VAL C 375 26.54 -1.74 42.57
N ALA C 376 26.42 -2.61 43.57
CA ALA C 376 25.96 -2.19 44.91
C ALA C 376 26.89 -1.12 45.51
N ILE C 377 28.20 -1.35 45.38
CA ILE C 377 29.20 -0.42 45.91
C ILE C 377 28.89 0.99 45.39
N GLU C 378 28.66 1.12 44.08
CA GLU C 378 28.38 2.41 43.47
C GLU C 378 26.95 2.88 43.71
N ALA C 379 26.01 1.94 43.71
CA ALA C 379 24.61 2.29 43.97
C ALA C 379 24.42 2.86 45.38
N ASN C 380 25.16 2.29 46.33
CA ASN C 380 25.11 2.75 47.69
C ASN C 380 25.52 4.22 47.81
N LYS C 381 26.62 4.56 47.15
CA LYS C 381 27.09 5.95 47.11
C LYS C 381 26.01 6.86 46.56
N ALA C 382 25.42 6.49 45.44
CA ALA C 382 24.37 7.31 44.84
C ALA C 382 23.14 7.48 45.74
N CYS C 383 22.75 6.40 46.42
CA CYS C 383 21.59 6.45 47.31
C CYS C 383 21.86 7.44 48.47
N ARG C 384 22.99 7.25 49.15
CA ARG C 384 23.43 8.14 50.24
C ARG C 384 23.51 9.60 49.75
N ALA C 385 24.23 9.82 48.66
CA ALA C 385 24.43 11.17 48.13
C ALA C 385 23.11 11.86 47.87
N ASN C 386 22.05 11.10 47.62
CA ASN C 386 20.74 11.70 47.35
C ASN C 386 19.72 11.48 48.48
N GLN C 387 20.22 11.09 49.65
CA GLN C 387 19.38 10.97 50.83
C GLN C 387 18.18 10.05 50.58
N ILE C 388 18.45 8.83 50.08
CA ILE C 388 17.40 7.86 49.81
C ILE C 388 17.03 7.08 51.08
N LYS C 389 15.75 7.10 51.45
CA LYS C 389 15.28 6.46 52.68
C LYS C 389 15.24 4.92 52.62
N GLU C 390 14.91 4.36 51.46
CA GLU C 390 14.60 2.92 51.35
C GLU C 390 15.22 2.25 50.13
N VAL C 391 15.89 1.12 50.34
CA VAL C 391 16.46 0.32 49.25
C VAL C 391 15.85 -1.08 49.24
N ILE C 392 15.47 -1.51 48.04
CA ILE C 392 14.86 -2.84 47.80
C ILE C 392 15.80 -3.63 46.90
N VAL C 393 16.32 -4.74 47.42
CA VAL C 393 17.15 -5.62 46.62
C VAL C 393 16.20 -6.60 45.90
N THR C 394 16.22 -6.57 44.58
CA THR C 394 15.36 -7.45 43.77
C THR C 394 16.10 -8.71 43.36
N GLY C 395 15.39 -9.83 43.47
CA GLY C 395 15.92 -11.17 43.14
C GLY C 395 15.16 -11.84 42.02
N TRP C 396 15.19 -11.23 40.85
CA TRP C 396 14.39 -11.74 39.72
C TRP C 396 14.83 -13.14 39.28
N GLY C 397 13.93 -13.83 38.58
CA GLY C 397 14.15 -15.21 38.13
C GLY C 397 13.86 -15.45 36.65
N ASP C 398 14.08 -14.43 35.83
CA ASP C 398 13.73 -14.45 34.42
C ASP C 398 13.75 -15.80 33.71
N ASN C 399 12.63 -16.12 33.05
CA ASN C 399 12.58 -17.16 32.01
C ASN C 399 12.80 -18.55 32.57
N GLY C 400 12.09 -18.79 33.67
CA GLY C 400 11.98 -20.15 34.22
C GLY C 400 12.46 -20.38 35.64
N GLY C 401 13.12 -19.39 36.25
CA GLY C 401 13.55 -19.45 37.66
C GLY C 401 14.51 -20.58 37.95
N GLU C 402 15.47 -20.80 37.08
CA GLU C 402 16.38 -21.93 37.19
C GLU C 402 17.56 -21.70 38.16
N THR C 403 17.72 -20.47 38.67
CA THR C 403 18.83 -20.17 39.64
C THR C 403 18.33 -20.36 41.05
N ALA C 404 19.18 -20.89 41.92
CA ALA C 404 18.70 -21.26 43.27
C ALA C 404 18.33 -20.00 44.05
N GLN C 405 17.31 -20.11 44.88
CA GLN C 405 16.84 -18.98 45.71
C GLN C 405 17.90 -18.49 46.72
N PHE C 406 18.65 -19.41 47.31
CA PHE C 406 19.72 -19.07 48.26
C PHE C 406 21.10 -18.77 47.64
N SER C 407 21.11 -18.68 46.32
CA SER C 407 22.35 -18.50 45.56
C SER C 407 22.95 -17.09 45.73
N ILE C 408 22.13 -16.16 46.17
CA ILE C 408 22.55 -14.76 46.23
C ILE C 408 22.78 -14.23 47.65
N LEU C 409 22.95 -15.11 48.64
CA LEU C 409 23.14 -14.62 50.01
C LEU C 409 24.30 -13.64 50.11
N PRO C 410 25.41 -13.92 49.41
CA PRO C 410 26.47 -12.93 49.44
C PRO C 410 26.02 -11.52 49.06
N SER C 411 25.28 -11.35 47.97
CA SER C 411 24.77 -10.02 47.57
C SER C 411 23.83 -9.40 48.63
N LEU C 412 23.06 -10.23 49.31
CA LEU C 412 22.17 -9.74 50.36
C LEU C 412 22.98 -9.12 51.49
N GLN C 413 23.99 -9.85 52.00
CA GLN C 413 24.88 -9.33 53.04
C GLN C 413 25.59 -8.08 52.57
N ILE C 414 25.99 -8.03 51.31
CA ILE C 414 26.72 -6.86 50.80
C ILE C 414 25.90 -5.58 51.03
N TRP C 415 24.62 -5.62 50.69
CA TRP C 415 23.76 -4.49 50.84
C TRP C 415 23.52 -4.12 52.30
N ALA C 416 23.43 -5.13 53.18
CA ALA C 416 23.32 -4.91 54.61
C ALA C 416 24.55 -4.18 55.13
N GLU C 417 25.73 -4.69 54.79
CA GLU C 417 26.98 -4.08 55.22
C GLU C 417 27.11 -2.66 54.68
N LEU C 418 26.73 -2.44 53.44
CA LEU C 418 26.80 -1.10 52.89
C LEU C 418 25.77 -0.15 53.53
N SER C 419 24.64 -0.67 54.00
CA SER C 419 23.64 0.20 54.64
C SER C 419 24.14 0.59 56.00
N TYR C 420 24.67 -0.39 56.72
CA TYR C 420 24.94 -0.26 58.14
C TYR C 420 26.33 0.29 58.45
N ARG C 421 27.35 -0.14 57.69
CA ARG C 421 28.73 0.33 57.86
C ARG C 421 29.28 1.25 56.76
N ASN C 422 28.63 1.30 55.61
CA ASN C 422 29.15 1.97 54.44
C ASN C 422 30.51 1.41 53.97
N ASP C 423 30.82 0.18 54.33
CA ASP C 423 32.02 -0.49 53.85
C ASP C 423 31.88 -2.00 53.97
N LEU C 424 32.82 -2.74 53.38
CA LEU C 424 32.74 -4.20 53.32
C LEU C 424 33.79 -4.91 54.17
N ASP C 425 34.43 -4.17 55.11
CA ASP C 425 35.52 -4.73 55.92
C ASP C 425 35.01 -5.93 56.71
N GLY C 426 33.77 -5.88 57.15
CA GLY C 426 33.18 -6.97 57.94
C GLY C 426 32.36 -7.99 57.13
N LEU C 427 32.31 -7.81 55.81
CA LEU C 427 31.48 -8.66 54.95
C LEU C 427 31.74 -10.14 55.15
N SER C 428 32.97 -10.56 54.94
CA SER C 428 33.26 -11.98 54.98
C SER C 428 33.04 -12.60 56.34
N ALA C 429 33.38 -11.86 57.39
CA ALA C 429 33.29 -12.39 58.76
C ALA C 429 31.82 -12.47 59.21
N HIS C 430 31.04 -11.46 58.89
CA HIS C 430 29.63 -11.49 59.27
C HIS C 430 28.91 -12.58 58.48
N PHE C 431 29.33 -12.74 57.23
CA PHE C 431 28.77 -13.76 56.38
C PHE C 431 29.09 -15.16 56.90
N LYS C 432 30.34 -15.41 57.30
CA LYS C 432 30.67 -16.72 57.87
C LYS C 432 29.87 -17.01 59.15
N THR C 433 29.72 -15.99 60.00
CA THR C 433 28.87 -16.14 61.19
C THR C 433 27.47 -16.61 60.79
N ASN C 434 26.93 -15.99 59.74
CA ASN C 434 25.55 -16.24 59.36
C ASN C 434 25.31 -17.53 58.62
N THR C 435 26.34 -18.08 57.98
CA THR C 435 26.18 -19.19 57.03
C THR C 435 27.16 -20.33 57.20
N GLY C 436 28.29 -20.08 57.84
CA GLY C 436 29.32 -21.10 58.02
C GLY C 436 30.37 -21.10 56.94
N LEU C 437 30.21 -20.24 55.92
CA LEU C 437 31.22 -20.11 54.85
C LEU C 437 31.66 -18.69 54.74
N THR C 438 32.91 -18.53 54.34
CA THR C 438 33.43 -17.24 54.00
C THR C 438 32.61 -16.74 52.80
N VAL C 439 32.59 -15.43 52.61
CA VAL C 439 31.88 -14.87 51.49
C VAL C 439 32.59 -15.20 50.18
N GLU C 440 33.92 -15.33 50.20
CA GLU C 440 34.65 -15.61 48.96
C GLU C 440 34.45 -17.07 48.51
N ASP C 441 34.41 -17.99 49.47
CA ASP C 441 34.00 -19.38 49.21
C ASP C 441 32.57 -19.44 48.64
N PHE C 442 31.60 -18.88 49.35
CA PHE C 442 30.24 -18.87 48.84
C PHE C 442 30.21 -18.27 47.42
N MET C 443 30.90 -17.17 47.21
CA MET C 443 30.85 -16.51 45.92
C MET C 443 31.43 -17.31 44.74
N GLN C 444 32.12 -18.43 45.02
CA GLN C 444 32.52 -19.33 43.95
C GLN C 444 31.26 -19.92 43.26
N ILE C 445 30.08 -19.77 43.86
CA ILE C 445 28.84 -20.22 43.23
C ILE C 445 28.64 -19.64 41.83
N ASP C 446 29.18 -18.43 41.61
CA ASP C 446 29.15 -17.70 40.33
C ASP C 446 30.02 -18.28 39.21
N LEU C 447 30.81 -19.32 39.49
CA LEU C 447 31.93 -19.62 38.61
C LEU C 447 31.56 -19.96 37.16
N ALA C 448 30.40 -20.59 36.92
CA ALA C 448 30.02 -20.94 35.54
C ALA C 448 29.84 -19.72 34.64
N ASN C 449 29.70 -18.54 35.23
CA ASN C 449 29.63 -17.29 34.51
C ASN C 449 30.94 -16.50 34.44
N LEU C 450 31.92 -16.87 35.25
CA LEU C 450 33.13 -16.05 35.42
C LEU C 450 34.26 -16.46 34.45
N LEU C 451 34.02 -16.32 33.15
CA LEU C 451 35.04 -16.68 32.20
C LEU C 451 36.18 -15.66 32.33
N PRO C 452 37.45 -16.13 32.23
CA PRO C 452 38.61 -15.32 32.63
C PRO C 452 38.86 -14.06 31.80
N ASP C 453 38.45 -14.04 30.53
CA ASP C 453 38.68 -12.84 29.70
C ASP C 453 37.57 -11.82 29.78
N LEU C 454 36.56 -12.04 30.63
CA LEU C 454 35.46 -11.05 30.76
C LEU C 454 35.85 -9.92 31.70
N PRO C 455 35.56 -8.67 31.32
CA PRO C 455 35.67 -7.57 32.27
C PRO C 455 34.55 -7.63 33.28
N GLY C 456 34.86 -7.33 34.54
CA GLY C 456 33.90 -7.48 35.63
C GLY C 456 32.63 -6.64 35.58
N ASN C 457 32.62 -5.56 34.81
CA ASN C 457 31.48 -4.63 34.82
C ASN C 457 30.51 -4.70 33.63
N LEU C 458 30.58 -5.78 32.84
CA LEU C 458 29.56 -6.00 31.81
C LEU C 458 28.64 -7.07 32.34
N SER C 459 27.33 -6.84 32.23
CA SER C 459 26.35 -7.72 32.82
C SER C 459 25.67 -8.68 31.85
N GLY C 460 24.99 -9.68 32.40
CA GLY C 460 24.18 -10.62 31.63
C GLY C 460 24.96 -11.65 30.82
N ILE C 461 26.27 -11.72 30.99
CA ILE C 461 27.02 -12.69 30.21
C ILE C 461 26.88 -14.04 30.86
N ASN C 462 26.24 -14.97 30.17
CA ASN C 462 25.66 -16.13 30.84
C ASN C 462 25.89 -17.49 30.19
N PRO C 463 27.16 -17.84 29.95
CA PRO C 463 27.49 -19.13 29.36
C PRO C 463 27.03 -20.29 30.22
N ASN C 464 26.87 -20.09 31.52
CA ASN C 464 26.28 -21.14 32.36
C ASN C 464 25.05 -21.72 31.67
N ARG C 465 24.22 -20.85 31.09
CA ARG C 465 22.91 -21.26 30.61
C ARG C 465 22.95 -21.66 29.15
N TYR C 466 23.60 -20.86 28.31
CA TYR C 466 23.53 -21.10 26.87
C TYR C 466 24.49 -22.19 26.41
N VAL C 467 25.62 -22.36 27.10
CA VAL C 467 26.47 -23.49 26.83
C VAL C 467 25.69 -24.77 27.18
N PHE C 468 24.86 -24.69 28.22
CA PHE C 468 24.11 -25.87 28.65
C PHE C 468 23.05 -26.22 27.64
N TYR C 469 22.14 -25.28 27.36
CA TYR C 469 20.97 -25.60 26.54
C TYR C 469 21.19 -25.69 25.04
N GLN C 470 22.38 -25.32 24.58
CA GLN C 470 22.72 -25.32 23.14
C GLN C 470 22.55 -26.70 22.53
N ASP C 471 22.12 -26.75 21.28
CA ASP C 471 22.01 -27.98 20.56
C ASP C 471 23.43 -28.57 20.31
N ILE C 472 23.50 -29.84 19.98
CA ILE C 472 24.76 -30.50 19.61
C ILE C 472 25.05 -30.41 18.10
N LEU C 473 24.10 -30.84 17.25
CA LEU C 473 24.28 -30.84 15.79
C LEU C 473 24.23 -29.45 15.19
N CYS C 474 23.45 -28.59 15.81
CA CYS C 474 23.22 -27.24 15.30
C CYS C 474 23.58 -26.20 16.40
N PRO C 475 24.88 -26.06 16.71
CA PRO C 475 25.32 -25.24 17.84
C PRO C 475 25.42 -23.77 17.47
N ILE C 476 24.28 -23.07 17.60
CA ILE C 476 24.16 -21.73 17.10
C ILE C 476 24.82 -20.67 17.97
N LEU C 477 25.33 -21.07 19.14
CA LEU C 477 26.13 -20.19 19.97
C LEU C 477 27.63 -20.52 19.89
N ASP C 478 28.05 -21.32 18.92
CA ASP C 478 29.42 -21.83 18.91
C ASP C 478 30.51 -20.77 18.71
N GLN C 479 30.17 -19.70 18.05
CA GLN C 479 31.16 -18.65 17.81
C GLN C 479 31.49 -17.86 19.06
N HIS C 480 30.72 -18.12 20.11
CA HIS C 480 30.96 -17.49 21.40
C HIS C 480 31.72 -18.36 22.40
N MET C 481 32.09 -19.59 22.01
CA MET C 481 32.90 -20.45 22.86
C MET C 481 34.38 -20.26 22.55
N THR C 482 35.21 -20.47 23.60
CA THR C 482 36.68 -20.41 23.51
C THR C 482 37.30 -21.61 24.20
N PRO C 483 37.25 -22.75 23.53
CA PRO C 483 37.59 -23.99 24.24
C PRO C 483 38.95 -23.98 24.96
N GLU C 484 39.89 -23.16 24.49
CA GLU C 484 41.24 -23.08 25.05
C GLU C 484 41.26 -22.60 26.49
N GLN C 485 40.47 -21.56 26.78
CA GLN C 485 40.30 -21.09 28.15
C GLN C 485 39.09 -21.68 28.87
N ASP C 486 37.97 -21.88 28.15
CA ASP C 486 36.70 -22.29 28.79
C ASP C 486 36.72 -23.71 29.31
N LYS C 487 37.36 -24.63 28.58
CA LYS C 487 37.43 -26.01 29.01
C LYS C 487 38.15 -26.12 30.37
N PRO C 488 39.36 -25.53 30.50
CA PRO C 488 40.01 -25.52 31.82
C PRO C 488 39.20 -24.80 32.90
N HIS C 489 38.68 -23.61 32.58
CA HIS C 489 37.93 -22.84 33.55
C HIS C 489 36.84 -23.66 34.20
N PHE C 490 35.95 -24.24 33.37
CA PHE C 490 34.81 -24.99 33.86
C PHE C 490 35.28 -26.23 34.61
N ALA C 491 36.35 -26.86 34.11
CA ALA C 491 36.88 -28.07 34.69
C ALA C 491 37.47 -27.81 36.06
N GLN C 492 38.18 -26.70 36.21
CA GLN C 492 38.74 -26.28 37.51
C GLN C 492 37.62 -25.91 38.46
N ALA C 493 36.63 -25.18 37.93
CA ALA C 493 35.42 -24.82 38.67
C ALA C 493 34.72 -26.00 39.31
N ALA C 494 34.65 -27.14 38.63
CA ALA C 494 33.94 -28.29 39.18
C ALA C 494 34.69 -28.84 40.39
N GLU C 495 36.01 -28.72 40.36
CA GLU C 495 36.81 -29.18 41.49
C GLU C 495 36.64 -28.24 42.66
N THR C 496 36.88 -26.96 42.43
CA THR C 496 36.72 -25.95 43.45
C THR C 496 35.41 -26.12 44.17
N LEU C 497 34.34 -26.25 43.39
CA LEU C 497 32.98 -26.25 43.93
C LEU C 497 32.70 -27.52 44.67
N ALA C 498 33.31 -28.61 44.22
CA ALA C 498 33.24 -29.87 44.96
C ALA C 498 33.86 -29.70 46.32
N ASN C 499 34.98 -28.97 46.39
CA ASN C 499 35.66 -28.71 47.65
C ASN C 499 34.87 -27.85 48.62
N ILE C 500 34.24 -26.80 48.09
CA ILE C 500 33.38 -25.94 48.90
C ILE C 500 32.14 -26.71 49.33
N LYS C 501 31.56 -27.52 48.45
CA LYS C 501 30.42 -28.35 48.87
C LYS C 501 30.70 -29.04 50.19
N GLU C 502 31.86 -29.70 50.27
CA GLU C 502 32.23 -30.49 51.45
C GLU C 502 32.31 -29.72 52.77
N LYS C 503 32.36 -28.41 52.73
CA LYS C 503 32.37 -27.64 53.96
C LYS C 503 31.26 -26.60 54.01
N ALA C 504 30.12 -26.93 53.40
CA ALA C 504 29.05 -25.95 53.20
C ALA C 504 27.84 -26.20 54.07
N GLY C 505 27.82 -27.31 54.80
CA GLY C 505 26.73 -27.57 55.70
C GLY C 505 25.39 -27.59 55.00
N ASN C 506 24.44 -26.84 55.54
CA ASN C 506 23.07 -26.79 54.99
C ASN C 506 22.97 -26.11 53.61
N TYR C 507 24.07 -25.55 53.09
CA TYR C 507 24.09 -24.97 51.74
C TYR C 507 24.87 -25.82 50.72
N ALA C 508 25.27 -27.04 51.12
CA ALA C 508 25.99 -27.94 50.24
C ALA C 508 25.27 -28.17 48.91
N TYR C 509 23.94 -28.29 48.95
CA TYR C 509 23.18 -28.54 47.72
C TYR C 509 23.43 -27.53 46.63
N LEU C 510 23.71 -26.29 47.01
CA LEU C 510 23.94 -25.23 46.02
C LEU C 510 25.18 -25.51 45.24
N PHE C 511 26.22 -25.95 45.94
CA PHE C 511 27.54 -26.06 45.33
C PHE C 511 27.65 -27.37 44.54
N GLU C 512 27.00 -28.42 45.02
CA GLU C 512 26.95 -29.68 44.30
C GLU C 512 26.28 -29.49 42.92
N THR C 513 25.17 -28.76 42.91
CA THR C 513 24.48 -28.44 41.67
C THR C 513 25.46 -27.81 40.71
N GLN C 514 26.11 -26.75 41.17
CA GLN C 514 27.03 -25.99 40.32
C GLN C 514 28.28 -26.78 39.95
N ALA C 515 28.71 -27.69 40.82
CA ALA C 515 29.87 -28.51 40.47
C ALA C 515 29.53 -29.35 39.24
N GLN C 516 28.39 -30.03 39.28
CA GLN C 516 27.95 -30.88 38.17
C GLN C 516 27.76 -30.06 36.89
N LEU C 517 27.16 -28.88 37.02
CA LEU C 517 26.98 -28.00 35.87
C LEU C 517 28.30 -27.73 35.18
N ASN C 518 29.28 -27.29 35.96
CA ASN C 518 30.57 -26.93 35.38
C ASN C 518 31.25 -28.13 34.75
N ALA C 519 31.15 -29.28 35.38
CA ALA C 519 31.76 -30.50 34.85
C ALA C 519 31.19 -30.79 33.47
N ILE C 520 29.88 -30.59 33.32
CA ILE C 520 29.23 -30.75 32.02
C ILE C 520 29.71 -29.75 31.03
N LEU C 521 29.78 -28.50 31.44
CA LEU C 521 30.12 -27.44 30.51
C LEU C 521 31.54 -27.60 29.96
N SER C 522 32.45 -28.21 30.71
CA SER C 522 33.84 -28.24 30.27
C SER C 522 34.02 -29.08 29.00
N SER C 523 33.21 -30.14 28.82
CA SER C 523 33.19 -30.91 27.56
C SER C 523 32.11 -30.42 26.61
N LYS C 524 30.93 -30.06 27.13
CA LYS C 524 29.85 -29.62 26.24
C LYS C 524 30.14 -28.30 25.56
N VAL C 525 31.06 -27.51 26.08
CA VAL C 525 31.40 -26.22 25.46
C VAL C 525 31.88 -26.35 24.01
N ASP C 526 32.47 -27.49 23.65
CA ASP C 526 32.96 -27.65 22.29
C ASP C 526 32.70 -29.02 21.64
N VAL C 527 31.91 -29.87 22.27
CA VAL C 527 31.60 -31.14 21.66
C VAL C 527 31.02 -30.90 20.24
N GLY C 528 30.28 -29.81 20.04
CA GLY C 528 29.66 -29.53 18.75
C GLY C 528 30.68 -29.17 17.69
N ARG C 529 31.70 -28.43 18.12
CA ARG C 529 32.76 -27.99 17.23
C ARG C 529 33.67 -29.18 16.88
N ARG C 530 33.92 -30.03 17.86
CA ARG C 530 34.78 -31.19 17.68
C ARG C 530 34.08 -32.22 16.78
N ILE C 531 32.74 -32.31 16.86
CA ILE C 531 32.01 -33.13 15.92
C ILE C 531 32.24 -32.58 14.50
N ARG C 532 32.10 -31.27 14.32
CA ARG C 532 32.31 -30.63 13.02
C ARG C 532 33.72 -30.83 12.47
N GLN C 533 34.73 -30.65 13.30
CA GLN C 533 36.12 -30.81 12.84
C GLN C 533 36.38 -32.24 12.40
N ALA C 534 35.91 -33.21 13.19
CA ALA C 534 36.05 -34.60 12.84
C ALA C 534 35.34 -34.87 11.50
N TYR C 535 34.08 -34.43 11.41
CA TYR C 535 33.28 -34.60 10.20
C TYR C 535 34.04 -34.08 8.99
N GLN C 536 34.43 -32.80 9.03
CA GLN C 536 35.20 -32.19 7.94
C GLN C 536 36.51 -32.92 7.58
N ALA C 537 37.15 -33.58 8.53
CA ALA C 537 38.43 -34.25 8.33
C ALA C 537 38.29 -35.76 8.14
N ASP C 538 37.06 -36.22 7.92
CA ASP C 538 36.80 -37.64 7.79
C ASP C 538 37.34 -38.51 8.90
N ASP C 539 37.51 -37.95 10.09
CA ASP C 539 37.96 -38.72 11.23
C ASP C 539 36.80 -39.55 11.76
N LYS C 540 36.58 -40.69 11.13
CA LYS C 540 35.42 -41.49 11.47
C LYS C 540 35.53 -42.21 12.82
N GLU C 541 36.74 -42.54 13.25
CA GLU C 541 36.92 -43.19 14.56
C GLU C 541 36.59 -42.21 15.71
N SER C 542 36.98 -40.97 15.55
CA SER C 542 36.62 -39.95 16.49
C SER C 542 35.10 -39.78 16.61
N LEU C 543 34.43 -39.58 15.46
CA LEU C 543 32.96 -39.45 15.43
C LEU C 543 32.28 -40.63 16.08
N GLN C 544 32.89 -41.80 15.90
CA GLN C 544 32.39 -42.99 16.53
C GLN C 544 32.52 -42.92 18.08
N GLN C 545 33.68 -42.47 18.57
CA GLN C 545 33.90 -42.29 20.03
C GLN C 545 32.99 -41.19 20.60
N ILE C 546 32.81 -40.11 19.83
CA ILE C 546 31.88 -39.07 20.24
C ILE C 546 30.47 -39.63 20.34
N ALA C 547 30.02 -40.37 19.32
CA ALA C 547 28.65 -40.84 19.27
C ALA C 547 28.39 -41.99 20.24
N ARG C 548 29.38 -42.85 20.46
CA ARG C 548 29.21 -44.00 21.32
C ARG C 548 29.70 -43.81 22.76
N GLN C 549 30.73 -42.98 22.93
CA GLN C 549 31.27 -42.78 24.27
C GLN C 549 30.90 -41.42 24.82
N GLU C 550 31.41 -40.34 24.25
CA GLU C 550 31.25 -39.02 24.86
C GLU C 550 29.78 -38.62 25.10
N LEU C 551 28.95 -38.68 24.06
CA LEU C 551 27.57 -38.22 24.14
C LEU C 551 26.68 -39.06 25.07
N PRO C 552 26.83 -40.40 25.07
CA PRO C 552 26.06 -41.13 26.07
C PRO C 552 26.45 -40.75 27.50
N GLU C 553 27.74 -40.53 27.72
CA GLU C 553 28.28 -40.02 28.99
C GLU C 553 27.76 -38.61 29.29
N LEU C 554 27.73 -37.76 28.27
CA LEU C 554 27.17 -36.42 28.45
C LEU C 554 25.72 -36.50 28.93
N ARG C 555 24.93 -37.38 28.33
CA ARG C 555 23.55 -37.54 28.76
C ARG C 555 23.46 -38.03 30.19
N SER C 556 24.36 -38.95 30.55
CA SER C 556 24.39 -39.47 31.91
C SER C 556 24.65 -38.35 32.91
N GLN C 557 25.60 -37.49 32.57
CA GLN C 557 25.91 -36.36 33.40
C GLN C 557 24.76 -35.39 33.48
N ILE C 558 24.07 -35.16 32.36
CA ILE C 558 22.94 -34.21 32.36
C ILE C 558 21.79 -34.77 33.20
N GLU C 559 21.58 -36.08 33.15
CA GLU C 559 20.59 -36.70 33.99
C GLU C 559 20.92 -36.52 35.51
N ASP C 560 22.20 -36.57 35.85
CA ASP C 560 22.64 -36.37 37.24
C ASP C 560 22.36 -34.96 37.66
N PHE C 561 22.70 -34.03 36.77
CA PHE C 561 22.47 -32.63 36.98
C PHE C 561 20.99 -32.35 37.21
N HIS C 562 20.15 -32.95 36.36
CA HIS C 562 18.70 -32.85 36.44
C HIS C 562 18.25 -33.25 37.83
N ALA C 563 18.81 -34.35 38.33
CA ALA C 563 18.48 -34.86 39.69
C ALA C 563 18.90 -33.91 40.77
N LEU C 564 20.12 -33.40 40.69
CA LEU C 564 20.59 -32.41 41.64
C LEU C 564 19.72 -31.16 41.56
N PHE C 565 19.52 -30.64 40.36
CA PHE C 565 18.66 -29.50 40.16
C PHE C 565 17.27 -29.70 40.81
N SER C 566 16.71 -30.89 40.63
CA SER C 566 15.36 -31.17 41.04
C SER C 566 15.31 -31.20 42.55
N HIS C 567 16.32 -31.82 43.17
CA HIS C 567 16.49 -31.72 44.63
C HIS C 567 16.63 -30.27 45.14
N GLN C 568 17.49 -29.48 44.50
CA GLN C 568 17.59 -28.06 44.81
C GLN C 568 16.23 -27.35 44.70
N TRP C 569 15.52 -27.61 43.61
CA TRP C 569 14.26 -26.96 43.32
C TRP C 569 13.25 -27.29 44.40
N LEU C 570 13.07 -28.58 44.65
CA LEU C 570 12.01 -29.05 45.57
C LEU C 570 12.34 -28.72 47.03
N LYS C 571 13.62 -28.51 47.34
CA LYS C 571 14.01 -27.96 48.64
C LYS C 571 13.57 -26.51 48.83
N GLU C 572 13.73 -25.67 47.80
CA GLU C 572 13.49 -24.23 47.94
C GLU C 572 12.09 -23.80 47.54
N ASN C 573 11.56 -24.44 46.50
CA ASN C 573 10.31 -24.06 45.85
C ASN C 573 9.20 -25.09 45.96
N LYS C 574 8.00 -24.66 45.59
CA LYS C 574 6.91 -25.60 45.35
C LYS C 574 7.19 -26.41 44.09
N VAL C 575 6.52 -27.56 43.97
CA VAL C 575 6.75 -28.45 42.84
C VAL C 575 6.38 -27.80 41.49
N PHE C 576 5.33 -27.00 41.49
CA PHE C 576 4.82 -26.32 40.30
C PHE C 576 5.92 -25.46 39.67
N GLY C 577 6.05 -25.53 38.34
CA GLY C 577 7.07 -24.80 37.61
C GLY C 577 8.28 -25.66 37.31
N LEU C 578 8.49 -26.72 38.11
CA LEU C 578 9.57 -27.69 37.82
C LEU C 578 9.38 -28.35 36.44
N ASP C 579 8.13 -28.52 36.05
CA ASP C 579 7.75 -29.20 34.82
C ASP C 579 8.34 -28.60 33.56
N THR C 580 8.49 -27.29 33.55
CA THR C 580 9.17 -26.61 32.45
C THR C 580 10.62 -26.99 32.35
N VAL C 581 11.30 -27.10 33.48
CA VAL C 581 12.68 -27.58 33.47
C VAL C 581 12.75 -29.04 32.98
N ASP C 582 11.85 -29.89 33.46
CA ASP C 582 11.75 -31.26 33.00
C ASP C 582 11.65 -31.29 31.47
N ILE C 583 10.71 -30.48 30.95
CA ILE C 583 10.52 -30.33 29.51
C ILE C 583 11.80 -29.92 28.77
N ARG C 584 12.44 -28.86 29.24
CA ARG C 584 13.59 -28.30 28.58
C ARG C 584 14.76 -29.25 28.59
N MET C 585 14.98 -29.88 29.74
CA MET C 585 16.06 -30.85 29.89
C MET C 585 15.77 -32.17 29.15
N GLY C 586 14.52 -32.59 29.15
CA GLY C 586 14.09 -33.77 28.40
C GLY C 586 14.38 -33.58 26.92
N GLY C 587 14.16 -32.37 26.43
CA GLY C 587 14.37 -32.02 25.04
C GLY C 587 15.85 -32.04 24.70
N LEU C 588 16.68 -31.50 25.59
CA LEU C 588 18.11 -31.43 25.31
C LEU C 588 18.67 -32.86 25.20
N LEU C 589 18.26 -33.74 26.10
CA LEU C 589 18.70 -35.13 26.07
C LEU C 589 18.25 -35.87 24.81
N GLN C 590 17.02 -35.60 24.35
CA GLN C 590 16.56 -36.17 23.12
C GLN C 590 17.36 -35.61 21.97
N ARG C 591 17.79 -34.35 22.06
CA ARG C 591 18.59 -33.80 20.99
C ARG C 591 20.01 -34.35 20.95
N ILE C 592 20.50 -34.83 22.08
CA ILE C 592 21.82 -35.46 22.10
C ILE C 592 21.71 -36.86 21.50
N LYS C 593 20.66 -37.58 21.87
CA LYS C 593 20.31 -38.86 21.19
C LYS C 593 20.18 -38.68 19.66
N ARG C 594 19.73 -37.51 19.20
CA ARG C 594 19.70 -37.23 17.77
C ARG C 594 21.09 -37.09 17.18
N ALA C 595 21.98 -36.40 17.90
CA ALA C 595 23.36 -36.28 17.40
C ALA C 595 24.02 -37.65 17.31
N GLU C 596 23.74 -38.51 18.28
CA GLU C 596 24.26 -39.85 18.26
C GLU C 596 23.72 -40.53 17.01
N SER C 597 22.40 -40.59 16.86
CA SER C 597 21.80 -41.40 15.79
C SER C 597 22.14 -40.92 14.40
N ARG C 598 22.16 -39.61 14.21
CA ARG C 598 22.53 -39.04 12.95
C ARG C 598 23.97 -39.41 12.59
N ILE C 599 24.86 -39.35 13.55
CA ILE C 599 26.26 -39.70 13.30
C ILE C 599 26.37 -41.19 12.93
N GLU C 600 25.62 -42.04 13.62
CA GLU C 600 25.61 -43.47 13.35
C GLU C 600 25.11 -43.80 11.96
N VAL C 601 24.11 -43.06 11.48
CA VAL C 601 23.57 -43.31 10.14
C VAL C 601 24.66 -42.99 9.13
N TYR C 602 25.34 -41.89 9.38
CA TYR C 602 26.40 -41.47 8.51
C TYR C 602 27.51 -42.49 8.55
N LEU C 603 27.88 -42.97 9.73
CA LEU C 603 28.99 -43.94 9.84
C LEU C 603 28.70 -45.25 9.11
N ALA C 604 27.43 -45.63 9.02
CA ALA C 604 27.00 -46.85 8.35
C ALA C 604 26.88 -46.70 6.83
N GLY C 605 27.20 -45.52 6.31
CA GLY C 605 27.22 -45.31 4.87
C GLY C 605 25.89 -44.86 4.27
N GLN C 606 24.88 -44.75 5.12
CA GLN C 606 23.52 -44.49 4.66
C GLN C 606 23.24 -43.02 4.51
N LEU C 607 24.28 -42.17 4.47
CA LEU C 607 24.13 -40.74 4.19
C LEU C 607 25.40 -40.21 3.50
N ASP C 608 25.21 -39.44 2.43
CA ASP C 608 26.31 -38.74 1.77
C ASP C 608 26.88 -37.70 2.73
N ARG C 609 26.00 -36.95 3.38
CA ARG C 609 26.41 -35.87 4.26
C ARG C 609 25.46 -35.73 5.43
N ILE C 610 25.90 -35.05 6.48
CA ILE C 610 25.02 -34.68 7.60
C ILE C 610 24.73 -33.23 7.39
N ASP C 611 23.55 -32.94 6.85
CA ASP C 611 23.23 -31.59 6.38
C ASP C 611 23.36 -30.53 7.45
N GLU C 612 23.04 -30.90 8.69
CA GLU C 612 23.14 -29.98 9.83
C GLU C 612 24.57 -29.44 9.91
N LEU C 613 25.53 -30.36 9.76
CA LEU C 613 26.93 -30.01 9.85
C LEU C 613 27.47 -29.25 8.64
N GLU C 614 26.70 -29.14 7.57
CA GLU C 614 27.15 -28.38 6.39
C GLU C 614 26.78 -26.90 6.50
N VAL C 615 26.05 -26.51 7.56
CA VAL C 615 25.67 -25.10 7.74
C VAL C 615 26.77 -24.39 8.55
N GLU C 616 27.26 -23.28 8.02
CA GLU C 616 28.27 -22.51 8.72
C GLU C 616 27.65 -21.65 9.81
N ILE C 617 28.28 -21.68 10.98
CA ILE C 617 27.75 -21.03 12.15
C ILE C 617 28.07 -19.53 12.14
N LEU C 618 27.03 -18.70 12.23
CA LEU C 618 27.14 -17.24 12.32
C LEU C 618 27.16 -16.80 13.79
N PRO C 619 27.40 -15.51 14.05
CA PRO C 619 27.25 -15.04 15.42
C PRO C 619 25.79 -15.13 15.86
N PHE C 620 25.53 -15.71 17.02
CA PHE C 620 24.19 -15.69 17.61
C PHE C 620 23.59 -14.29 17.75
N THR C 621 24.38 -13.35 18.28
CA THR C 621 23.97 -11.93 18.44
C THR C 621 25.21 -11.05 18.34
N ASP C 622 25.04 -9.77 18.07
CA ASP C 622 26.18 -8.82 18.02
C ASP C 622 26.23 -7.92 19.25
N PHE C 623 25.38 -8.19 20.24
CA PHE C 623 25.31 -7.40 21.48
C PHE C 623 26.71 -7.06 21.99
N TYR C 624 27.63 -8.03 21.99
CA TYR C 624 29.02 -7.82 22.43
C TYR C 624 30.07 -8.05 21.32
N ALA C 625 29.75 -7.66 20.11
CA ALA C 625 30.59 -7.98 18.96
C ALA C 625 31.94 -7.24 18.93
N ASP C 626 31.97 -6.03 19.46
CA ASP C 626 33.16 -5.19 19.36
C ASP C 626 34.22 -5.43 20.45
N LYS C 627 34.23 -6.60 21.09
CA LYS C 627 34.98 -6.80 22.34
C LYS C 627 36.05 -7.88 22.24
N ASP C 628 36.98 -7.88 23.20
CA ASP C 628 38.11 -8.81 23.20
C ASP C 628 37.75 -10.12 23.93
N PHE C 629 36.49 -10.53 23.83
CA PHE C 629 36.05 -11.80 24.37
C PHE C 629 34.94 -12.33 23.47
N ALA C 630 34.74 -13.63 23.49
CA ALA C 630 33.78 -14.29 22.58
C ALA C 630 32.39 -14.52 23.20
N ALA C 631 32.33 -14.58 24.53
CA ALA C 631 31.07 -14.81 25.28
C ALA C 631 30.02 -13.73 25.04
N THR C 632 28.77 -14.01 25.40
CA THR C 632 27.69 -13.07 25.14
C THR C 632 26.53 -13.26 26.12
N THR C 633 25.42 -12.59 25.83
CA THR C 633 24.21 -12.75 26.61
C THR C 633 23.14 -13.42 25.75
N ALA C 634 22.55 -14.48 26.29
CA ALA C 634 21.47 -15.22 25.61
C ALA C 634 20.64 -15.89 26.70
N ASN C 635 19.48 -15.30 26.98
CA ASN C 635 18.73 -15.71 28.15
C ASN C 635 17.27 -16.06 27.88
N GLN C 636 16.97 -16.54 26.67
CA GLN C 636 15.68 -17.17 26.39
C GLN C 636 15.93 -18.59 25.99
N TRP C 637 15.38 -19.51 26.77
CA TRP C 637 15.59 -20.92 26.50
C TRP C 637 15.25 -21.33 25.05
N HIS C 638 14.07 -20.90 24.59
CA HIS C 638 13.57 -21.35 23.31
C HIS C 638 14.44 -20.89 22.14
N THR C 639 15.16 -19.77 22.28
CA THR C 639 16.07 -19.37 21.20
C THR C 639 17.52 -19.87 21.33
N ILE C 640 17.88 -20.37 22.51
CA ILE C 640 19.17 -21.07 22.69
C ILE C 640 19.11 -22.45 22.04
N ALA C 641 17.95 -23.10 22.17
CA ALA C 641 17.83 -24.54 21.96
C ALA C 641 17.62 -24.95 20.49
N THR C 642 17.18 -24.01 19.65
CA THR C 642 16.76 -24.27 18.27
C THR C 642 16.54 -22.97 17.51
N ALA C 643 16.93 -22.95 16.25
CA ALA C 643 16.62 -21.86 15.34
C ALA C 643 15.29 -22.09 14.66
N SER C 644 14.64 -23.24 14.92
CA SER C 644 13.35 -23.54 14.34
C SER C 644 12.28 -22.77 15.08
N THR C 645 11.05 -22.83 14.60
CA THR C 645 9.95 -22.25 15.35
C THR C 645 9.59 -23.26 16.44
N ILE C 646 9.17 -22.77 17.59
CA ILE C 646 8.72 -23.67 18.64
C ILE C 646 7.51 -23.15 19.40
N TYR C 647 7.33 -21.84 19.52
CA TYR C 647 6.10 -21.36 20.13
C TYR C 647 5.18 -20.67 19.11
N THR C 648 5.75 -20.18 18.01
CA THR C 648 4.89 -19.55 17.02
C THR C 648 3.97 -20.57 16.31
N THR C 649 2.84 -20.04 15.83
CA THR C 649 1.93 -20.75 14.95
C THR C 649 2.38 -20.63 13.47
N SER D 23 24.87 7.93 -46.67
CA SER D 23 23.71 8.27 -47.56
C SER D 23 24.15 8.35 -49.01
N MET D 24 23.27 7.88 -49.89
CA MET D 24 23.42 8.04 -51.33
C MET D 24 22.28 8.93 -51.87
N VAL D 25 21.83 9.89 -51.06
CA VAL D 25 20.83 10.87 -51.50
C VAL D 25 21.42 11.58 -52.72
N ARG D 26 20.57 11.96 -53.67
CA ARG D 26 20.98 12.77 -54.82
C ARG D 26 20.05 13.99 -54.97
N PHE D 27 20.66 15.17 -55.14
CA PHE D 27 19.91 16.42 -55.23
C PHE D 27 20.13 17.09 -56.57
N THR D 28 19.11 17.81 -57.01
CA THR D 28 19.24 18.67 -58.15
C THR D 28 18.66 20.05 -57.78
N GLY D 29 19.22 21.09 -58.39
CA GLY D 29 18.78 22.46 -58.15
C GLY D 29 19.49 23.16 -56.98
N LEU D 30 20.45 22.47 -56.36
CA LEU D 30 21.16 23.03 -55.20
C LEU D 30 22.26 24.01 -55.57
N SER D 31 22.44 25.03 -54.73
CA SER D 31 23.64 25.88 -54.81
C SER D 31 24.82 25.17 -54.14
N LEU D 32 26.00 25.74 -54.32
CA LEU D 32 27.21 25.27 -53.65
C LEU D 32 27.08 25.40 -52.12
N LYS D 33 26.49 26.51 -51.67
CA LYS D 33 26.21 26.77 -50.25
C LYS D 33 25.35 25.66 -49.65
N GLN D 34 24.29 25.32 -50.37
CA GLN D 34 23.31 24.33 -49.94
C GLN D 34 23.84 22.90 -49.89
N THR D 35 24.79 22.57 -50.77
CA THR D 35 25.31 21.20 -50.82
C THR D 35 26.19 20.92 -49.61
N GLN D 36 27.09 21.87 -49.35
CA GLN D 36 27.98 21.87 -48.18
C GLN D 36 27.21 21.88 -46.86
N ALA D 37 26.14 22.67 -46.79
CA ALA D 37 25.29 22.72 -45.61
C ALA D 37 24.67 21.36 -45.36
N ILE D 38 24.19 20.73 -46.42
CA ILE D 38 23.61 19.40 -46.31
C ILE D 38 24.64 18.39 -45.82
N GLU D 39 25.88 18.57 -46.26
CA GLU D 39 26.96 17.68 -45.84
C GLU D 39 27.22 17.79 -44.33
N VAL D 40 27.11 19.00 -43.78
CA VAL D 40 27.18 19.20 -42.32
C VAL D 40 26.02 18.46 -41.65
N LEU D 41 24.81 18.68 -42.15
CA LEU D 41 23.61 18.14 -41.50
C LEU D 41 23.42 16.63 -41.59
N LYS D 42 24.23 15.98 -42.42
CA LYS D 42 24.27 14.53 -42.42
C LYS D 42 24.70 14.03 -41.04
N GLY D 43 25.52 14.80 -40.35
CA GLY D 43 25.90 14.48 -38.98
C GLY D 43 24.72 14.22 -38.07
N HIS D 44 23.57 14.86 -38.36
CA HIS D 44 22.37 14.77 -37.52
C HIS D 44 21.24 13.94 -38.10
N ILE D 45 21.06 13.97 -39.42
CA ILE D 45 19.96 13.22 -40.03
C ILE D 45 20.46 12.24 -41.08
N SER D 46 19.65 11.21 -41.32
CA SER D 46 19.94 10.15 -42.28
C SER D 46 19.12 10.33 -43.54
N LEU D 47 19.74 10.88 -44.57
CA LEU D 47 19.09 10.98 -45.88
C LEU D 47 19.04 9.58 -46.54
N PRO D 48 17.83 9.10 -46.85
CA PRO D 48 17.73 7.86 -47.60
C PRO D 48 18.20 8.03 -49.06
N ASP D 49 18.33 6.90 -49.74
CA ASP D 49 18.84 6.84 -51.11
C ASP D 49 17.70 7.16 -52.05
N VAL D 50 17.59 8.44 -52.35
CA VAL D 50 16.43 8.99 -52.99
C VAL D 50 16.89 10.17 -53.86
N GLU D 51 16.02 10.64 -54.75
CA GLU D 51 16.33 11.77 -55.61
C GLU D 51 15.35 12.91 -55.37
N VAL D 52 15.92 14.12 -55.21
CA VAL D 52 15.16 15.28 -54.82
C VAL D 52 15.54 16.46 -55.70
N ALA D 53 14.53 17.10 -56.26
CA ALA D 53 14.76 18.32 -57.00
C ALA D 53 14.29 19.48 -56.13
N VAL D 54 15.18 20.46 -55.98
CA VAL D 54 14.96 21.54 -55.06
C VAL D 54 14.87 22.83 -55.84
N THR D 55 13.94 23.70 -55.47
CA THR D 55 13.94 25.11 -55.90
C THR D 55 13.16 25.99 -54.97
N GLN D 56 13.49 27.27 -55.02
CA GLN D 56 12.74 28.29 -54.28
C GLN D 56 11.37 28.46 -54.94
N SER D 57 10.35 28.65 -54.13
CA SER D 57 9.04 29.08 -54.62
C SER D 57 8.25 29.80 -53.54
N ASP D 58 7.49 30.82 -53.94
CA ASP D 58 6.71 31.63 -52.98
C ASP D 58 5.38 31.00 -52.64
N GLN D 59 5.15 29.78 -53.12
CA GLN D 59 3.86 29.12 -53.00
C GLN D 59 3.60 28.61 -51.58
N ALA D 60 4.65 28.13 -50.91
CA ALA D 60 4.55 27.73 -49.48
C ALA D 60 5.88 27.95 -48.76
N SER D 61 5.87 27.98 -47.43
CA SER D 61 7.12 27.97 -46.67
C SER D 61 7.94 26.77 -47.14
N ILE D 62 7.29 25.61 -47.15
CA ILE D 62 7.88 24.33 -47.54
C ILE D 62 6.80 23.54 -48.24
N SER D 63 7.16 22.93 -49.37
CA SER D 63 6.29 21.97 -50.01
CA SER D 63 6.29 21.96 -50.01
C SER D 63 7.14 20.78 -50.46
N ILE D 64 6.61 19.58 -50.22
CA ILE D 64 7.26 18.35 -50.66
C ILE D 64 6.19 17.52 -51.35
N GLU D 65 6.53 17.04 -52.54
CA GLU D 65 5.68 16.11 -53.28
C GLU D 65 6.52 15.05 -53.93
N GLY D 66 5.85 14.00 -54.39
CA GLY D 66 6.49 12.96 -55.16
C GLY D 66 6.27 11.60 -54.56
N GLU D 67 6.94 10.62 -55.14
CA GLU D 67 6.83 9.24 -54.70
C GLU D 67 7.87 8.37 -55.37
N GLU D 68 7.89 7.10 -54.99
CA GLU D 68 8.70 6.07 -55.63
C GLU D 68 10.13 6.54 -55.94
N GLY D 69 10.74 7.23 -54.98
CA GLY D 69 12.15 7.62 -55.06
C GLY D 69 12.45 8.92 -55.75
N HIS D 70 11.42 9.67 -56.12
CA HIS D 70 11.61 10.94 -56.85
C HIS D 70 10.69 11.96 -56.22
N TYR D 71 11.29 13.03 -55.68
CA TYR D 71 10.53 14.03 -54.92
C TYR D 71 10.84 15.42 -55.40
N GLN D 72 9.87 16.29 -55.23
CA GLN D 72 10.00 17.69 -55.55
C GLN D 72 9.76 18.49 -54.28
N LEU D 73 10.75 19.31 -53.96
CA LEU D 73 10.79 20.03 -52.71
C LEU D 73 10.99 21.50 -53.00
N THR D 74 10.10 22.33 -52.48
CA THR D 74 10.25 23.79 -52.55
C THR D 74 10.27 24.49 -51.15
N TYR D 75 10.91 25.65 -51.08
CA TYR D 75 10.91 26.47 -49.87
C TYR D 75 10.72 27.93 -50.26
N ARG D 76 10.12 28.72 -49.38
CA ARG D 76 10.01 30.15 -49.67
C ARG D 76 11.33 30.85 -49.37
N LYS D 77 11.82 30.68 -48.14
CA LYS D 77 13.10 31.29 -47.71
C LYS D 77 14.18 30.20 -47.62
N PRO D 78 15.44 30.53 -48.00
CA PRO D 78 16.49 29.51 -48.14
C PRO D 78 16.76 28.65 -46.91
N HIS D 79 16.60 29.19 -45.70
CA HIS D 79 16.86 28.36 -44.50
C HIS D 79 15.83 27.24 -44.36
N GLN D 80 14.62 27.47 -44.88
CA GLN D 80 13.53 26.52 -44.73
C GLN D 80 13.78 25.20 -45.44
N LEU D 81 14.78 25.17 -46.32
CA LEU D 81 15.31 23.95 -46.92
C LEU D 81 15.67 22.90 -45.90
N TYR D 82 16.33 23.32 -44.82
CA TYR D 82 16.89 22.35 -43.89
C TYR D 82 15.77 21.75 -43.01
N ARG D 83 14.76 22.53 -42.64
CA ARG D 83 13.57 21.88 -42.03
C ARG D 83 12.92 20.94 -43.04
N ALA D 84 12.89 21.33 -44.32
CA ALA D 84 12.26 20.51 -45.34
C ALA D 84 12.92 19.15 -45.36
N LEU D 85 14.24 19.13 -45.30
CA LEU D 85 14.97 17.88 -45.28
C LEU D 85 14.61 17.00 -44.09
N SER D 86 14.47 17.60 -42.91
CA SER D 86 14.09 16.82 -41.72
C SER D 86 12.70 16.22 -41.90
N LEU D 87 11.78 17.01 -42.47
CA LEU D 87 10.43 16.54 -42.79
C LEU D 87 10.45 15.39 -43.81
N LEU D 88 11.36 15.49 -44.78
CA LEU D 88 11.53 14.47 -45.82
C LEU D 88 11.99 13.13 -45.24
N VAL D 89 13.07 13.16 -44.47
CA VAL D 89 13.61 11.95 -43.85
C VAL D 89 12.54 11.30 -42.97
N THR D 90 11.93 12.09 -42.12
CA THR D 90 10.87 11.62 -41.26
C THR D 90 9.83 10.84 -42.08
N VAL D 91 9.15 11.52 -42.99
CA VAL D 91 7.98 10.95 -43.70
C VAL D 91 8.27 9.68 -44.53
N LEU D 92 9.47 9.59 -45.08
CA LEU D 92 9.88 8.43 -45.87
C LEU D 92 10.08 7.14 -45.09
N ALA D 93 10.10 7.22 -43.76
CA ALA D 93 10.00 6.02 -42.91
C ALA D 93 8.57 5.46 -42.95
N GLU D 94 7.58 6.32 -42.78
CA GLU D 94 6.19 5.89 -42.76
C GLU D 94 5.76 5.35 -44.13
N ALA D 95 6.00 6.13 -45.18
CA ALA D 95 5.43 5.90 -46.50
C ALA D 95 6.33 6.44 -47.62
N ASP D 96 5.91 6.23 -48.87
CA ASP D 96 6.69 6.66 -50.05
C ASP D 96 6.07 7.84 -50.81
N LYS D 97 4.73 7.94 -50.85
CA LYS D 97 4.05 9.10 -51.42
C LYS D 97 4.08 10.24 -50.39
N VAL D 98 4.34 11.46 -50.84
CA VAL D 98 4.55 12.60 -49.96
C VAL D 98 3.59 13.75 -50.33
N GLU D 99 2.87 14.27 -49.34
CA GLU D 99 2.01 15.42 -49.56
C GLU D 99 2.17 16.41 -48.42
N ILE D 100 3.21 17.21 -48.48
CA ILE D 100 3.48 18.22 -47.46
C ILE D 100 3.36 19.63 -48.03
N GLU D 101 2.77 20.51 -47.25
CA GLU D 101 2.78 21.91 -47.52
C GLU D 101 2.54 22.63 -46.19
N GLU D 102 3.50 23.44 -45.78
CA GLU D 102 3.41 24.15 -44.53
C GLU D 102 3.40 25.66 -44.79
N GLN D 103 2.56 26.36 -44.03
CA GLN D 103 2.55 27.83 -44.06
C GLN D 103 2.90 28.39 -42.67
N ALA D 104 4.18 28.72 -42.48
CA ALA D 104 4.66 29.23 -41.20
C ALA D 104 3.89 30.48 -40.82
N ALA D 105 3.48 30.60 -39.57
CA ALA D 105 2.73 31.78 -39.15
C ALA D 105 3.64 32.96 -38.89
N TYR D 106 4.94 32.71 -38.69
CA TYR D 106 5.87 33.78 -38.28
C TYR D 106 6.92 34.02 -39.34
N GLU D 107 7.09 35.30 -39.64
CA GLU D 107 8.06 35.78 -40.61
C GLU D 107 9.47 35.50 -40.10
N ASP D 108 9.59 35.47 -38.77
CA ASP D 108 10.85 35.12 -38.13
C ASP D 108 10.60 34.32 -36.85
N LEU D 109 11.43 33.30 -36.65
CA LEU D 109 11.40 32.50 -35.42
C LEU D 109 12.83 32.38 -34.94
N ALA D 110 13.11 32.87 -33.74
CA ALA D 110 14.49 32.93 -33.23
C ALA D 110 14.61 32.20 -31.90
N TYR D 111 15.82 31.74 -31.59
CA TYR D 111 16.15 31.26 -30.27
C TYR D 111 17.32 32.08 -29.72
N MET D 112 17.13 32.58 -28.50
CA MET D 112 18.10 33.43 -27.80
C MET D 112 18.77 32.70 -26.63
N VAL D 113 20.06 32.38 -26.76
CA VAL D 113 20.82 31.72 -25.68
C VAL D 113 21.24 32.78 -24.65
N ASP D 114 21.03 32.50 -23.38
CA ASP D 114 21.64 33.34 -22.32
C ASP D 114 23.13 33.04 -22.25
N CYS D 115 23.97 34.05 -22.49
CA CYS D 115 25.40 33.95 -22.21
C CYS D 115 25.88 34.93 -21.12
N SER D 116 24.98 35.31 -20.21
CA SER D 116 25.27 36.37 -19.22
C SER D 116 25.16 35.94 -17.78
N ARG D 117 24.65 34.74 -17.57
CA ARG D 117 24.37 34.22 -16.26
C ARG D 117 25.47 33.28 -15.77
N ASN D 118 26.66 33.39 -16.38
CA ASN D 118 27.90 32.66 -16.06
C ASN D 118 28.24 31.62 -17.12
N ALA D 119 27.21 31.05 -17.75
CA ALA D 119 27.37 30.08 -18.83
C ALA D 119 27.41 30.81 -20.18
N VAL D 120 28.61 30.89 -20.74
CA VAL D 120 28.84 31.47 -22.07
C VAL D 120 28.98 30.32 -23.07
N LEU D 121 28.03 30.19 -24.00
CA LEU D 121 28.06 29.12 -25.00
C LEU D 121 29.37 29.15 -25.76
N ASN D 122 30.07 28.02 -25.79
CA ASN D 122 31.35 28.00 -26.52
C ASN D 122 31.17 27.86 -28.04
N VAL D 123 32.15 28.32 -28.80
CA VAL D 123 31.98 28.47 -30.23
C VAL D 123 31.52 27.16 -30.87
N ALA D 124 32.13 26.03 -30.47
CA ALA D 124 31.74 24.71 -30.99
C ALA D 124 30.27 24.36 -30.75
N SER D 125 29.73 24.71 -29.59
CA SER D 125 28.33 24.41 -29.26
C SER D 125 27.37 25.44 -29.89
N ALA D 126 27.88 26.63 -30.19
CA ALA D 126 27.12 27.60 -30.98
C ALA D 126 26.85 27.01 -32.36
N LYS D 127 27.84 26.33 -32.91
CA LYS D 127 27.73 25.74 -34.22
C LYS D 127 26.78 24.59 -34.19
N GLN D 128 26.90 23.74 -33.18
CA GLN D 128 26.03 22.60 -33.07
C GLN D 128 24.58 23.03 -32.90
N MET D 129 24.31 24.01 -32.02
CA MET D 129 22.94 24.52 -31.83
C MET D 129 22.36 25.13 -33.12
N ILE D 130 23.20 25.83 -33.88
CA ILE D 130 22.79 26.42 -35.16
C ILE D 130 22.29 25.35 -36.13
N GLU D 131 23.11 24.33 -36.29
CA GLU D 131 22.78 23.20 -37.13
C GLU D 131 21.40 22.65 -36.78
N ILE D 132 21.11 22.52 -35.47
CA ILE D 132 19.84 21.95 -35.00
C ILE D 132 18.68 22.90 -35.22
N LEU D 133 18.94 24.18 -34.97
CA LEU D 133 17.96 25.20 -35.25
C LEU D 133 17.58 25.21 -36.75
N ALA D 134 18.56 25.00 -37.63
CA ALA D 134 18.32 24.96 -39.07
C ALA D 134 17.33 23.84 -39.40
N LEU D 135 17.54 22.67 -38.79
CA LEU D 135 16.66 21.52 -39.02
C LEU D 135 15.25 21.72 -38.50
N MET D 136 15.13 22.49 -37.44
CA MET D 136 13.84 22.73 -36.84
C MET D 136 13.00 23.76 -37.62
N GLY D 137 13.67 24.68 -38.30
CA GLY D 137 13.01 25.77 -39.02
C GLY D 137 13.18 27.16 -38.44
N TYR D 138 14.13 27.33 -37.51
CA TYR D 138 14.42 28.65 -36.93
C TYR D 138 15.14 29.49 -37.99
N SER D 139 14.81 30.77 -38.07
CA SER D 139 15.46 31.69 -39.04
C SER D 139 16.60 32.47 -38.42
N THR D 140 16.61 32.55 -37.09
CA THR D 140 17.49 33.48 -36.36
C THR D 140 18.11 32.83 -35.10
N PHE D 141 19.42 33.05 -34.92
CA PHE D 141 20.12 32.67 -33.71
C PHE D 141 20.53 33.91 -32.91
N GLU D 142 20.26 33.92 -31.61
CA GLU D 142 20.56 35.10 -30.82
C GLU D 142 21.34 34.74 -29.56
N LEU D 143 22.33 35.58 -29.21
CA LEU D 143 23.11 35.43 -27.95
C LEU D 143 22.88 36.62 -27.02
N TYR D 144 22.47 36.35 -25.78
CA TYR D 144 22.21 37.41 -24.82
C TYR D 144 23.46 37.72 -23.99
N MET D 145 24.02 38.91 -24.22
CA MET D 145 25.31 39.31 -23.68
C MET D 145 25.22 40.66 -22.96
N GLU D 146 25.26 40.62 -21.63
CA GLU D 146 25.22 41.83 -20.80
C GLU D 146 26.60 42.49 -20.87
N ASP D 147 27.58 41.81 -20.31
CA ASP D 147 28.95 42.24 -20.34
C ASP D 147 29.80 41.22 -21.07
N THR D 148 29.19 40.22 -21.71
CA THR D 148 29.99 39.12 -22.24
C THR D 148 30.31 39.20 -23.73
N TYR D 149 30.61 40.43 -24.18
CA TYR D 149 31.27 40.67 -25.48
C TYR D 149 32.31 41.75 -25.23
N GLN D 150 33.47 41.61 -25.84
CA GLN D 150 34.56 42.57 -25.63
C GLN D 150 34.34 43.93 -26.30
N ILE D 151 34.87 44.98 -25.68
CA ILE D 151 34.82 46.35 -26.18
C ILE D 151 36.20 47.03 -26.08
N GLU D 152 36.68 47.54 -27.21
CA GLU D 152 37.99 48.21 -27.27
C GLU D 152 38.05 49.27 -26.18
N GLY D 153 39.17 49.28 -25.46
CA GLY D 153 39.40 50.28 -24.40
C GLY D 153 38.55 50.15 -23.14
N GLN D 154 37.83 49.05 -22.97
CA GLN D 154 37.00 48.87 -21.79
C GLN D 154 37.38 47.52 -21.17
N PRO D 155 38.60 47.43 -20.61
CA PRO D 155 39.22 46.19 -20.16
C PRO D 155 38.51 45.46 -19.02
N TYR D 156 37.66 46.15 -18.26
CA TYR D 156 36.89 45.52 -17.19
C TYR D 156 35.54 44.97 -17.65
N PHE D 157 35.12 45.34 -18.87
CA PHE D 157 33.83 44.91 -19.44
C PHE D 157 34.02 43.49 -19.94
N GLY D 158 33.45 42.54 -19.22
CA GLY D 158 33.62 41.11 -19.51
C GLY D 158 34.83 40.41 -18.94
N TYR D 159 35.50 41.07 -18.00
CA TYR D 159 36.80 40.61 -17.45
C TYR D 159 36.65 39.34 -16.63
N PHE D 160 37.39 38.29 -17.00
CA PHE D 160 37.24 36.93 -16.40
C PHE D 160 35.83 36.33 -16.53
N ARG D 161 35.09 36.77 -17.54
CA ARG D 161 33.77 36.25 -17.80
C ARG D 161 33.71 35.40 -19.07
N GLY D 162 34.84 35.24 -19.76
CA GLY D 162 34.86 34.58 -21.06
C GLY D 162 34.12 35.35 -22.15
N ALA D 163 34.23 36.69 -22.15
CA ALA D 163 33.56 37.58 -23.10
C ALA D 163 33.99 37.26 -24.50
N TYR D 164 33.03 37.26 -25.43
CA TYR D 164 33.36 36.94 -26.82
C TYR D 164 34.21 38.04 -27.39
N SER D 165 35.25 37.62 -28.09
CA SER D 165 35.97 38.53 -28.96
C SER D 165 35.05 38.86 -30.14
N ALA D 166 35.49 39.84 -30.93
CA ALA D 166 34.82 40.18 -32.20
C ALA D 166 34.91 39.01 -33.13
N GLU D 167 36.11 38.45 -33.20
CA GLU D 167 36.36 37.33 -34.08
C GLU D 167 35.41 36.21 -33.77
N GLU D 168 35.22 35.90 -32.49
CA GLU D 168 34.34 34.80 -32.10
C GLU D 168 32.90 35.05 -32.56
N LEU D 169 32.40 36.27 -32.35
CA LEU D 169 31.04 36.59 -32.76
C LEU D 169 30.87 36.52 -34.29
N GLN D 170 31.82 37.13 -35.01
CA GLN D 170 31.87 37.00 -36.48
C GLN D 170 31.91 35.56 -36.92
N GLU D 171 32.81 34.76 -36.33
CA GLU D 171 32.87 33.33 -36.65
C GLU D 171 31.54 32.61 -36.44
N ILE D 172 30.84 32.96 -35.36
CA ILE D 172 29.57 32.35 -35.02
C ILE D 172 28.52 32.79 -36.04
N GLU D 173 28.43 34.10 -36.26
CA GLU D 173 27.57 34.68 -37.29
C GLU D 173 27.78 34.09 -38.69
N ALA D 174 29.04 34.00 -39.13
CA ALA D 174 29.35 33.38 -40.41
C ALA D 174 28.84 31.92 -40.45
N TYR D 175 28.94 31.19 -39.34
CA TYR D 175 28.50 29.78 -39.35
C TYR D 175 27.01 29.71 -39.57
N ALA D 176 26.27 30.57 -38.88
CA ALA D 176 24.83 30.68 -39.11
C ALA D 176 24.52 31.07 -40.56
N GLN D 177 25.34 31.95 -41.15
CA GLN D 177 25.16 32.37 -42.55
C GLN D 177 25.22 31.18 -43.53
N GLN D 178 26.00 30.16 -43.20
CA GLN D 178 26.11 28.97 -44.05
C GLN D 178 24.78 28.24 -44.23
N PHE D 179 23.88 28.44 -43.28
CA PHE D 179 22.57 27.81 -43.31
C PHE D 179 21.52 28.86 -43.53
N ASP D 180 21.90 30.07 -43.92
CA ASP D 180 20.94 31.17 -44.10
C ASP D 180 20.13 31.55 -42.86
N VAL D 181 20.77 31.40 -41.69
CA VAL D 181 20.21 31.76 -40.40
C VAL D 181 20.82 33.12 -40.03
N THR D 182 20.02 34.11 -39.66
CA THR D 182 20.62 35.39 -39.27
C THR D 182 20.96 35.41 -37.78
N PHE D 183 21.80 36.38 -37.43
CA PHE D 183 22.29 36.54 -36.06
C PHE D 183 21.84 37.88 -35.53
N VAL D 184 21.21 37.86 -34.35
CA VAL D 184 20.84 39.08 -33.64
C VAL D 184 21.44 39.05 -32.24
N PRO D 185 22.34 39.99 -31.94
CA PRO D 185 22.86 40.03 -30.61
C PRO D 185 21.86 40.72 -29.71
N CYS D 186 21.70 40.20 -28.50
CA CYS D 186 20.93 40.87 -27.48
C CYS D 186 21.92 41.43 -26.42
N ILE D 187 22.00 42.76 -26.32
CA ILE D 187 22.89 43.43 -25.37
C ILE D 187 22.06 44.22 -24.38
N GLN D 188 22.71 44.98 -23.50
CA GLN D 188 22.01 45.87 -22.59
C GLN D 188 22.62 47.27 -22.70
N THR D 189 21.77 48.28 -22.80
CA THR D 189 22.26 49.63 -22.93
C THR D 189 21.83 50.50 -21.76
N LEU D 190 21.23 49.89 -20.74
CA LEU D 190 20.82 50.65 -19.56
C LEU D 190 21.06 49.91 -18.26
N ALA D 191 20.46 48.73 -18.13
CA ALA D 191 20.48 47.97 -16.89
C ALA D 191 21.01 46.55 -17.11
N HIS D 192 20.96 45.73 -16.06
CA HIS D 192 21.48 44.35 -16.09
C HIS D 192 22.94 44.30 -16.52
N LEU D 193 23.75 45.14 -15.92
CA LEU D 193 25.18 45.13 -16.17
C LEU D 193 25.96 44.89 -14.88
N SER D 194 25.33 44.17 -13.93
CA SER D 194 25.91 43.92 -12.60
C SER D 194 27.34 43.41 -12.63
N ALA D 195 27.65 42.51 -13.53
CA ALA D 195 29.01 41.92 -13.53
C ALA D 195 30.10 42.92 -13.94
N PHE D 196 29.70 44.00 -14.59
CA PHE D 196 30.67 45.02 -15.04
C PHE D 196 30.76 46.17 -14.05
N VAL D 197 29.61 46.72 -13.66
CA VAL D 197 29.64 47.87 -12.76
C VAL D 197 30.20 47.59 -11.36
N LYS D 198 30.37 46.32 -10.96
CA LYS D 198 30.91 45.99 -9.65
C LYS D 198 32.35 46.43 -9.47
N TRP D 199 33.08 46.59 -10.58
CA TRP D 199 34.53 46.86 -10.52
C TRP D 199 34.84 48.26 -9.97
N GLY D 200 35.69 48.29 -8.94
CA GLY D 200 35.93 49.48 -8.12
C GLY D 200 37.08 50.32 -8.62
N VAL D 201 36.92 50.82 -9.84
CA VAL D 201 37.87 51.75 -10.44
C VAL D 201 37.06 52.91 -11.00
N LYS D 202 37.69 54.09 -11.00
CA LYS D 202 37.05 55.32 -11.43
C LYS D 202 36.30 55.14 -12.74
N GLU D 203 36.92 54.49 -13.70
CA GLU D 203 36.40 54.43 -15.07
C GLU D 203 35.09 53.64 -15.20
N VAL D 204 34.80 52.80 -14.21
CA VAL D 204 33.56 52.04 -14.16
C VAL D 204 32.56 52.71 -13.20
N GLN D 205 33.03 53.20 -12.06
CA GLN D 205 32.15 53.78 -11.06
C GLN D 205 31.54 55.10 -11.55
N GLU D 206 32.29 55.84 -12.36
CA GLU D 206 31.77 57.09 -12.91
C GLU D 206 30.63 56.86 -13.92
N LEU D 207 30.33 55.59 -14.26
CA LEU D 207 29.24 55.24 -15.17
C LEU D 207 27.94 54.76 -14.50
N ARG D 208 27.85 54.82 -13.18
CA ARG D 208 26.78 54.15 -12.48
C ARG D 208 25.73 55.10 -11.95
N ASP D 209 24.47 54.71 -12.09
CA ASP D 209 23.40 55.38 -11.40
C ASP D 209 23.27 54.66 -10.07
N VAL D 210 22.88 53.40 -10.11
CA VAL D 210 22.72 52.60 -8.90
C VAL D 210 22.60 51.13 -9.29
N GLU D 211 22.82 50.22 -8.34
CA GLU D 211 22.73 48.76 -8.57
C GLU D 211 23.39 48.40 -9.90
N ASP D 212 22.59 47.87 -10.81
CA ASP D 212 23.05 47.36 -12.10
C ASP D 212 22.73 48.34 -13.24
N ILE D 213 22.39 49.59 -12.88
CA ILE D 213 21.91 50.55 -13.85
C ILE D 213 22.97 51.59 -14.16
N LEU D 214 23.24 51.80 -15.46
CA LEU D 214 24.12 52.89 -15.91
C LEU D 214 23.54 54.30 -15.66
N LEU D 215 24.42 55.31 -15.66
CA LEU D 215 24.05 56.69 -15.36
C LEU D 215 23.60 57.47 -16.61
N ILE D 216 22.29 57.69 -16.70
CA ILE D 216 21.70 58.37 -17.86
C ILE D 216 22.22 59.79 -17.86
N GLY D 217 22.62 60.26 -19.03
CA GLY D 217 23.02 61.65 -19.18
C GLY D 217 24.51 61.89 -19.03
N GLU D 218 25.23 60.93 -18.46
CA GLU D 218 26.69 61.01 -18.34
C GLU D 218 27.31 60.69 -19.67
N GLU D 219 28.20 61.55 -20.15
CA GLU D 219 28.77 61.39 -21.48
C GLU D 219 29.67 60.16 -21.63
N LYS D 220 30.35 59.77 -20.57
CA LYS D 220 31.21 58.57 -20.60
C LYS D 220 30.38 57.29 -20.72
N VAL D 221 29.12 57.35 -20.33
CA VAL D 221 28.17 56.25 -20.57
C VAL D 221 27.94 56.09 -22.08
N TYR D 222 27.67 57.21 -22.77
CA TYR D 222 27.38 57.16 -24.20
C TYR D 222 28.64 56.81 -24.95
N ASP D 223 29.80 57.13 -24.37
CA ASP D 223 31.09 56.64 -24.91
C ASP D 223 31.11 55.12 -24.87
N LEU D 224 30.75 54.55 -23.73
CA LEU D 224 30.66 53.09 -23.58
C LEU D 224 29.69 52.46 -24.60
N ILE D 225 28.46 52.98 -24.63
CA ILE D 225 27.44 52.47 -25.52
C ILE D 225 27.89 52.57 -26.98
N ASP D 226 28.53 53.68 -27.33
CA ASP D 226 29.14 53.78 -28.65
C ASP D 226 30.15 52.66 -28.85
N GLY D 227 30.93 52.33 -27.82
CA GLY D 227 31.86 51.21 -27.94
C GLY D 227 31.16 49.85 -28.17
N MET D 228 30.01 49.66 -27.54
CA MET D 228 29.20 48.45 -27.73
C MET D 228 28.90 48.26 -29.20
N PHE D 229 28.34 49.32 -29.82
CA PHE D 229 27.97 49.28 -31.23
C PHE D 229 29.19 49.31 -32.13
N ALA D 230 30.27 49.93 -31.68
CA ALA D 230 31.52 49.79 -32.41
C ALA D 230 31.84 48.32 -32.57
N THR D 231 31.79 47.54 -31.48
CA THR D 231 32.16 46.12 -31.54
C THR D 231 31.18 45.37 -32.45
N LEU D 232 29.88 45.59 -32.23
CA LEU D 232 28.86 44.87 -32.98
C LEU D 232 28.89 45.20 -34.47
N SER D 233 29.25 46.43 -34.81
CA SER D 233 29.27 46.84 -36.23
C SER D 233 30.34 46.09 -37.03
N LYS D 234 31.20 45.34 -36.33
CA LYS D 234 32.11 44.39 -36.98
C LYS D 234 31.39 43.14 -37.48
N LEU D 235 30.16 42.91 -37.03
CA LEU D 235 29.33 41.86 -37.60
C LEU D 235 28.64 42.35 -38.87
N LYS D 236 28.20 41.41 -39.71
CA LYS D 236 27.32 41.68 -40.86
C LYS D 236 25.92 42.12 -40.46
N THR D 237 25.33 41.46 -39.47
CA THR D 237 23.98 41.82 -39.05
C THR D 237 23.84 43.30 -38.68
N ARG D 238 22.65 43.86 -38.90
CA ARG D 238 22.37 45.22 -38.47
C ARG D 238 21.04 45.28 -37.76
N LYS D 239 20.74 44.18 -37.08
CA LYS D 239 19.57 44.06 -36.22
C LYS D 239 20.08 43.73 -34.81
N VAL D 240 19.55 44.44 -33.81
CA VAL D 240 20.02 44.26 -32.46
C VAL D 240 18.89 44.45 -31.46
N ASN D 241 18.98 43.71 -30.35
CA ASN D 241 18.10 43.89 -29.21
C ASN D 241 18.86 44.65 -28.13
N ILE D 242 18.40 45.87 -27.82
CA ILE D 242 19.16 46.76 -26.93
C ILE D 242 18.76 46.69 -25.46
N GLY D 243 17.77 45.87 -25.13
CA GLY D 243 17.34 45.71 -23.76
C GLY D 243 16.34 46.78 -23.43
N MET D 244 16.59 47.56 -22.39
CA MET D 244 15.83 48.76 -22.12
C MET D 244 14.45 48.57 -21.47
N ASP D 245 14.34 47.66 -20.51
CA ASP D 245 13.32 47.80 -19.46
C ASP D 245 13.79 49.08 -18.74
N GLU D 246 13.01 49.84 -17.98
CA GLU D 246 11.90 49.44 -17.10
C GLU D 246 12.49 48.83 -15.83
N ALA D 247 13.53 49.49 -15.30
CA ALA D 247 14.15 49.14 -14.00
C ALA D 247 13.77 50.21 -12.99
N HIS D 248 13.19 49.84 -11.85
CA HIS D 248 12.54 50.83 -10.98
C HIS D 248 13.47 51.92 -10.49
N LEU D 249 14.73 51.59 -10.25
CA LEU D 249 15.62 52.53 -9.59
C LEU D 249 16.31 53.48 -10.55
N VAL D 250 16.03 53.35 -11.85
CA VAL D 250 16.60 54.28 -12.84
C VAL D 250 16.25 55.71 -12.43
N GLY D 251 17.27 56.56 -12.41
CA GLY D 251 17.12 57.94 -11.96
C GLY D 251 17.02 58.14 -10.45
N LEU D 252 17.10 57.07 -9.66
CA LEU D 252 17.00 57.20 -8.21
C LEU D 252 18.32 57.02 -7.45
N GLY D 253 19.45 56.89 -8.15
CA GLY D 253 20.76 56.67 -7.51
C GLY D 253 21.63 57.90 -7.54
N ARG D 254 22.84 57.81 -8.11
CA ARG D 254 23.64 59.01 -8.29
C ARG D 254 22.97 60.02 -9.26
N TYR D 255 22.13 59.54 -10.16
CA TYR D 255 21.35 60.46 -10.97
C TYR D 255 20.53 61.43 -10.10
N LEU D 256 19.84 60.89 -9.09
CA LEU D 256 19.03 61.69 -8.19
C LEU D 256 19.87 62.67 -7.38
N ILE D 257 21.01 62.21 -6.86
CA ILE D 257 21.94 63.06 -6.13
C ILE D 257 22.44 64.21 -7.03
N LEU D 258 22.79 63.93 -8.28
CA LEU D 258 23.35 64.98 -9.15
C LEU D 258 22.27 65.90 -9.72
N ASN D 259 21.14 65.31 -10.14
CA ASN D 259 20.13 66.01 -10.93
C ASN D 259 18.77 66.21 -10.28
N GLY D 260 18.57 65.68 -9.09
CA GLY D 260 17.29 65.78 -8.40
C GLY D 260 16.15 64.98 -9.04
N VAL D 261 14.94 65.23 -8.54
CA VAL D 261 13.72 64.59 -9.02
C VAL D 261 13.38 65.00 -10.45
N VAL D 262 13.30 64.01 -11.32
CA VAL D 262 12.84 64.21 -12.69
C VAL D 262 11.74 63.21 -13.04
N ASP D 263 11.11 63.48 -14.19
CA ASP D 263 10.13 62.58 -14.77
C ASP D 263 10.87 61.33 -15.26
N ARG D 264 10.69 60.23 -14.56
CA ARG D 264 11.41 58.97 -14.83
C ARG D 264 11.16 58.43 -16.24
N SER D 265 9.94 58.59 -16.73
CA SER D 265 9.59 58.18 -18.08
C SER D 265 10.23 59.09 -19.14
N LEU D 266 10.34 60.38 -18.83
CA LEU D 266 10.97 61.34 -19.76
C LEU D 266 12.44 61.00 -19.82
N LEU D 267 12.98 60.68 -18.65
CA LEU D 267 14.36 60.25 -18.49
C LEU D 267 14.64 59.01 -19.35
N MET D 268 13.77 58.01 -19.26
CA MET D 268 13.86 56.85 -20.17
C MET D 268 13.88 57.25 -21.66
N CYS D 269 12.96 58.13 -22.05
CA CYS D 269 12.92 58.60 -23.46
C CYS D 269 14.24 59.25 -23.86
N GLN D 270 14.77 60.05 -22.94
CA GLN D 270 16.04 60.75 -23.14
C GLN D 270 17.21 59.83 -23.44
N HIS D 271 17.35 58.79 -22.63
CA HIS D 271 18.43 57.82 -22.79
C HIS D 271 18.22 57.01 -24.07
N LEU D 272 16.97 56.62 -24.30
CA LEU D 272 16.59 55.86 -25.49
C LEU D 272 16.96 56.57 -26.78
N GLU D 273 16.73 57.88 -26.84
CA GLU D 273 17.02 58.66 -28.03
C GLU D 273 18.55 58.68 -28.30
N ARG D 274 19.33 58.92 -27.26
CA ARG D 274 20.80 58.85 -27.40
C ARG D 274 21.21 57.51 -27.99
N VAL D 275 20.71 56.42 -27.40
CA VAL D 275 21.08 55.06 -27.86
C VAL D 275 20.63 54.83 -29.30
N LEU D 276 19.41 55.24 -29.62
CA LEU D 276 18.90 55.08 -30.99
C LEU D 276 19.73 55.90 -31.95
N ASP D 277 20.12 57.09 -31.55
CA ASP D 277 21.02 57.90 -32.39
C ASP D 277 22.32 57.16 -32.59
N ILE D 278 22.86 56.58 -31.53
CA ILE D 278 24.10 55.80 -31.68
C ILE D 278 23.86 54.59 -32.60
N ALA D 279 22.73 53.90 -32.45
CA ALA D 279 22.41 52.81 -33.37
C ALA D 279 22.44 53.34 -34.80
N ASP D 280 21.71 54.44 -35.03
CA ASP D 280 21.60 55.02 -36.39
C ASP D 280 22.99 55.26 -36.93
N LYS D 281 23.79 55.93 -36.12
CA LYS D 281 25.17 56.20 -36.50
C LYS D 281 25.83 54.95 -37.11
N TYR D 282 25.59 53.78 -36.53
CA TYR D 282 26.17 52.53 -37.02
C TYR D 282 25.26 51.75 -37.99
N GLY D 283 24.05 52.27 -38.21
CA GLY D 283 23.12 51.71 -39.19
C GLY D 283 22.37 50.51 -38.63
N PHE D 284 22.25 50.45 -37.32
CA PHE D 284 21.49 49.37 -36.69
C PHE D 284 20.02 49.74 -36.55
N HIS D 285 19.17 48.72 -36.62
CA HIS D 285 17.76 48.84 -36.28
CA HIS D 285 17.73 48.82 -36.26
C HIS D 285 17.53 48.04 -34.99
N CYS D 286 16.77 48.60 -34.05
CA CYS D 286 16.72 48.08 -32.68
C CYS D 286 15.39 47.47 -32.27
N GLN D 287 15.46 46.34 -31.57
CA GLN D 287 14.32 45.86 -30.81
C GLN D 287 14.60 46.10 -29.35
N MET D 288 13.54 46.13 -28.54
CA MET D 288 13.66 46.39 -27.11
C MET D 288 12.40 45.93 -26.37
N TRP D 289 12.54 45.63 -25.08
CA TRP D 289 11.39 45.20 -24.29
C TRP D 289 10.41 46.36 -24.18
N SER D 290 9.12 46.04 -24.26
CA SER D 290 8.10 47.04 -24.49
C SER D 290 7.75 47.80 -23.22
N ASP D 291 8.23 47.31 -22.08
CA ASP D 291 7.81 47.75 -20.74
C ASP D 291 7.63 49.26 -20.58
N MET D 292 8.59 50.04 -21.07
CA MET D 292 8.58 51.46 -20.81
C MET D 292 7.40 52.16 -21.49
N PHE D 293 6.83 51.54 -22.52
CA PHE D 293 5.67 52.12 -23.23
C PHE D 293 4.29 51.70 -22.70
N PHE D 294 4.22 50.96 -21.61
CA PHE D 294 2.94 50.47 -21.12
C PHE D 294 1.84 51.55 -20.91
N LYS D 295 2.22 52.77 -20.53
CA LYS D 295 1.22 53.82 -20.24
C LYS D 295 0.77 54.65 -21.46
N GLU D 312 3.74 66.31 -22.39
CA GLU D 312 5.15 66.52 -22.75
C GLU D 312 5.84 65.18 -22.99
N THR D 313 5.55 64.24 -22.11
CA THR D 313 6.18 62.93 -22.16
C THR D 313 5.48 62.01 -23.20
N ARG D 314 4.15 62.13 -23.33
CA ARG D 314 3.39 61.38 -24.35
C ARG D 314 3.86 61.65 -25.78
N VAL D 315 4.19 62.91 -26.06
CA VAL D 315 4.77 63.32 -27.34
C VAL D 315 6.07 62.57 -27.65
N TYR D 316 6.96 62.54 -26.67
CA TYR D 316 8.30 61.94 -26.81
C TYR D 316 8.23 60.43 -27.08
N LEU D 317 7.41 59.72 -26.31
CA LEU D 317 7.26 58.28 -26.46
C LEU D 317 6.75 57.95 -27.86
N ASP D 318 5.73 58.68 -28.29
CA ASP D 318 5.15 58.47 -29.61
C ASP D 318 6.17 58.67 -30.74
N ARG D 319 6.99 59.73 -30.68
CA ARG D 319 8.01 59.89 -31.73
C ARG D 319 9.06 58.79 -31.72
N LEU D 320 9.40 58.29 -30.53
CA LEU D 320 10.40 57.23 -30.39
C LEU D 320 9.85 55.86 -30.79
N LYS D 321 8.57 55.63 -30.46
CA LYS D 321 7.87 54.37 -30.79
C LYS D 321 8.12 53.87 -32.22
N ASP D 322 8.16 54.76 -33.20
CA ASP D 322 8.29 54.34 -34.61
C ASP D 322 9.73 54.05 -35.01
N ARG D 323 10.66 54.27 -34.08
CA ARG D 323 12.07 54.03 -34.38
C ARG D 323 12.54 52.63 -33.93
N VAL D 324 11.68 51.88 -33.24
CA VAL D 324 12.06 50.57 -32.72
C VAL D 324 10.96 49.54 -32.87
N THR D 325 11.37 48.28 -32.84
CA THR D 325 10.45 47.18 -32.69
C THR D 325 10.32 46.89 -31.21
N LEU D 326 9.08 46.86 -30.74
CA LEU D 326 8.79 46.52 -29.36
C LEU D 326 8.65 45.01 -29.21
N VAL D 327 9.34 44.44 -28.23
CA VAL D 327 9.15 43.02 -27.91
C VAL D 327 8.40 42.87 -26.60
N TYR D 328 7.30 42.14 -26.65
CA TYR D 328 6.48 41.87 -25.49
C TYR D 328 6.82 40.46 -25.07
N TRP D 329 7.29 40.33 -23.82
CA TRP D 329 7.78 39.06 -23.30
C TRP D 329 6.86 38.48 -22.23
N ASP D 330 6.54 37.20 -22.38
CA ASP D 330 5.66 36.52 -21.47
C ASP D 330 5.96 35.03 -21.55
N TYR D 331 6.42 34.48 -20.43
CA TYR D 331 6.83 33.09 -20.36
C TYR D 331 5.90 32.26 -19.49
N TYR D 332 4.76 32.85 -19.07
CA TYR D 332 3.96 32.38 -17.92
C TYR D 332 2.47 32.03 -18.14
N GLN D 333 1.75 32.73 -19.02
CA GLN D 333 0.27 32.61 -19.05
C GLN D 333 -0.19 31.28 -19.65
N ASP D 334 -1.22 30.71 -19.04
CA ASP D 334 -1.74 29.38 -19.43
C ASP D 334 -2.93 29.47 -20.40
N SER D 335 -3.20 30.64 -20.97
CA SER D 335 -4.35 30.75 -21.86
C SER D 335 -4.25 31.92 -22.83
N GLU D 336 -4.67 31.66 -24.06
CA GLU D 336 -4.70 32.64 -25.13
C GLU D 336 -5.25 34.02 -24.78
N GLU D 337 -6.39 34.06 -24.07
CA GLU D 337 -7.05 35.34 -23.76
C GLU D 337 -6.16 36.27 -22.93
N LYS D 338 -5.40 35.67 -22.02
CA LYS D 338 -4.46 36.41 -21.18
C LYS D 338 -3.32 37.08 -21.96
N TYR D 339 -2.84 36.41 -23.02
CA TYR D 339 -1.85 36.98 -23.96
C TYR D 339 -2.52 38.04 -24.85
N ASN D 340 -3.73 37.73 -25.33
CA ASN D 340 -4.50 38.66 -26.17
C ASN D 340 -4.79 39.98 -25.48
N ARG D 341 -5.16 39.93 -24.19
CA ARG D 341 -5.37 41.16 -23.42
C ARG D 341 -4.18 42.08 -23.63
N ASN D 342 -2.97 41.54 -23.44
CA ASN D 342 -1.74 42.29 -23.64
C ASN D 342 -1.39 42.67 -25.08
N PHE D 343 -1.71 41.82 -26.05
CA PHE D 343 -1.45 42.17 -27.45
C PHE D 343 -2.29 43.36 -27.93
N ARG D 344 -3.60 43.31 -27.69
CA ARG D 344 -4.49 44.42 -28.04
C ARG D 344 -4.04 45.73 -27.42
N ASN D 345 -3.62 45.67 -26.16
CA ASN D 345 -3.06 46.85 -25.49
C ASN D 345 -1.85 47.39 -26.24
N HIS D 346 -0.90 46.51 -26.52
CA HIS D 346 0.29 46.89 -27.32
C HIS D 346 -0.16 47.45 -28.68
N HIS D 347 -1.18 46.85 -29.27
CA HIS D 347 -1.82 47.39 -30.46
C HIS D 347 -2.70 48.57 -30.09
N SER D 350 1.37 50.64 -31.54
CA SER D 350 2.29 50.12 -32.54
C SER D 350 1.89 48.74 -33.07
N HIS D 351 2.13 48.55 -34.38
CA HIS D 351 2.04 47.24 -35.03
C HIS D 351 3.46 46.71 -35.33
N ASP D 352 4.49 47.38 -34.84
CA ASP D 352 5.85 46.85 -34.97
C ASP D 352 6.20 46.13 -33.68
N LEU D 353 5.63 44.94 -33.49
CA LEU D 353 5.79 44.14 -32.29
C LEU D 353 6.37 42.79 -32.62
N ALA D 354 7.12 42.22 -31.69
CA ALA D 354 7.50 40.81 -31.73
C ALA D 354 7.16 40.23 -30.35
N PHE D 355 6.91 38.93 -30.28
CA PHE D 355 6.61 38.27 -29.00
C PHE D 355 7.80 37.42 -28.54
N ALA D 356 8.12 37.46 -27.25
CA ALA D 356 9.17 36.62 -26.70
C ALA D 356 8.56 35.56 -25.77
N GLY D 357 8.69 34.30 -26.17
CA GLY D 357 8.31 33.18 -25.32
C GLY D 357 9.53 32.61 -24.63
N GLY D 358 9.34 31.50 -23.92
CA GLY D 358 10.36 31.01 -23.00
C GLY D 358 10.58 29.53 -23.10
N ALA D 359 11.84 29.13 -23.31
CA ALA D 359 12.20 27.73 -23.21
C ALA D 359 12.76 27.59 -21.80
N TRP D 360 11.96 27.02 -20.88
CA TRP D 360 12.28 27.09 -19.45
C TRP D 360 13.55 26.32 -19.05
N LYS D 361 14.65 27.06 -18.91
CA LYS D 361 15.92 26.47 -18.56
C LYS D 361 16.68 27.34 -17.55
N TRP D 362 15.95 28.09 -16.71
CA TRP D 362 16.53 29.05 -15.74
C TRP D 362 16.15 28.82 -14.29
N ILE D 363 15.76 27.57 -13.98
CA ILE D 363 15.36 27.23 -12.63
C ILE D 363 16.23 26.16 -11.97
N GLY D 364 17.54 26.21 -12.21
CA GLY D 364 18.48 25.38 -11.47
C GLY D 364 19.33 24.50 -12.37
N PHE D 365 19.23 23.18 -12.15
CA PHE D 365 19.98 22.21 -12.96
C PHE D 365 19.12 21.57 -14.04
N THR D 366 17.81 21.73 -13.92
CA THR D 366 16.85 20.90 -14.58
C THR D 366 15.84 21.78 -15.29
N PRO D 367 15.66 21.59 -16.61
CA PRO D 367 14.70 22.41 -17.39
C PRO D 367 13.22 22.09 -17.13
N HIS D 368 12.33 22.84 -17.78
CA HIS D 368 10.92 22.52 -17.73
C HIS D 368 10.28 22.61 -19.12
N ASN D 369 10.69 21.64 -19.95
CA ASN D 369 10.12 21.43 -21.28
C ASN D 369 8.60 21.18 -21.22
N HIS D 370 8.12 20.52 -20.17
CA HIS D 370 6.68 20.28 -20.05
C HIS D 370 5.90 21.58 -19.93
N PHE D 371 6.31 22.45 -19.01
CA PHE D 371 5.57 23.69 -18.77
C PHE D 371 5.71 24.56 -20.03
N SER D 372 6.90 24.51 -20.64
CA SER D 372 7.18 25.25 -21.88
C SER D 372 6.23 24.89 -23.01
N ARG D 373 5.89 23.61 -23.15
CA ARG D 373 4.91 23.15 -24.15
C ARG D 373 3.53 23.71 -23.83
N LEU D 374 3.18 23.66 -22.55
CA LEU D 374 1.89 24.15 -22.10
C LEU D 374 1.70 25.62 -22.48
N VAL D 375 2.67 26.46 -22.16
CA VAL D 375 2.57 27.89 -22.50
C VAL D 375 2.72 28.15 -24.00
N ALA D 376 3.57 27.38 -24.69
CA ALA D 376 3.76 27.60 -26.13
C ALA D 376 2.46 27.44 -26.92
N ILE D 377 1.66 26.44 -26.58
CA ILE D 377 0.42 26.17 -27.30
C ILE D 377 -0.53 27.37 -27.21
N GLU D 378 -0.62 27.99 -26.05
CA GLU D 378 -1.51 29.13 -25.87
C GLU D 378 -0.94 30.43 -26.43
N ALA D 379 0.37 30.62 -26.24
CA ALA D 379 1.08 31.76 -26.84
C ALA D 379 0.97 31.74 -28.35
N ASN D 380 1.04 30.54 -28.94
CA ASN D 380 0.98 30.40 -30.39
C ASN D 380 -0.36 30.84 -30.92
N LYS D 381 -1.41 30.38 -30.28
CA LYS D 381 -2.77 30.84 -30.58
C LYS D 381 -2.83 32.37 -30.55
N ALA D 382 -2.35 32.95 -29.46
CA ALA D 382 -2.47 34.39 -29.24
C ALA D 382 -1.66 35.22 -30.25
N CYS D 383 -0.50 34.71 -30.65
CA CYS D 383 0.34 35.44 -31.62
C CYS D 383 -0.34 35.44 -33.00
N ARG D 384 -0.89 34.29 -33.37
CA ARG D 384 -1.63 34.14 -34.63
C ARG D 384 -2.83 35.07 -34.68
N ALA D 385 -3.58 35.10 -33.60
CA ALA D 385 -4.79 35.90 -33.53
C ALA D 385 -4.47 37.38 -33.66
N ASN D 386 -3.28 37.80 -33.23
CA ASN D 386 -2.89 39.20 -33.33
C ASN D 386 -1.87 39.52 -34.43
N GLN D 387 -1.73 38.64 -35.42
CA GLN D 387 -0.96 38.98 -36.61
C GLN D 387 0.52 39.25 -36.30
N ILE D 388 1.09 38.50 -35.36
CA ILE D 388 2.46 38.74 -34.93
C ILE D 388 3.44 38.12 -35.94
N LYS D 389 4.41 38.92 -36.39
CA LYS D 389 5.30 38.50 -37.47
C LYS D 389 6.51 37.69 -36.97
N GLU D 390 6.90 37.91 -35.72
CA GLU D 390 8.15 37.37 -35.19
C GLU D 390 8.01 36.91 -33.75
N VAL D 391 8.42 35.66 -33.51
CA VAL D 391 8.52 35.10 -32.18
C VAL D 391 10.00 34.84 -31.82
N ILE D 392 10.42 35.29 -30.64
CA ILE D 392 11.75 34.97 -30.10
C ILE D 392 11.60 34.01 -28.91
N VAL D 393 12.17 32.82 -29.01
CA VAL D 393 12.19 31.91 -27.89
C VAL D 393 13.42 32.21 -27.05
N THR D 394 13.19 32.51 -25.77
CA THR D 394 14.28 32.89 -24.85
C THR D 394 14.74 31.71 -23.97
N GLY D 395 16.06 31.56 -23.82
CA GLY D 395 16.64 30.49 -23.01
C GLY D 395 17.43 31.01 -21.83
N TRP D 396 16.79 31.83 -21.00
CA TRP D 396 17.50 32.44 -19.88
C TRP D 396 18.16 31.41 -18.94
N GLY D 397 19.11 31.87 -18.14
CA GLY D 397 19.87 31.00 -17.24
C GLY D 397 20.04 31.54 -15.83
N ASP D 398 19.03 32.23 -15.31
CA ASP D 398 19.03 32.83 -13.96
C ASP D 398 19.95 32.24 -12.90
N ASN D 399 20.84 33.08 -12.36
CA ASN D 399 21.51 32.84 -11.09
C ASN D 399 22.49 31.67 -11.17
N GLY D 400 23.39 31.70 -12.18
CA GLY D 400 24.48 30.74 -12.25
C GLY D 400 24.56 29.89 -13.49
N GLY D 401 23.46 29.81 -14.24
CA GLY D 401 23.46 29.14 -15.54
C GLY D 401 23.66 27.66 -15.42
N GLU D 402 23.02 27.06 -14.42
CA GLU D 402 23.30 25.68 -14.02
C GLU D 402 22.58 24.62 -14.84
N THR D 403 21.60 25.02 -15.65
CA THR D 403 20.93 24.09 -16.54
C THR D 403 21.68 23.97 -17.88
N ALA D 404 21.69 22.76 -18.41
CA ALA D 404 22.42 22.47 -19.65
C ALA D 404 21.82 23.29 -20.80
N GLN D 405 22.68 23.74 -21.70
CA GLN D 405 22.26 24.49 -22.88
C GLN D 405 21.34 23.72 -23.86
N PHE D 406 21.53 22.40 -23.96
CA PHE D 406 20.80 21.57 -24.91
C PHE D 406 19.65 20.83 -24.23
N SER D 407 19.37 21.18 -22.97
CA SER D 407 18.29 20.57 -22.22
C SER D 407 16.92 20.96 -22.75
N ILE D 408 16.82 22.01 -23.55
CA ILE D 408 15.52 22.48 -24.01
C ILE D 408 15.24 22.24 -25.49
N LEU D 409 15.95 21.31 -26.08
CA LEU D 409 15.70 20.99 -27.47
C LEU D 409 14.22 20.69 -27.75
N PRO D 410 13.54 19.97 -26.85
CA PRO D 410 12.11 19.73 -27.11
C PRO D 410 11.28 20.97 -27.17
N SER D 411 11.58 21.95 -26.31
CA SER D 411 10.86 23.22 -26.37
C SER D 411 11.12 23.94 -27.70
N LEU D 412 12.33 23.82 -28.23
CA LEU D 412 12.64 24.48 -29.48
C LEU D 412 11.83 23.86 -30.62
N GLN D 413 11.77 22.52 -30.65
CA GLN D 413 11.02 21.80 -31.69
C GLN D 413 9.55 22.12 -31.58
N ILE D 414 9.02 22.22 -30.36
CA ILE D 414 7.62 22.54 -30.16
C ILE D 414 7.23 23.85 -30.81
N TRP D 415 8.03 24.90 -30.61
CA TRP D 415 7.69 26.20 -31.18
C TRP D 415 7.82 26.18 -32.69
N ALA D 416 8.78 25.43 -33.17
CA ALA D 416 8.98 25.24 -34.59
C ALA D 416 7.72 24.63 -35.21
N GLU D 417 7.23 23.53 -34.64
CA GLU D 417 6.06 22.85 -35.16
C GLU D 417 4.84 23.75 -35.17
N LEU D 418 4.67 24.51 -34.10
CA LEU D 418 3.53 25.41 -33.98
C LEU D 418 3.59 26.56 -34.97
N SER D 419 4.78 27.00 -35.34
CA SER D 419 4.85 28.04 -36.35
C SER D 419 4.50 27.45 -37.71
N TYR D 420 5.09 26.30 -38.01
CA TYR D 420 5.01 25.69 -39.35
C TYR D 420 3.75 24.88 -39.63
N ARG D 421 3.24 24.17 -38.61
CA ARG D 421 2.07 23.30 -38.77
C ARG D 421 0.86 23.70 -37.93
N ASN D 422 1.04 24.54 -36.93
CA ASN D 422 -0.02 24.89 -35.99
C ASN D 422 -0.55 23.67 -35.23
N ASP D 423 0.26 22.63 -35.12
CA ASP D 423 -0.04 21.49 -34.27
C ASP D 423 1.24 20.73 -33.96
N LEU D 424 1.14 19.74 -33.09
CA LEU D 424 2.31 18.96 -32.66
C LEU D 424 2.23 17.50 -33.09
N ASP D 425 1.59 17.24 -34.24
CA ASP D 425 1.42 15.86 -34.73
C ASP D 425 2.71 15.27 -35.23
N GLY D 426 3.62 16.12 -35.71
CA GLY D 426 4.91 15.67 -36.23
C GLY D 426 6.05 15.79 -35.23
N LEU D 427 5.78 16.44 -34.09
CA LEU D 427 6.79 16.77 -33.07
C LEU D 427 7.76 15.63 -32.74
N SER D 428 7.24 14.55 -32.20
CA SER D 428 8.11 13.47 -31.76
C SER D 428 8.90 12.89 -32.92
N ALA D 429 8.24 12.69 -34.06
CA ALA D 429 8.93 12.10 -35.21
C ALA D 429 10.01 13.02 -35.82
N HIS D 430 9.68 14.30 -35.96
CA HIS D 430 10.70 15.27 -36.40
C HIS D 430 11.86 15.38 -35.38
N PHE D 431 11.51 15.38 -34.09
CA PHE D 431 12.51 15.42 -33.02
C PHE D 431 13.47 14.24 -33.06
N LYS D 432 12.93 13.04 -33.25
CA LYS D 432 13.76 11.87 -33.35
C LYS D 432 14.65 11.88 -34.59
N THR D 433 14.11 12.34 -35.72
CA THR D 433 14.95 12.51 -36.91
C THR D 433 16.14 13.42 -36.60
N ASN D 434 15.88 14.50 -35.89
CA ASN D 434 16.91 15.52 -35.62
C ASN D 434 17.93 15.14 -34.53
N THR D 435 17.50 14.34 -33.55
CA THR D 435 18.28 14.14 -32.33
C THR D 435 18.64 12.70 -32.05
N GLY D 436 17.89 11.76 -32.60
CA GLY D 436 18.08 10.34 -32.29
C GLY D 436 17.18 9.81 -31.20
N LEU D 437 16.41 10.70 -30.57
CA LEU D 437 15.58 10.34 -29.44
C LEU D 437 14.16 10.77 -29.70
N THR D 438 13.21 10.07 -29.11
CA THR D 438 11.83 10.54 -29.12
C THR D 438 11.70 11.80 -28.25
N VAL D 439 10.69 12.62 -28.52
CA VAL D 439 10.48 13.82 -27.73
C VAL D 439 10.01 13.44 -26.30
N GLU D 440 9.35 12.30 -26.16
CA GLU D 440 8.91 11.82 -24.83
C GLU D 440 10.10 11.30 -23.99
N ASP D 441 11.00 10.54 -24.60
CA ASP D 441 12.25 10.22 -23.91
C ASP D 441 13.02 11.49 -23.54
N PHE D 442 13.29 12.35 -24.52
CA PHE D 442 14.10 13.52 -24.24
C PHE D 442 13.50 14.35 -23.12
N MET D 443 12.18 14.57 -23.17
CA MET D 443 11.51 15.34 -22.14
C MET D 443 11.56 14.73 -20.74
N GLN D 444 11.96 13.46 -20.60
CA GLN D 444 12.26 12.91 -19.27
C GLN D 444 13.39 13.69 -18.56
N ILE D 445 14.16 14.45 -19.31
CA ILE D 445 15.16 15.32 -18.71
C ILE D 445 14.58 16.25 -17.63
N ASP D 446 13.30 16.52 -17.70
CA ASP D 446 12.62 17.40 -16.77
C ASP D 446 12.36 16.78 -15.38
N LEU D 447 12.58 15.48 -15.21
CA LEU D 447 12.01 14.72 -14.08
C LEU D 447 12.22 15.31 -12.68
N ALA D 448 13.40 15.85 -12.37
CA ALA D 448 13.66 16.40 -11.04
C ALA D 448 12.72 17.55 -10.66
N ASN D 449 12.01 18.12 -11.62
CA ASN D 449 10.99 19.14 -11.32
C ASN D 449 9.57 18.60 -11.26
N LEU D 450 9.31 17.46 -11.90
CA LEU D 450 7.94 17.01 -12.14
C LEU D 450 7.34 16.24 -11.00
N LEU D 451 7.26 16.83 -9.82
CA LEU D 451 6.64 16.12 -8.71
C LEU D 451 5.18 15.83 -9.03
N PRO D 452 4.71 14.63 -8.66
CA PRO D 452 3.39 14.15 -9.08
C PRO D 452 2.25 15.06 -8.76
N ASP D 453 2.29 15.73 -7.62
CA ASP D 453 1.12 16.44 -7.12
C ASP D 453 1.07 17.91 -7.57
N LEU D 454 1.95 18.29 -8.50
CA LEU D 454 1.95 19.65 -9.03
C LEU D 454 0.96 19.73 -10.18
N PRO D 455 0.17 20.80 -10.27
CA PRO D 455 -0.57 20.95 -11.51
C PRO D 455 0.39 21.40 -12.61
N GLY D 456 0.14 21.01 -13.85
CA GLY D 456 1.06 21.33 -14.92
C GLY D 456 1.20 22.82 -15.27
N ASN D 457 0.29 23.66 -14.78
CA ASN D 457 0.22 25.05 -15.22
C ASN D 457 0.86 26.08 -14.29
N LEU D 458 1.59 25.65 -13.26
CA LEU D 458 2.28 26.64 -12.41
C LEU D 458 3.79 26.58 -12.66
N SER D 459 4.41 27.74 -12.82
CA SER D 459 5.77 27.83 -13.27
C SER D 459 6.69 28.00 -12.07
N GLY D 460 7.98 27.83 -12.31
CA GLY D 460 9.02 28.18 -11.32
C GLY D 460 9.31 27.15 -10.24
N ILE D 461 8.48 26.10 -10.15
CA ILE D 461 8.58 25.16 -9.05
C ILE D 461 9.76 24.24 -9.32
N ASN D 462 10.79 24.35 -8.49
CA ASN D 462 12.12 23.87 -8.85
C ASN D 462 12.85 23.07 -7.78
N PRO D 463 12.22 21.98 -7.29
CA PRO D 463 12.88 21.20 -6.26
C PRO D 463 14.22 20.59 -6.72
N ASN D 464 14.42 20.45 -8.04
CA ASN D 464 15.71 19.99 -8.54
C ASN D 464 16.84 20.73 -7.79
N ARG D 465 16.62 22.02 -7.57
CA ARG D 465 17.65 22.94 -7.11
C ARG D 465 17.69 23.11 -5.60
N TYR D 466 16.55 23.47 -5.00
CA TYR D 466 16.53 23.75 -3.56
C TYR D 466 16.61 22.50 -2.69
N VAL D 467 16.22 21.34 -3.22
CA VAL D 467 16.54 20.09 -2.55
C VAL D 467 18.04 19.85 -2.58
N PHE D 468 18.71 20.22 -3.67
CA PHE D 468 20.12 19.90 -3.78
C PHE D 468 20.98 20.80 -2.87
N TYR D 469 20.78 22.11 -2.97
CA TYR D 469 21.60 23.09 -2.28
C TYR D 469 21.19 23.37 -0.83
N GLN D 470 20.05 22.83 -0.39
CA GLN D 470 19.59 23.03 1.00
C GLN D 470 20.62 22.51 1.99
N ASP D 471 20.73 23.16 3.15
CA ASP D 471 21.62 22.73 4.20
C ASP D 471 21.11 21.41 4.82
N ILE D 472 21.98 20.71 5.56
CA ILE D 472 21.60 19.46 6.26
C ILE D 472 21.10 19.78 7.67
N LEU D 473 21.95 20.39 8.48
CA LEU D 473 21.59 20.79 9.87
C LEU D 473 20.46 21.80 9.99
N CYS D 474 20.39 22.73 9.03
CA CYS D 474 19.41 23.82 9.05
C CYS D 474 18.65 23.83 7.73
N PRO D 475 17.81 22.81 7.53
CA PRO D 475 17.14 22.63 6.28
C PRO D 475 15.94 23.53 6.21
N ILE D 476 16.13 24.74 5.71
CA ILE D 476 15.10 25.77 5.72
C ILE D 476 14.00 25.61 4.69
N LEU D 477 14.13 24.67 3.75
CA LEU D 477 13.05 24.30 2.82
C LEU D 477 12.36 22.98 3.22
N ASP D 478 12.61 22.46 4.41
CA ASP D 478 12.08 21.15 4.74
C ASP D 478 10.55 21.08 4.69
N GLN D 479 9.88 22.18 5.04
CA GLN D 479 8.42 22.20 4.98
C GLN D 479 7.85 21.92 3.60
N HIS D 480 8.65 22.13 2.56
CA HIS D 480 8.13 21.98 1.22
C HIS D 480 8.41 20.60 0.64
N MET D 481 8.92 19.69 1.46
CA MET D 481 9.23 18.32 1.05
C MET D 481 8.08 17.41 1.42
N THR D 482 7.95 16.31 0.67
CA THR D 482 6.85 15.36 0.83
C THR D 482 7.46 13.99 0.59
N PRO D 483 8.19 13.47 1.59
CA PRO D 483 9.01 12.26 1.40
C PRO D 483 8.30 11.05 0.81
N GLU D 484 7.02 10.85 1.15
CA GLU D 484 6.26 9.68 0.65
C GLU D 484 6.15 9.71 -0.88
N GLN D 485 5.94 10.89 -1.47
CA GLN D 485 5.90 10.99 -2.94
C GLN D 485 7.26 11.29 -3.57
N ASP D 486 8.07 12.11 -2.91
CA ASP D 486 9.27 12.67 -3.54
C ASP D 486 10.40 11.69 -3.63
N LYS D 487 10.63 10.94 -2.56
CA LYS D 487 11.69 9.93 -2.50
C LYS D 487 11.61 8.86 -3.60
N PRO D 488 10.41 8.26 -3.81
CA PRO D 488 10.30 7.30 -4.93
C PRO D 488 10.32 7.98 -6.32
N HIS D 489 9.72 9.17 -6.44
CA HIS D 489 9.76 9.90 -7.70
C HIS D 489 11.18 10.12 -8.20
N PHE D 490 12.04 10.62 -7.30
CA PHE D 490 13.44 10.88 -7.64
C PHE D 490 14.18 9.55 -7.91
N ALA D 491 13.86 8.53 -7.11
CA ALA D 491 14.47 7.20 -7.23
C ALA D 491 14.14 6.60 -8.59
N GLN D 492 12.86 6.54 -8.93
CA GLN D 492 12.41 6.02 -10.23
C GLN D 492 12.99 6.85 -11.38
N ALA D 493 13.05 8.17 -11.18
CA ALA D 493 13.50 9.10 -12.22
C ALA D 493 14.95 8.81 -12.57
N ALA D 494 15.74 8.46 -11.56
CA ALA D 494 17.14 8.08 -11.79
C ALA D 494 17.26 6.81 -12.65
N GLU D 495 16.42 5.82 -12.39
CA GLU D 495 16.40 4.59 -13.18
C GLU D 495 15.98 4.90 -14.62
N THR D 496 14.90 5.67 -14.76
CA THR D 496 14.39 6.09 -16.06
C THR D 496 15.45 6.77 -16.91
N LEU D 497 16.18 7.70 -16.32
CA LEU D 497 17.18 8.51 -17.01
C LEU D 497 18.43 7.72 -17.33
N ALA D 498 18.80 6.79 -16.44
CA ALA D 498 19.95 5.94 -16.70
C ALA D 498 19.70 5.15 -17.99
N ASN D 499 18.45 4.72 -18.19
CA ASN D 499 18.12 3.93 -19.38
C ASN D 499 18.15 4.77 -20.64
N ILE D 500 17.65 6.00 -20.55
CA ILE D 500 17.69 6.88 -21.71
C ILE D 500 19.14 7.24 -22.01
N LYS D 501 19.92 7.53 -20.98
CA LYS D 501 21.33 7.86 -21.18
C LYS D 501 22.02 6.83 -22.08
N GLU D 502 21.79 5.55 -21.82
CA GLU D 502 22.51 4.46 -22.50
C GLU D 502 22.26 4.39 -24.00
N LYS D 503 21.16 4.99 -24.47
CA LYS D 503 20.84 5.02 -25.88
C LYS D 503 20.74 6.45 -26.48
N ALA D 504 21.22 7.45 -25.75
CA ALA D 504 21.07 8.83 -26.18
C ALA D 504 22.26 9.36 -26.99
N GLY D 505 23.27 8.53 -27.20
CA GLY D 505 24.42 8.92 -28.00
C GLY D 505 25.07 10.24 -27.64
N ASN D 506 25.02 11.20 -28.57
CA ASN D 506 25.72 12.48 -28.34
C ASN D 506 24.95 13.43 -27.40
N TYR D 507 23.81 12.98 -26.87
CA TYR D 507 23.10 13.68 -25.84
C TYR D 507 23.06 12.87 -24.54
N ALA D 508 23.83 11.78 -24.46
CA ALA D 508 23.82 10.94 -23.23
C ALA D 508 24.21 11.78 -22.03
N TYR D 509 25.21 12.64 -22.21
CA TYR D 509 25.72 13.45 -21.11
C TYR D 509 24.64 14.21 -20.39
N LEU D 510 23.63 14.70 -21.12
CA LEU D 510 22.53 15.44 -20.48
C LEU D 510 21.82 14.60 -19.45
N PHE D 511 21.60 13.33 -19.82
CA PHE D 511 20.72 12.44 -19.07
C PHE D 511 21.45 11.83 -17.90
N GLU D 512 22.75 11.57 -18.06
CA GLU D 512 23.59 11.09 -16.99
C GLU D 512 23.73 12.12 -15.86
N THR D 513 23.79 13.41 -16.22
CA THR D 513 23.79 14.47 -15.23
C THR D 513 22.51 14.41 -14.42
N GLN D 514 21.39 14.34 -15.11
CA GLN D 514 20.08 14.35 -14.45
C GLN D 514 19.86 13.08 -13.63
N ALA D 515 20.39 11.95 -14.09
CA ALA D 515 20.19 10.69 -13.37
C ALA D 515 20.91 10.76 -12.03
N GLN D 516 22.18 11.17 -12.03
CA GLN D 516 22.90 11.32 -10.80
C GLN D 516 22.21 12.35 -9.85
N LEU D 517 21.71 13.46 -10.42
CA LEU D 517 20.97 14.46 -9.61
C LEU D 517 19.82 13.82 -8.91
N ASN D 518 18.99 13.11 -9.66
CA ASN D 518 17.78 12.51 -9.07
C ASN D 518 18.16 11.45 -8.03
N ALA D 519 19.19 10.66 -8.30
CA ALA D 519 19.66 9.69 -7.31
C ALA D 519 19.93 10.38 -5.95
N ILE D 520 20.61 11.51 -5.99
CA ILE D 520 20.92 12.32 -4.80
C ILE D 520 19.68 12.81 -4.13
N LEU D 521 18.82 13.44 -4.91
CA LEU D 521 17.61 14.03 -4.34
C LEU D 521 16.76 12.99 -3.60
N SER D 522 16.70 11.75 -4.09
CA SER D 522 15.77 10.76 -3.46
C SER D 522 16.08 10.51 -2.00
N SER D 523 17.37 10.57 -1.61
CA SER D 523 17.73 10.47 -0.20
C SER D 523 17.77 11.85 0.47
N LYS D 524 18.46 12.79 -0.18
CA LYS D 524 18.70 14.10 0.41
C LYS D 524 17.41 14.83 0.68
N VAL D 525 16.36 14.54 -0.08
CA VAL D 525 15.08 15.19 0.15
C VAL D 525 14.64 15.21 1.63
N ASP D 526 14.91 14.14 2.37
CA ASP D 526 14.44 14.06 3.79
C ASP D 526 15.52 13.79 4.83
N VAL D 527 16.79 13.66 4.43
CA VAL D 527 17.85 13.34 5.37
C VAL D 527 17.89 14.32 6.54
N GLY D 528 17.58 15.60 6.30
CA GLY D 528 17.52 16.59 7.37
C GLY D 528 16.36 16.36 8.33
N ARG D 529 15.22 15.99 7.79
CA ARG D 529 14.04 15.68 8.60
C ARG D 529 14.28 14.42 9.42
N ARG D 530 14.97 13.44 8.83
CA ARG D 530 15.29 12.18 9.51
C ARG D 530 16.33 12.37 10.60
N ILE D 531 17.28 13.29 10.38
CA ILE D 531 18.23 13.65 11.45
C ILE D 531 17.48 14.23 12.66
N ARG D 532 16.56 15.14 12.39
CA ARG D 532 15.68 15.70 13.42
C ARG D 532 14.79 14.69 14.12
N GLN D 533 14.26 13.73 13.39
CA GLN D 533 13.39 12.71 13.99
C GLN D 533 14.21 11.87 14.97
N ALA D 534 15.36 11.38 14.49
CA ALA D 534 16.29 10.64 15.33
C ALA D 534 16.71 11.43 16.55
N TYR D 535 17.11 12.68 16.33
CA TYR D 535 17.57 13.53 17.41
C TYR D 535 16.49 13.58 18.49
N GLN D 536 15.27 13.90 18.07
CA GLN D 536 14.15 14.00 19.00
C GLN D 536 13.90 12.69 19.73
N ALA D 537 13.95 11.58 19.00
CA ALA D 537 13.70 10.25 19.57
C ALA D 537 14.89 9.60 20.30
N ASP D 538 15.92 10.38 20.64
CA ASP D 538 17.11 9.88 21.35
C ASP D 538 17.69 8.61 20.71
N ASP D 539 17.64 8.55 19.37
CA ASP D 539 18.10 7.40 18.62
C ASP D 539 19.56 7.55 18.17
N LYS D 540 20.46 7.29 19.10
CA LYS D 540 21.90 7.43 18.88
C LYS D 540 22.43 6.58 17.75
N GLU D 541 21.87 5.38 17.59
CA GLU D 541 22.39 4.40 16.62
C GLU D 541 22.10 4.89 15.22
N SER D 542 20.86 5.36 15.01
CA SER D 542 20.47 5.98 13.76
C SER D 542 21.35 7.21 13.45
N LEU D 543 21.41 8.15 14.38
CA LEU D 543 22.25 9.34 14.22
C LEU D 543 23.66 8.98 13.78
N GLN D 544 24.20 7.92 14.34
CA GLN D 544 25.55 7.48 13.99
C GLN D 544 25.63 6.95 12.58
N GLN D 545 24.60 6.18 12.20
CA GLN D 545 24.50 5.61 10.84
C GLN D 545 24.46 6.72 9.78
N ILE D 546 23.60 7.71 10.03
CA ILE D 546 23.51 8.88 9.18
C ILE D 546 24.86 9.57 9.07
N ALA D 547 25.48 9.81 10.22
CA ALA D 547 26.74 10.53 10.28
C ALA D 547 27.94 9.76 9.68
N ARG D 548 27.92 8.44 9.78
CA ARG D 548 29.07 7.67 9.35
C ARG D 548 28.87 6.89 8.08
N GLN D 549 27.62 6.56 7.74
CA GLN D 549 27.33 5.87 6.50
C GLN D 549 26.71 6.83 5.50
N GLU D 550 25.54 7.36 5.81
CA GLU D 550 24.73 7.97 4.80
C GLU D 550 25.34 9.29 4.28
N LEU D 551 25.79 10.17 5.18
CA LEU D 551 26.29 11.48 4.77
C LEU D 551 27.61 11.41 4.00
N PRO D 552 28.55 10.56 4.43
CA PRO D 552 29.76 10.43 3.61
C PRO D 552 29.47 9.88 2.22
N GLU D 553 28.44 9.04 2.09
CA GLU D 553 28.04 8.51 0.79
C GLU D 553 27.44 9.63 -0.05
N LEU D 554 26.59 10.44 0.58
CA LEU D 554 25.95 11.59 -0.05
C LEU D 554 27.00 12.52 -0.63
N ARG D 555 28.02 12.85 0.16
CA ARG D 555 29.16 13.60 -0.33
C ARG D 555 29.83 12.90 -1.51
N SER D 556 30.01 11.59 -1.44
CA SER D 556 30.59 10.86 -2.54
C SER D 556 29.75 11.02 -3.82
N GLN D 557 28.43 10.93 -3.67
CA GLN D 557 27.51 11.06 -4.79
C GLN D 557 27.52 12.47 -5.36
N ILE D 558 27.59 13.45 -4.46
CA ILE D 558 27.62 14.84 -4.86
C ILE D 558 28.90 15.14 -5.61
N GLU D 559 30.02 14.55 -5.20
CA GLU D 559 31.28 14.75 -5.93
C GLU D 559 31.19 14.15 -7.33
N ASP D 560 30.50 13.02 -7.45
CA ASP D 560 30.23 12.41 -8.75
C ASP D 560 29.38 13.33 -9.58
N PHE D 561 28.34 13.90 -8.98
CA PHE D 561 27.50 14.86 -9.68
C PHE D 561 28.34 16.03 -10.20
N HIS D 562 29.14 16.61 -9.31
CA HIS D 562 30.04 17.69 -9.66
C HIS D 562 30.91 17.36 -10.88
N ALA D 563 31.38 16.11 -10.98
CA ALA D 563 32.24 15.75 -12.12
C ALA D 563 31.45 15.63 -13.42
N LEU D 564 30.23 15.12 -13.32
CA LEU D 564 29.35 15.03 -14.48
C LEU D 564 28.85 16.38 -14.95
N PHE D 565 28.46 17.22 -13.99
CA PHE D 565 28.09 18.62 -14.25
C PHE D 565 29.24 19.36 -14.94
N SER D 566 30.45 19.19 -14.42
CA SER D 566 31.60 19.88 -14.96
C SER D 566 31.88 19.42 -16.38
N HIS D 567 31.80 18.11 -16.63
CA HIS D 567 31.99 17.60 -17.99
C HIS D 567 30.98 18.28 -18.94
N GLN D 568 29.72 18.26 -18.53
CA GLN D 568 28.62 18.92 -19.23
C GLN D 568 28.92 20.39 -19.49
N TRP D 569 29.26 21.12 -18.41
CA TRP D 569 29.56 22.52 -18.51
C TRP D 569 30.68 22.79 -19.52
N LEU D 570 31.78 22.06 -19.38
CA LEU D 570 32.93 22.29 -20.24
C LEU D 570 32.66 21.89 -21.71
N LYS D 571 31.76 20.95 -21.93
CA LYS D 571 31.36 20.60 -23.28
C LYS D 571 30.58 21.74 -23.92
N GLU D 572 29.62 22.29 -23.18
CA GLU D 572 28.74 23.32 -23.74
C GLU D 572 29.31 24.74 -23.67
N ASN D 573 30.14 25.03 -22.67
CA ASN D 573 30.43 26.42 -22.31
C ASN D 573 31.93 26.67 -22.22
N LYS D 574 32.31 27.94 -22.20
CA LYS D 574 33.64 28.32 -21.79
C LYS D 574 33.81 27.96 -20.32
N VAL D 575 35.07 27.80 -19.90
CA VAL D 575 35.38 27.46 -18.51
C VAL D 575 34.93 28.51 -17.50
N PHE D 576 34.97 29.77 -17.91
CA PHE D 576 34.69 30.87 -17.01
C PHE D 576 33.25 30.74 -16.52
N GLY D 577 33.04 30.99 -15.23
CA GLY D 577 31.70 30.86 -14.66
C GLY D 577 31.45 29.51 -13.97
N LEU D 578 32.23 28.50 -14.35
CA LEU D 578 32.16 27.22 -13.65
C LEU D 578 32.67 27.40 -12.23
N ASP D 579 33.50 28.42 -12.01
CA ASP D 579 34.05 28.71 -10.68
C ASP D 579 32.97 28.93 -9.61
N THR D 580 31.87 29.55 -9.99
CA THR D 580 30.77 29.80 -9.04
C THR D 580 30.09 28.49 -8.63
N VAL D 581 29.98 27.57 -9.59
CA VAL D 581 29.37 26.27 -9.28
C VAL D 581 30.30 25.48 -8.38
N ASP D 582 31.62 25.55 -8.67
CA ASP D 582 32.63 24.96 -7.79
C ASP D 582 32.46 25.46 -6.35
N ILE D 583 32.24 26.76 -6.23
CA ILE D 583 32.16 27.38 -4.92
C ILE D 583 30.93 26.89 -4.18
N ARG D 584 29.82 26.87 -4.88
CA ARG D 584 28.55 26.47 -4.26
C ARG D 584 28.55 25.00 -3.84
N MET D 585 29.06 24.12 -4.71
CA MET D 585 29.08 22.69 -4.37
C MET D 585 30.13 22.35 -3.33
N GLY D 586 31.28 23.03 -3.38
CA GLY D 586 32.26 22.94 -2.30
C GLY D 586 31.63 23.32 -0.98
N GLY D 587 30.78 24.34 -0.98
CA GLY D 587 30.18 24.81 0.26
C GLY D 587 29.19 23.78 0.77
N LEU D 588 28.40 23.24 -0.13
CA LEU D 588 27.46 22.20 0.25
C LEU D 588 28.22 21.02 0.86
N LEU D 589 29.32 20.59 0.22
CA LEU D 589 30.11 19.46 0.72
C LEU D 589 30.60 19.73 2.12
N GLN D 590 31.18 20.91 2.33
CA GLN D 590 31.66 21.30 3.63
C GLN D 590 30.56 21.32 4.68
N ARG D 591 29.38 21.79 4.29
CA ARG D 591 28.23 21.79 5.18
C ARG D 591 27.75 20.40 5.53
N ILE D 592 27.89 19.45 4.63
CA ILE D 592 27.51 18.09 4.96
C ILE D 592 28.48 17.55 5.97
N LYS D 593 29.77 17.90 5.82
CA LYS D 593 30.78 17.54 6.80
C LYS D 593 30.50 18.12 8.19
N ARG D 594 29.99 19.35 8.24
CA ARG D 594 29.58 19.93 9.51
C ARG D 594 28.48 19.13 10.17
N ALA D 595 27.55 18.62 9.38
CA ALA D 595 26.47 17.80 9.89
C ALA D 595 27.03 16.53 10.52
N GLU D 596 28.04 15.95 9.88
CA GLU D 596 28.72 14.76 10.38
C GLU D 596 29.46 15.04 11.68
N SER D 597 30.30 16.07 11.68
CA SER D 597 31.06 16.44 12.86
C SER D 597 30.16 16.86 14.02
N ARG D 598 29.13 17.65 13.74
CA ARG D 598 28.28 18.11 14.82
C ARG D 598 27.56 16.93 15.49
N ILE D 599 27.21 15.92 14.71
CA ILE D 599 26.62 14.72 15.30
C ILE D 599 27.68 13.94 16.10
N GLU D 600 28.88 13.79 15.55
CA GLU D 600 29.93 13.06 16.25
C GLU D 600 30.15 13.68 17.63
N VAL D 601 30.28 15.01 17.67
CA VAL D 601 30.47 15.73 18.92
C VAL D 601 29.39 15.39 19.93
N TYR D 602 28.15 15.42 19.49
CA TYR D 602 26.99 15.13 20.33
C TYR D 602 26.97 13.70 20.85
N LEU D 603 27.32 12.75 19.99
CA LEU D 603 27.32 11.35 20.33
C LEU D 603 28.39 11.09 21.37
N ALA D 604 29.51 11.82 21.22
CA ALA D 604 30.65 11.69 22.11
C ALA D 604 30.44 12.32 23.50
N GLY D 605 29.23 12.76 23.83
CA GLY D 605 28.96 13.37 25.14
C GLY D 605 29.57 14.75 25.35
N GLN D 606 29.97 15.41 24.27
CA GLN D 606 30.66 16.70 24.36
C GLN D 606 29.74 17.89 24.06
N LEU D 607 28.43 17.63 23.90
CA LEU D 607 27.41 18.65 23.78
C LEU D 607 26.12 18.12 24.35
N ASP D 608 25.46 18.94 25.17
CA ASP D 608 24.12 18.59 25.67
C ASP D 608 23.09 18.67 24.54
N ARG D 609 23.22 19.71 23.72
CA ARG D 609 22.26 19.98 22.65
C ARG D 609 23.00 20.21 21.32
N ILE D 610 22.31 19.94 20.22
CA ILE D 610 22.73 20.45 18.93
C ILE D 610 21.75 21.55 18.57
N ASP D 611 22.18 22.78 18.80
CA ASP D 611 21.30 23.95 18.74
C ASP D 611 20.56 24.10 17.41
N GLU D 612 21.21 23.71 16.31
CA GLU D 612 20.62 23.82 14.98
C GLU D 612 19.32 23.04 14.93
N LEU D 613 19.32 21.84 15.54
CA LEU D 613 18.15 20.96 15.49
C LEU D 613 17.04 21.44 16.41
N GLU D 614 17.36 22.26 17.40
CA GLU D 614 16.33 22.76 18.32
C GLU D 614 15.49 23.88 17.69
N VAL D 615 15.89 24.37 16.51
CA VAL D 615 15.10 25.42 15.83
C VAL D 615 13.96 24.79 15.02
N GLU D 616 12.76 25.36 15.14
CA GLU D 616 11.59 24.84 14.40
C GLU D 616 11.53 25.47 13.02
N ILE D 617 11.36 24.64 12.02
CA ILE D 617 11.42 25.04 10.62
C ILE D 617 10.11 25.67 10.18
N LEU D 618 10.20 26.87 9.59
CA LEU D 618 9.02 27.58 9.12
C LEU D 618 8.89 27.37 7.62
N PRO D 619 7.76 27.79 7.05
CA PRO D 619 7.70 27.91 5.60
C PRO D 619 8.82 28.83 5.07
N PHE D 620 9.57 28.37 4.09
CA PHE D 620 10.56 29.22 3.41
C PHE D 620 9.92 30.43 2.75
N THR D 621 8.77 30.21 2.12
CA THR D 621 8.00 31.25 1.44
C THR D 621 6.56 30.82 1.37
N ASP D 622 5.67 31.80 1.27
CA ASP D 622 4.25 31.55 1.15
C ASP D 622 3.74 31.69 -0.29
N PHE D 623 4.63 31.72 -1.27
CA PHE D 623 4.24 32.06 -2.63
C PHE D 623 3.16 31.12 -3.18
N TYR D 624 3.25 29.84 -2.83
CA TYR D 624 2.23 28.83 -3.17
C TYR D 624 1.55 28.23 -1.91
N ALA D 625 1.52 28.99 -0.82
CA ALA D 625 0.94 28.50 0.43
C ALA D 625 -0.54 28.13 0.29
N ASP D 626 -1.22 28.72 -0.70
CA ASP D 626 -2.66 28.50 -0.89
C ASP D 626 -2.94 27.35 -1.86
N LYS D 627 -2.03 26.39 -1.95
CA LYS D 627 -2.18 25.26 -2.85
C LYS D 627 -2.09 23.94 -2.10
N ASP D 628 -2.59 22.91 -2.76
CA ASP D 628 -2.70 21.62 -2.14
C ASP D 628 -1.31 21.00 -1.94
N PHE D 629 -0.40 21.27 -2.87
CA PHE D 629 0.95 20.67 -2.79
C PHE D 629 1.87 21.37 -1.79
N ALA D 630 3.05 20.79 -1.54
CA ALA D 630 4.02 21.38 -0.63
C ALA D 630 5.20 22.11 -1.30
N ALA D 631 5.60 21.70 -2.50
CA ALA D 631 6.78 22.31 -3.14
C ALA D 631 6.57 23.80 -3.40
N THR D 632 7.65 24.49 -3.76
CA THR D 632 7.53 25.94 -4.01
C THR D 632 8.60 26.36 -5.01
N THR D 633 8.79 27.67 -5.15
CA THR D 633 9.84 28.23 -6.00
C THR D 633 10.89 28.83 -5.08
N ALA D 634 12.14 28.49 -5.33
CA ALA D 634 13.22 29.08 -4.58
C ALA D 634 14.45 29.00 -5.47
N ASN D 635 14.79 30.12 -6.09
CA ASN D 635 15.72 30.11 -7.17
C ASN D 635 16.87 31.11 -7.02
N GLN D 636 17.31 31.34 -5.78
CA GLN D 636 18.56 32.10 -5.50
C GLN D 636 19.42 31.26 -4.58
N TRP D 637 20.58 30.84 -5.09
CA TRP D 637 21.49 29.98 -4.35
C TRP D 637 21.74 30.46 -2.93
N HIS D 638 22.10 31.73 -2.79
CA HIS D 638 22.51 32.28 -1.48
C HIS D 638 21.41 32.16 -0.44
N THR D 639 20.17 32.06 -0.86
CA THR D 639 19.07 32.06 0.07
C THR D 639 18.53 30.62 0.34
N ILE D 640 18.79 29.71 -0.59
CA ILE D 640 18.62 28.29 -0.36
C ILE D 640 19.63 27.73 0.65
N ALA D 641 20.87 28.17 0.53
CA ALA D 641 21.97 27.54 1.26
C ALA D 641 22.08 27.92 2.71
N THR D 642 21.60 29.10 3.08
CA THR D 642 21.77 29.64 4.41
C THR D 642 20.80 30.79 4.73
N ALA D 643 20.33 30.81 5.98
CA ALA D 643 19.65 31.96 6.62
C ALA D 643 20.61 33.07 7.07
N SER D 644 21.89 32.75 7.20
CA SER D 644 22.89 33.73 7.60
C SER D 644 23.15 34.75 6.47
N THR D 645 23.85 35.86 6.77
CA THR D 645 24.24 36.77 5.71
C THR D 645 25.39 36.13 4.96
N ILE D 646 25.55 36.47 3.68
CA ILE D 646 26.68 35.90 2.94
C ILE D 646 27.28 36.89 1.92
N TYR D 647 26.45 37.75 1.36
CA TYR D 647 26.94 38.77 0.43
C TYR D 647 26.83 40.19 0.98
N THR D 648 25.95 40.41 1.95
CA THR D 648 25.81 41.72 2.58
C THR D 648 26.96 42.02 3.57
N THR D 649 27.31 43.29 3.65
CA THR D 649 28.30 43.76 4.60
C THR D 649 27.77 43.83 6.04
C1 EDO E . -33.35 4.48 -27.83
O1 EDO E . -34.43 3.83 -28.52
C2 EDO E . -32.08 4.43 -28.65
O2 EDO E . -31.26 3.43 -27.99
#